data_5K1S
#
_entry.id   5K1S
#
_cell.length_a   77.294
_cell.length_b   77.427
_cell.length_c   309.638
_cell.angle_alpha   90.000
_cell.angle_beta   90.000
_cell.angle_gamma   90.000
#
_symmetry.space_group_name_H-M   'P 21 21 21'
#
loop_
_entity.id
_entity.type
_entity.pdbx_description
1 polymer 'Oxidoreductase, zinc-binding dehydrogenase family'
2 non-polymer 'ZINC ION'
3 water water
#
_entity_poly.entity_id   1
_entity_poly.type   'polypeptide(L)'
_entity_poly.pdbx_seq_one_letter_code
;MGHHHHHHAENLYFQGHMKAVVLRSFGEAGNLKMETMPMPRPGRGEVLLRVHACGVCYHDVINRRGNLPRTSVPAILGHE
AAGEVIEVGPDTPGWKTGDRAATLQRMSCGDCALCRSGRNSLCKTDNRFFGEELPGGYAQFMVAPVGGLGRVPASLPWNE
AATVCCTTGTAVHTVRTRGKVRAGETVLITGASGGVGLSSVQLARLDGARVIAVTSSEAKVQALKEAGADEVIVSRGLDF
ASDVRKRTQGAGVDVAVEIVGSATFDQTLKSMAPGGRVVVVGNLESGMVQLNPGLVIVKELEILGAYATTQAELDEALRL
TATGGVRQFVTDAVPLAEAAKAHFRLENREVAGRLVLVPPEA
;
_entity_poly.pdbx_strand_id   A,C,B,D
#
loop_
_chem_comp.id
_chem_comp.type
_chem_comp.name
_chem_comp.formula
ZN non-polymer 'ZINC ION' 'Zn 2'
#
# COMPACT_ATOMS: atom_id res chain seq x y z
N HIS A 4 26.90 -24.26 -43.95
CA HIS A 4 25.93 -23.89 -42.88
C HIS A 4 26.13 -24.76 -41.64
N HIS A 5 25.36 -25.85 -41.50
CA HIS A 5 25.43 -26.74 -40.34
C HIS A 5 25.33 -28.18 -40.84
N HIS A 6 26.45 -28.69 -41.37
CA HIS A 6 26.54 -30.09 -41.75
C HIS A 6 27.07 -30.92 -40.59
N HIS A 7 26.69 -32.19 -40.57
CA HIS A 7 27.09 -33.07 -39.48
C HIS A 7 27.17 -34.50 -39.99
N HIS A 8 27.56 -35.40 -39.09
CA HIS A 8 27.69 -36.83 -39.39
C HIS A 8 27.01 -37.70 -38.34
N ALA A 9 26.22 -37.12 -37.45
CA ALA A 9 25.60 -37.86 -36.37
C ALA A 9 24.60 -38.87 -36.93
N GLU A 10 24.88 -40.16 -36.73
CA GLU A 10 23.96 -41.19 -37.21
C GLU A 10 22.64 -41.15 -36.47
N ASN A 11 22.67 -40.84 -35.16
CA ASN A 11 21.45 -40.86 -34.37
C ASN A 11 20.47 -39.79 -34.82
N LEU A 12 20.95 -38.58 -35.08
CA LEU A 12 20.07 -37.53 -35.57
C LEU A 12 19.51 -37.87 -36.95
N TYR A 13 20.32 -38.50 -37.80
CA TYR A 13 19.84 -38.89 -39.12
C TYR A 13 18.74 -39.94 -39.02
N PHE A 14 18.84 -40.85 -38.06
CA PHE A 14 17.81 -41.88 -37.89
C PHE A 14 16.52 -41.28 -37.36
N GLN A 15 16.59 -40.21 -36.59
CA GLN A 15 15.38 -39.55 -36.10
C GLN A 15 14.55 -39.05 -37.27
N GLY A 16 13.53 -39.81 -37.64
CA GLY A 16 12.67 -39.43 -38.76
C GLY A 16 11.20 -39.47 -38.39
N HIS A 17 10.57 -40.61 -38.60
CA HIS A 17 9.14 -40.76 -38.35
C HIS A 17 8.92 -41.64 -37.12
N MET A 18 7.70 -41.54 -36.59
CA MET A 18 7.37 -42.14 -35.30
C MET A 18 5.95 -42.67 -35.34
N LYS A 19 5.68 -43.62 -34.45
CA LYS A 19 4.32 -44.11 -34.23
C LYS A 19 3.67 -43.28 -33.13
N ALA A 20 2.41 -42.92 -33.35
CA ALA A 20 1.69 -42.07 -32.41
C ALA A 20 0.19 -42.24 -32.63
N VAL A 21 -0.55 -42.32 -31.53
CA VAL A 21 -2.01 -42.31 -31.61
C VAL A 21 -2.46 -40.89 -31.94
N VAL A 22 -3.18 -40.74 -33.04
CA VAL A 22 -3.62 -39.43 -33.52
C VAL A 22 -5.13 -39.35 -33.44
N LEU A 23 -5.63 -38.17 -33.09
CA LEU A 23 -7.06 -37.89 -33.04
C LEU A 23 -7.35 -36.83 -34.10
N ARG A 24 -8.03 -37.23 -35.16
CA ARG A 24 -8.34 -36.33 -36.27
C ARG A 24 -9.76 -35.77 -36.21
N SER A 25 -10.60 -36.27 -35.32
CA SER A 25 -11.92 -35.68 -35.09
C SER A 25 -12.37 -36.02 -33.67
N PHE A 26 -12.76 -34.99 -32.93
CA PHE A 26 -13.27 -35.21 -31.58
C PHE A 26 -14.51 -36.10 -31.62
N GLY A 27 -14.65 -36.96 -30.62
CA GLY A 27 -15.79 -37.85 -30.58
C GLY A 27 -15.57 -39.09 -29.72
N GLU A 28 -16.01 -40.24 -30.23
CA GLU A 28 -15.95 -41.48 -29.47
C GLU A 28 -14.52 -41.97 -29.34
N ALA A 29 -14.33 -42.91 -28.40
CA ALA A 29 -13.00 -43.44 -28.12
C ALA A 29 -12.35 -44.03 -29.37
N GLY A 30 -13.15 -44.57 -30.28
CA GLY A 30 -12.62 -45.20 -31.48
C GLY A 30 -11.91 -44.26 -32.42
N ASN A 31 -12.06 -42.95 -32.25
CA ASN A 31 -11.40 -41.99 -33.11
C ASN A 31 -9.88 -41.97 -32.91
N LEU A 32 -9.39 -42.57 -31.82
CA LEU A 32 -7.95 -42.67 -31.59
C LEU A 32 -7.39 -43.79 -32.46
N LYS A 33 -6.38 -43.48 -33.27
CA LYS A 33 -5.83 -44.44 -34.21
C LYS A 33 -4.33 -44.24 -34.32
N MET A 34 -3.58 -45.34 -34.21
CA MET A 34 -2.13 -45.28 -34.40
C MET A 34 -1.80 -44.89 -35.84
N GLU A 35 -0.88 -43.93 -35.98
CA GLU A 35 -0.43 -43.48 -37.30
C GLU A 35 1.08 -43.30 -37.26
N THR A 36 1.64 -43.04 -38.44
CA THR A 36 3.05 -42.71 -38.58
C THR A 36 3.16 -41.20 -38.77
N MET A 37 3.78 -40.55 -37.79
CA MET A 37 3.94 -39.10 -37.80
C MET A 37 5.42 -38.74 -37.87
N PRO A 38 5.73 -37.52 -38.32
CA PRO A 38 7.12 -37.06 -38.21
C PRO A 38 7.49 -36.76 -36.77
N MET A 39 8.74 -37.06 -36.41
CA MET A 39 9.20 -36.77 -35.06
C MET A 39 9.27 -35.26 -34.84
N PRO A 40 8.99 -34.80 -33.63
CA PRO A 40 9.19 -33.38 -33.31
C PRO A 40 10.66 -33.08 -33.07
N ARG A 41 11.00 -31.81 -33.24
CA ARG A 41 12.37 -31.33 -33.08
C ARG A 41 12.47 -30.41 -31.88
N PRO A 42 13.37 -30.67 -30.93
CA PRO A 42 13.50 -29.77 -29.77
C PRO A 42 14.23 -28.50 -30.13
N GLY A 43 13.69 -27.37 -29.68
CA GLY A 43 14.29 -26.07 -29.86
C GLY A 43 14.96 -25.57 -28.60
N ARG A 44 15.22 -24.26 -28.58
CA ARG A 44 15.86 -23.66 -27.42
C ARG A 44 15.03 -23.88 -26.17
N GLY A 45 15.69 -24.31 -25.10
CA GLY A 45 15.02 -24.57 -23.84
C GLY A 45 14.13 -25.80 -23.83
N GLU A 46 14.14 -26.59 -24.90
CA GLU A 46 13.29 -27.76 -25.01
C GLU A 46 14.12 -29.03 -25.01
N VAL A 47 13.43 -30.15 -24.90
CA VAL A 47 14.05 -31.47 -24.77
C VAL A 47 13.21 -32.47 -25.55
N LEU A 48 13.88 -33.39 -26.25
CA LEU A 48 13.21 -34.47 -26.96
C LEU A 48 13.19 -35.71 -26.08
N LEU A 49 12.01 -36.24 -25.82
CA LEU A 49 11.83 -37.38 -24.94
C LEU A 49 11.49 -38.63 -25.74
N ARG A 50 11.98 -39.76 -25.26
CA ARG A 50 11.63 -41.08 -25.79
C ARG A 50 10.64 -41.68 -24.81
N VAL A 51 9.35 -41.59 -25.15
CA VAL A 51 8.30 -41.95 -24.21
C VAL A 51 8.28 -43.45 -24.02
N HIS A 52 8.47 -43.89 -22.77
CA HIS A 52 8.35 -45.29 -22.41
C HIS A 52 6.97 -45.64 -21.88
N ALA A 53 6.21 -44.66 -21.39
CA ALA A 53 4.89 -44.90 -20.86
C ALA A 53 4.17 -43.56 -20.73
N CYS A 54 2.84 -43.61 -20.87
CA CYS A 54 2.00 -42.43 -20.67
C CYS A 54 0.73 -42.85 -19.96
N GLY A 55 0.50 -42.26 -18.79
CA GLY A 55 -0.70 -42.59 -18.04
C GLY A 55 -1.95 -42.08 -18.72
N VAL A 56 -3.02 -42.86 -18.58
CA VAL A 56 -4.33 -42.49 -19.11
C VAL A 56 -5.11 -41.82 -17.99
N CYS A 57 -5.38 -40.52 -18.15
CA CYS A 57 -6.13 -39.74 -17.18
C CYS A 57 -7.49 -39.38 -17.79
N TYR A 58 -8.54 -39.43 -16.95
CA TYR A 58 -9.87 -39.11 -17.45
C TYR A 58 -9.91 -37.74 -18.11
N HIS A 59 -9.04 -36.83 -17.68
CA HIS A 59 -8.84 -35.59 -18.39
C HIS A 59 -8.67 -35.83 -19.89
N ASP A 60 -7.97 -36.91 -20.25
CA ASP A 60 -7.77 -37.24 -21.66
C ASP A 60 -9.10 -37.56 -22.35
N VAL A 61 -10.02 -38.20 -21.63
CA VAL A 61 -11.34 -38.48 -22.18
C VAL A 61 -12.04 -37.17 -22.55
N ILE A 62 -12.11 -36.24 -21.60
CA ILE A 62 -12.73 -34.94 -21.86
C ILE A 62 -12.07 -34.29 -23.05
N ASN A 63 -10.73 -34.31 -23.09
CA ASN A 63 -10.00 -33.74 -24.21
C ASN A 63 -10.43 -34.39 -25.53
N ARG A 64 -10.54 -35.72 -25.54
CA ARG A 64 -10.87 -36.42 -26.78
C ARG A 64 -12.24 -36.00 -27.31
N ARG A 65 -13.17 -35.66 -26.43
CA ARG A 65 -14.53 -35.28 -26.84
C ARG A 65 -14.62 -33.88 -27.40
N GLY A 66 -13.51 -33.13 -27.41
CA GLY A 66 -13.54 -31.74 -27.85
C GLY A 66 -13.96 -30.76 -26.78
N ASN A 67 -14.06 -31.19 -25.53
CA ASN A 67 -14.52 -30.34 -24.45
C ASN A 67 -13.38 -29.56 -23.79
N LEU A 68 -12.18 -29.61 -24.35
CA LEU A 68 -11.11 -28.70 -23.97
C LEU A 68 -10.93 -27.68 -25.09
N PRO A 69 -11.27 -26.41 -24.89
CA PRO A 69 -11.37 -25.50 -26.04
C PRO A 69 -10.08 -25.32 -26.82
N ARG A 70 -8.93 -25.35 -26.16
CA ARG A 70 -7.67 -25.02 -26.82
C ARG A 70 -7.04 -26.21 -27.53
N THR A 71 -7.63 -27.40 -27.45
CA THR A 71 -7.13 -28.53 -28.23
C THR A 71 -7.63 -28.42 -29.67
N SER A 72 -6.81 -28.89 -30.60
CA SER A 72 -7.11 -28.74 -32.02
C SER A 72 -6.65 -29.98 -32.78
N VAL A 73 -7.56 -30.56 -33.56
CA VAL A 73 -7.25 -31.75 -34.35
C VAL A 73 -6.47 -31.35 -35.61
N PRO A 74 -5.53 -32.20 -36.06
CA PRO A 74 -5.11 -33.46 -35.45
C PRO A 74 -4.34 -33.24 -34.15
N ALA A 75 -4.49 -34.14 -33.19
CA ALA A 75 -3.95 -33.94 -31.86
C ALA A 75 -3.38 -35.23 -31.30
N ILE A 76 -2.24 -35.12 -30.62
CA ILE A 76 -1.66 -36.20 -29.84
C ILE A 76 -1.96 -35.89 -28.38
N LEU A 77 -2.78 -36.73 -27.76
CA LEU A 77 -3.24 -36.48 -26.40
C LEU A 77 -2.26 -37.06 -25.38
N GLY A 78 -2.48 -36.72 -24.12
CA GLY A 78 -1.73 -37.30 -23.03
C GLY A 78 -0.82 -36.30 -22.33
N HIS A 79 -0.95 -36.19 -21.01
CA HIS A 79 -0.14 -35.28 -20.21
C HIS A 79 0.65 -35.99 -19.12
N GLU A 80 0.59 -37.31 -19.05
CA GLU A 80 1.16 -38.07 -17.94
C GLU A 80 2.25 -39.00 -18.46
N ALA A 81 3.26 -38.44 -19.11
CA ALA A 81 4.26 -39.20 -19.84
C ALA A 81 5.57 -39.28 -19.06
N ALA A 82 6.22 -40.43 -19.14
CA ALA A 82 7.53 -40.65 -18.56
C ALA A 82 8.43 -41.24 -19.63
N GLY A 83 9.61 -40.66 -19.80
CA GLY A 83 10.49 -41.07 -20.87
C GLY A 83 11.93 -40.75 -20.62
N GLU A 84 12.72 -40.78 -21.69
CA GLU A 84 14.17 -40.67 -21.63
C GLU A 84 14.63 -39.56 -22.55
N VAL A 85 15.48 -38.68 -22.05
CA VAL A 85 16.02 -37.58 -22.84
C VAL A 85 17.00 -38.17 -23.86
N ILE A 86 16.64 -38.10 -25.15
CA ILE A 86 17.53 -38.55 -26.21
C ILE A 86 18.18 -37.39 -26.95
N GLU A 87 17.69 -36.18 -26.77
CA GLU A 87 18.27 -35.01 -27.43
C GLU A 87 17.87 -33.77 -26.65
N VAL A 88 18.77 -32.81 -26.58
CA VAL A 88 18.53 -31.54 -25.91
C VAL A 88 18.81 -30.41 -26.89
N GLY A 89 18.02 -29.34 -26.80
CA GLY A 89 18.31 -28.13 -27.52
C GLY A 89 19.20 -27.23 -26.70
N PRO A 90 19.63 -26.12 -27.28
CA PRO A 90 20.44 -25.17 -26.49
C PRO A 90 19.65 -24.64 -25.30
N ASP A 91 20.39 -24.15 -24.31
CA ASP A 91 19.79 -23.64 -23.08
C ASP A 91 19.03 -24.73 -22.34
N THR A 92 19.72 -25.84 -22.08
CA THR A 92 19.18 -26.94 -21.27
C THR A 92 20.26 -27.36 -20.27
N PRO A 93 20.72 -26.43 -19.44
CA PRO A 93 21.90 -26.72 -18.60
C PRO A 93 21.69 -27.89 -17.65
N GLY A 94 20.50 -28.04 -17.08
CA GLY A 94 20.24 -29.10 -16.14
C GLY A 94 19.84 -30.42 -16.76
N TRP A 95 19.76 -30.51 -18.08
CA TRP A 95 19.26 -31.69 -18.76
C TRP A 95 20.25 -32.14 -19.82
N LYS A 96 20.61 -33.42 -19.78
CA LYS A 96 21.48 -34.03 -20.76
C LYS A 96 20.84 -35.32 -21.27
N THR A 97 21.32 -35.79 -22.41
CA THR A 97 20.83 -37.05 -22.95
C THR A 97 21.00 -38.16 -21.93
N GLY A 98 20.02 -39.06 -21.86
CA GLY A 98 20.04 -40.14 -20.91
C GLY A 98 19.28 -39.87 -19.63
N ASP A 99 18.93 -38.63 -19.34
CA ASP A 99 18.19 -38.31 -18.13
C ASP A 99 16.77 -38.87 -18.20
N ARG A 100 16.21 -39.15 -17.02
CA ARG A 100 14.89 -39.74 -16.89
C ARG A 100 13.91 -38.67 -16.43
N ALA A 101 12.87 -38.43 -17.22
CA ALA A 101 11.96 -37.31 -16.98
C ALA A 101 10.51 -37.77 -17.00
N ALA A 102 9.65 -36.94 -16.41
CA ALA A 102 8.21 -37.15 -16.43
C ALA A 102 7.53 -35.80 -16.57
N THR A 103 6.56 -35.71 -17.47
CA THR A 103 5.93 -34.44 -17.79
C THR A 103 4.91 -34.04 -16.72
N LEU A 104 4.80 -32.72 -16.51
CA LEU A 104 3.73 -32.17 -15.70
C LEU A 104 2.43 -32.18 -16.52
N GLN A 105 1.36 -31.63 -15.93
CA GLN A 105 0.11 -31.47 -16.67
C GLN A 105 0.16 -30.23 -17.56
N ARG A 106 0.57 -29.09 -17.01
CA ARG A 106 0.58 -27.83 -17.72
C ARG A 106 1.91 -27.12 -17.49
N MET A 107 2.16 -26.11 -18.32
CA MET A 107 3.38 -25.34 -18.24
C MET A 107 3.20 -24.15 -17.29
N SER A 108 4.27 -23.37 -17.13
CA SER A 108 4.28 -22.21 -16.25
C SER A 108 5.44 -21.32 -16.68
N CYS A 109 5.17 -20.03 -16.87
CA CYS A 109 6.19 -19.14 -17.44
C CYS A 109 7.40 -19.03 -16.52
N GLY A 110 7.16 -18.84 -15.23
CA GLY A 110 8.23 -18.74 -14.26
C GLY A 110 8.68 -17.33 -13.93
N ASP A 111 8.09 -16.31 -14.55
CA ASP A 111 8.52 -14.93 -14.39
C ASP A 111 7.48 -14.02 -13.77
N CYS A 112 6.20 -14.31 -13.93
CA CYS A 112 5.16 -13.46 -13.36
C CYS A 112 5.16 -13.57 -11.84
N ALA A 113 4.49 -12.61 -11.19
CA ALA A 113 4.43 -12.58 -9.74
C ALA A 113 4.00 -13.94 -9.18
N LEU A 114 2.94 -14.51 -9.74
CA LEU A 114 2.42 -15.78 -9.23
C LEU A 114 3.49 -16.86 -9.27
N CYS A 115 4.17 -17.00 -10.40
CA CYS A 115 5.25 -17.99 -10.51
C CYS A 115 6.34 -17.70 -9.49
N ARG A 116 6.78 -16.45 -9.38
CA ARG A 116 7.82 -16.10 -8.42
C ARG A 116 7.38 -16.38 -6.99
N SER A 117 6.08 -16.53 -6.74
CA SER A 117 5.57 -16.80 -5.41
C SER A 117 5.35 -18.29 -5.15
N GLY A 118 5.71 -19.15 -6.10
CA GLY A 118 5.44 -20.56 -5.97
C GLY A 118 4.04 -20.98 -6.35
N ARG A 119 3.24 -20.07 -6.88
CA ARG A 119 1.86 -20.36 -7.30
C ARG A 119 1.80 -20.67 -8.79
N ASN A 120 2.69 -21.55 -9.25
CA ASN A 120 2.75 -21.85 -10.69
C ASN A 120 1.43 -22.38 -11.21
N SER A 121 0.65 -23.08 -10.38
CA SER A 121 -0.66 -23.56 -10.81
C SER A 121 -1.55 -22.44 -11.30
N LEU A 122 -1.31 -21.20 -10.85
CA LEU A 122 -2.16 -20.07 -11.18
C LEU A 122 -1.59 -19.18 -12.28
N CYS A 123 -0.46 -19.55 -12.87
CA CYS A 123 0.14 -18.74 -13.92
C CYS A 123 -0.82 -18.57 -15.09
N LYS A 124 -0.98 -17.32 -15.55
CA LYS A 124 -1.83 -17.03 -16.69
C LYS A 124 -1.05 -16.79 -17.98
N THR A 125 0.25 -16.50 -17.89
CA THR A 125 1.02 -16.16 -19.09
C THR A 125 1.41 -17.39 -19.89
N ASP A 126 1.55 -18.54 -19.25
CA ASP A 126 1.83 -19.81 -19.95
C ASP A 126 0.98 -20.89 -19.31
N ASN A 127 -0.15 -21.21 -19.94
CA ASN A 127 -1.06 -22.24 -19.45
C ASN A 127 -1.16 -23.42 -20.41
N ARG A 128 -0.12 -23.65 -21.21
CA ARG A 128 -0.14 -24.75 -22.17
C ARG A 128 -0.13 -26.09 -21.44
N PHE A 129 -1.00 -26.99 -21.87
CA PHE A 129 -1.10 -28.34 -21.34
C PHE A 129 -0.44 -29.32 -22.29
N PHE A 130 0.13 -30.39 -21.73
CA PHE A 130 0.57 -31.50 -22.55
C PHE A 130 -0.62 -32.28 -23.05
N GLY A 131 -0.61 -32.62 -24.34
CA GLY A 131 -1.75 -33.27 -24.96
C GLY A 131 -2.82 -32.31 -25.43
N GLU A 132 -2.58 -31.00 -25.35
CA GLU A 132 -3.52 -30.00 -25.83
C GLU A 132 -2.83 -29.02 -26.76
N GLU A 133 -2.39 -27.87 -26.24
CA GLU A 133 -1.72 -26.90 -27.09
CA GLU A 133 -1.72 -26.89 -27.10
C GLU A 133 -0.41 -27.44 -27.64
N LEU A 134 0.27 -28.30 -26.88
CA LEU A 134 1.46 -28.95 -27.39
C LEU A 134 1.31 -30.46 -27.31
N PRO A 135 1.96 -31.21 -28.22
CA PRO A 135 1.66 -32.64 -28.34
C PRO A 135 1.91 -33.39 -27.04
N GLY A 136 1.16 -34.48 -26.86
CA GLY A 136 1.15 -35.24 -25.64
C GLY A 136 2.01 -36.49 -25.71
N GLY A 137 1.78 -37.40 -24.76
CA GLY A 137 2.57 -38.60 -24.59
C GLY A 137 1.99 -39.84 -25.22
N TYR A 138 0.89 -39.74 -25.95
CA TYR A 138 0.36 -40.89 -26.69
C TYR A 138 1.21 -41.15 -27.93
N ALA A 139 2.52 -41.30 -27.75
CA ALA A 139 3.42 -41.41 -28.88
C ALA A 139 4.76 -41.92 -28.39
N GLN A 140 5.61 -42.30 -29.35
CA GLN A 140 6.94 -42.78 -29.03
C GLN A 140 7.88 -41.67 -28.58
N PHE A 141 7.59 -40.42 -28.97
CA PHE A 141 8.45 -39.29 -28.67
C PHE A 141 7.59 -38.07 -28.41
N MET A 142 8.20 -37.06 -27.79
CA MET A 142 7.53 -35.79 -27.55
C MET A 142 8.58 -34.77 -27.11
N VAL A 143 8.36 -33.53 -27.51
CA VAL A 143 9.19 -32.41 -27.07
C VAL A 143 8.58 -31.85 -25.80
N ALA A 144 9.45 -31.37 -24.91
CA ALA A 144 9.02 -30.84 -23.62
C ALA A 144 9.92 -29.71 -23.18
N PRO A 145 9.38 -28.51 -22.91
CA PRO A 145 10.20 -27.48 -22.27
C PRO A 145 10.72 -27.99 -20.94
N VAL A 146 11.98 -27.68 -20.65
CA VAL A 146 12.58 -28.18 -19.41
C VAL A 146 11.76 -27.75 -18.21
N GLY A 147 11.05 -26.63 -18.31
CA GLY A 147 10.24 -26.14 -17.22
C GLY A 147 9.07 -27.02 -16.84
N GLY A 148 8.71 -27.98 -17.70
CA GLY A 148 7.58 -28.85 -17.42
C GLY A 148 7.96 -30.30 -17.20
N LEU A 149 9.19 -30.55 -16.77
CA LEU A 149 9.70 -31.91 -16.59
C LEU A 149 10.04 -32.15 -15.13
N GLY A 150 9.75 -33.38 -14.66
CA GLY A 150 10.18 -33.83 -13.36
C GLY A 150 11.17 -34.97 -13.51
N ARG A 151 12.00 -35.21 -12.51
CA ARG A 151 13.09 -36.17 -12.60
C ARG A 151 12.67 -37.51 -12.00
N VAL A 152 12.83 -38.57 -12.79
CA VAL A 152 12.42 -39.91 -12.38
C VAL A 152 13.65 -40.62 -11.79
N PRO A 153 13.62 -41.02 -10.52
CA PRO A 153 14.75 -41.78 -9.97
C PRO A 153 15.00 -43.04 -10.79
N ALA A 154 16.27 -43.42 -10.89
CA ALA A 154 16.63 -44.61 -11.64
C ALA A 154 15.97 -45.87 -11.07
N SER A 155 15.58 -45.84 -9.81
CA SER A 155 14.97 -47.00 -9.15
C SER A 155 13.49 -47.14 -9.45
N LEU A 156 12.90 -46.22 -10.23
CA LEU A 156 11.46 -46.20 -10.44
C LEU A 156 11.14 -46.66 -11.85
N PRO A 157 10.39 -47.75 -12.05
CA PRO A 157 10.04 -48.17 -13.41
C PRO A 157 9.15 -47.14 -14.09
N TRP A 158 9.12 -47.23 -15.43
CA TRP A 158 8.41 -46.24 -16.23
C TRP A 158 6.91 -46.26 -15.94
N ASN A 159 6.32 -47.45 -15.89
CA ASN A 159 4.86 -47.54 -15.72
C ASN A 159 4.41 -46.85 -14.44
N GLU A 160 5.07 -47.15 -13.32
CA GLU A 160 4.74 -46.49 -12.07
C GLU A 160 4.97 -44.99 -12.16
N ALA A 161 6.02 -44.57 -12.87
CA ALA A 161 6.35 -43.16 -12.96
C ALA A 161 5.36 -42.40 -13.83
N ALA A 162 4.79 -43.06 -14.85
CA ALA A 162 3.88 -42.39 -15.77
C ALA A 162 2.51 -42.13 -15.17
N THR A 163 2.29 -42.44 -13.89
CA THR A 163 1.00 -42.18 -13.24
C THR A 163 1.18 -41.43 -11.93
N VAL A 164 2.33 -40.79 -11.73
CA VAL A 164 2.63 -40.15 -10.44
C VAL A 164 2.05 -38.73 -10.41
N CYS A 165 2.14 -38.01 -11.52
CA CYS A 165 1.79 -36.59 -11.52
C CYS A 165 0.35 -36.38 -11.09
N CYS A 166 -0.58 -37.11 -11.71
CA CYS A 166 -2.01 -36.89 -11.47
C CYS A 166 -2.53 -37.63 -10.25
N THR A 167 -1.65 -38.22 -9.44
CA THR A 167 -2.07 -38.87 -8.21
C THR A 167 -1.19 -38.41 -7.05
N THR A 168 0.02 -38.96 -6.95
CA THR A 168 0.94 -38.54 -5.90
C THR A 168 1.38 -37.10 -6.09
N GLY A 169 1.54 -36.66 -7.34
CA GLY A 169 1.87 -35.26 -7.57
C GLY A 169 0.80 -34.33 -7.03
N THR A 170 -0.47 -34.62 -7.32
CA THR A 170 -1.57 -33.84 -6.78
C THR A 170 -1.62 -33.95 -5.26
N ALA A 171 -1.34 -35.15 -4.73
CA ALA A 171 -1.37 -35.33 -3.29
C ALA A 171 -0.37 -34.43 -2.58
N VAL A 172 0.85 -34.33 -3.11
CA VAL A 172 1.85 -33.44 -2.52
C VAL A 172 1.32 -32.02 -2.48
N HIS A 173 0.81 -31.53 -3.62
CA HIS A 173 0.28 -30.17 -3.67
C HIS A 173 -0.86 -29.99 -2.67
N THR A 174 -1.74 -31.00 -2.57
CA THR A 174 -2.90 -30.89 -1.68
C THR A 174 -2.51 -31.07 -0.23
N VAL A 175 -1.82 -32.18 0.08
CA VAL A 175 -1.55 -32.52 1.48
C VAL A 175 -0.53 -31.57 2.08
N ARG A 176 0.53 -31.25 1.34
CA ARG A 176 1.68 -30.53 1.89
C ARG A 176 1.65 -29.04 1.53
N THR A 177 1.79 -28.72 0.24
CA THR A 177 1.94 -27.32 -0.17
C THR A 177 0.76 -26.48 0.29
N ARG A 178 -0.45 -26.95 0.03
CA ARG A 178 -1.66 -26.21 0.39
C ARG A 178 -2.20 -26.62 1.76
N GLY A 179 -2.37 -27.92 1.99
CA GLY A 179 -2.93 -28.37 3.25
C GLY A 179 -2.01 -28.14 4.43
N LYS A 180 -0.70 -28.30 4.23
CA LYS A 180 0.29 -28.14 5.29
C LYS A 180 -0.03 -29.05 6.47
N VAL A 181 -0.35 -30.31 6.16
CA VAL A 181 -0.68 -31.27 7.20
C VAL A 181 0.52 -31.49 8.10
N ARG A 182 0.30 -31.40 9.41
CA ARG A 182 1.35 -31.57 10.40
C ARG A 182 1.12 -32.88 11.17
N ALA A 183 2.22 -33.47 11.62
CA ALA A 183 2.15 -34.70 12.38
C ALA A 183 1.31 -34.51 13.64
N GLY A 184 0.37 -35.43 13.86
CA GLY A 184 -0.52 -35.37 15.00
C GLY A 184 -1.94 -34.98 14.65
N GLU A 185 -2.15 -34.30 13.52
CA GLU A 185 -3.48 -33.90 13.11
C GLU A 185 -4.26 -35.09 12.57
N THR A 186 -5.58 -34.96 12.60
CA THR A 186 -6.48 -35.95 12.04
C THR A 186 -6.97 -35.47 10.68
N VAL A 187 -6.82 -36.31 9.66
CA VAL A 187 -7.09 -35.95 8.28
C VAL A 187 -8.30 -36.74 7.79
N LEU A 188 -9.26 -36.03 7.21
CA LEU A 188 -10.41 -36.66 6.56
C LEU A 188 -10.19 -36.63 5.05
N ILE A 189 -10.37 -37.78 4.41
CA ILE A 189 -10.18 -37.91 2.97
C ILE A 189 -11.44 -38.54 2.39
N THR A 190 -12.06 -37.86 1.42
CA THR A 190 -13.16 -38.40 0.65
C THR A 190 -12.63 -38.98 -0.65
N GLY A 191 -13.41 -39.89 -1.23
CA GLY A 191 -12.96 -40.58 -2.43
C GLY A 191 -11.60 -41.20 -2.26
N ALA A 192 -11.30 -41.71 -1.07
CA ALA A 192 -9.97 -42.23 -0.79
C ALA A 192 -9.60 -43.38 -1.71
N SER A 193 -10.60 -44.12 -2.21
CA SER A 193 -10.33 -45.27 -3.07
C SER A 193 -9.80 -44.87 -4.44
N GLY A 194 -9.83 -43.59 -4.79
CA GLY A 194 -9.34 -43.14 -6.07
C GLY A 194 -7.83 -43.01 -6.12
N GLY A 195 -7.34 -42.63 -7.30
CA GLY A 195 -5.90 -42.49 -7.49
C GLY A 195 -5.31 -41.39 -6.61
N VAL A 196 -5.97 -40.23 -6.57
CA VAL A 196 -5.52 -39.15 -5.70
C VAL A 196 -5.67 -39.54 -4.24
N GLY A 197 -6.79 -40.18 -3.90
CA GLY A 197 -7.04 -40.53 -2.52
C GLY A 197 -5.99 -41.47 -1.96
N LEU A 198 -5.70 -42.55 -2.68
CA LEU A 198 -4.73 -43.53 -2.21
C LEU A 198 -3.39 -42.86 -1.93
N SER A 199 -2.94 -41.97 -2.82
CA SER A 199 -1.68 -41.28 -2.59
C SER A 199 -1.77 -40.35 -1.38
N SER A 200 -2.91 -39.68 -1.23
CA SER A 200 -3.09 -38.78 -0.09
C SER A 200 -3.08 -39.55 1.23
N VAL A 201 -3.78 -40.69 1.27
CA VAL A 201 -3.77 -41.52 2.47
C VAL A 201 -2.35 -41.84 2.89
N GLN A 202 -1.57 -42.41 1.98
CA GLN A 202 -0.18 -42.76 2.29
C GLN A 202 0.59 -41.52 2.72
N LEU A 203 0.48 -40.43 1.96
CA LEU A 203 1.27 -39.24 2.26
C LEU A 203 0.90 -38.66 3.62
N ALA A 204 -0.39 -38.72 3.98
CA ALA A 204 -0.81 -38.23 5.29
C ALA A 204 -0.26 -39.12 6.40
N ARG A 205 -0.48 -40.44 6.28
CA ARG A 205 0.07 -41.37 7.27
C ARG A 205 1.59 -41.27 7.35
N LEU A 206 2.24 -40.94 6.24
CA LEU A 206 3.69 -40.78 6.26
C LEU A 206 4.11 -39.54 7.04
N ASP A 207 3.27 -38.51 7.06
CA ASP A 207 3.57 -37.28 7.77
C ASP A 207 3.10 -37.32 9.22
N GLY A 208 2.92 -38.50 9.78
CA GLY A 208 2.58 -38.64 11.19
C GLY A 208 1.19 -38.16 11.54
N ALA A 209 0.20 -38.42 10.69
CA ALA A 209 -1.16 -37.98 10.90
C ALA A 209 -2.11 -39.17 10.89
N ARG A 210 -3.18 -39.06 11.66
CA ARG A 210 -4.23 -40.07 11.68
C ARG A 210 -5.19 -39.83 10.52
N VAL A 211 -5.42 -40.88 9.72
CA VAL A 211 -6.17 -40.76 8.48
C VAL A 211 -7.52 -41.43 8.66
N ILE A 212 -8.59 -40.71 8.32
CA ILE A 212 -9.95 -41.23 8.30
C ILE A 212 -10.42 -41.15 6.85
N ALA A 213 -10.58 -42.30 6.21
CA ALA A 213 -10.98 -42.37 4.81
C ALA A 213 -12.47 -42.63 4.68
N VAL A 214 -13.08 -42.02 3.66
CA VAL A 214 -14.50 -42.19 3.37
C VAL A 214 -14.61 -42.65 1.93
N THR A 215 -14.95 -43.92 1.74
CA THR A 215 -15.11 -44.50 0.41
C THR A 215 -16.56 -44.86 0.17
N SER A 216 -16.92 -44.91 -1.11
CA SER A 216 -18.27 -45.33 -1.49
C SER A 216 -18.40 -46.84 -1.54
N SER A 217 -17.40 -47.52 -2.11
CA SER A 217 -17.43 -48.97 -2.19
C SER A 217 -17.42 -49.58 -0.79
N GLU A 218 -18.27 -50.57 -0.58
CA GLU A 218 -18.36 -51.21 0.73
C GLU A 218 -17.12 -52.03 1.04
N ALA A 219 -16.60 -52.75 0.05
CA ALA A 219 -15.47 -53.65 0.24
C ALA A 219 -14.16 -53.07 -0.32
N LYS A 220 -14.02 -51.74 -0.29
CA LYS A 220 -12.76 -51.10 -0.64
C LYS A 220 -11.93 -50.77 0.59
N VAL A 221 -12.20 -51.43 1.72
CA VAL A 221 -11.57 -51.09 2.98
C VAL A 221 -10.23 -51.79 3.15
N GLN A 222 -10.12 -53.05 2.70
CA GLN A 222 -8.88 -53.79 2.88
C GLN A 222 -7.69 -53.06 2.26
N ALA A 223 -7.92 -52.27 1.22
CA ALA A 223 -6.84 -51.53 0.59
C ALA A 223 -6.54 -50.24 1.35
N LEU A 224 -7.57 -49.43 1.61
CA LEU A 224 -7.36 -48.17 2.32
C LEU A 224 -6.69 -48.40 3.67
N LYS A 225 -7.11 -49.44 4.40
CA LYS A 225 -6.47 -49.77 5.67
C LYS A 225 -5.00 -50.12 5.45
N GLU A 226 -4.73 -51.04 4.51
CA GLU A 226 -3.36 -51.40 4.21
C GLU A 226 -2.56 -50.22 3.68
N ALA A 227 -3.24 -49.26 3.07
CA ALA A 227 -2.58 -48.08 2.52
C ALA A 227 -2.17 -47.07 3.59
N GLY A 228 -2.48 -47.32 4.85
CA GLY A 228 -2.13 -46.43 5.93
C GLY A 228 -3.29 -45.69 6.57
N ALA A 229 -4.52 -46.07 6.28
CA ALA A 229 -5.69 -45.41 6.87
C ALA A 229 -6.00 -46.01 8.23
N ASP A 230 -6.08 -45.15 9.24
CA ASP A 230 -6.39 -45.61 10.60
C ASP A 230 -7.86 -45.95 10.76
N GLU A 231 -8.74 -45.22 10.08
CA GLU A 231 -10.17 -45.47 10.15
C GLU A 231 -10.75 -45.37 8.74
N VAL A 232 -11.79 -46.17 8.50
CA VAL A 232 -12.48 -46.18 7.21
C VAL A 232 -13.97 -46.15 7.46
N ILE A 233 -14.69 -45.37 6.67
CA ILE A 233 -16.13 -45.22 6.78
C ILE A 233 -16.75 -45.46 5.40
N VAL A 234 -17.80 -46.27 5.37
CA VAL A 234 -18.55 -46.53 4.14
C VAL A 234 -19.78 -45.64 4.15
N SER A 235 -19.91 -44.80 3.12
CA SER A 235 -21.02 -43.87 3.06
C SER A 235 -21.11 -43.28 1.65
N ARG A 236 -22.34 -43.11 1.17
CA ARG A 236 -22.55 -42.43 -0.10
C ARG A 236 -22.18 -40.95 -0.02
N GLY A 237 -22.13 -40.39 1.18
CA GLY A 237 -21.71 -39.01 1.36
C GLY A 237 -22.71 -38.16 2.11
N LEU A 238 -23.78 -38.78 2.63
CA LEU A 238 -24.85 -38.05 3.29
C LEU A 238 -25.00 -38.40 4.77
N ASP A 239 -24.21 -39.32 5.30
CA ASP A 239 -24.40 -39.77 6.67
C ASP A 239 -23.10 -40.05 7.42
N PHE A 240 -21.94 -39.71 6.85
CA PHE A 240 -20.68 -40.01 7.52
C PHE A 240 -20.26 -38.94 8.52
N ALA A 241 -20.87 -37.76 8.47
CA ALA A 241 -20.48 -36.68 9.38
C ALA A 241 -20.54 -37.13 10.83
N SER A 242 -21.67 -37.72 11.24
CA SER A 242 -21.80 -38.18 12.62
C SER A 242 -20.84 -39.33 12.91
N ASP A 243 -20.55 -40.18 11.91
CA ASP A 243 -19.62 -41.28 12.13
C ASP A 243 -18.22 -40.78 12.41
N VAL A 244 -17.82 -39.67 11.81
CA VAL A 244 -16.50 -39.10 12.08
C VAL A 244 -16.46 -38.50 13.49
N ARG A 245 -17.46 -37.69 13.83
CA ARG A 245 -17.55 -37.14 15.17
C ARG A 245 -17.59 -38.26 16.21
N LYS A 246 -18.06 -39.44 15.83
CA LYS A 246 -18.02 -40.59 16.73
C LYS A 246 -16.62 -41.19 16.81
N ARG A 247 -15.95 -41.34 15.66
CA ARG A 247 -14.61 -41.90 15.63
C ARG A 247 -13.54 -40.91 16.08
N THR A 248 -13.89 -39.64 16.25
CA THR A 248 -12.94 -38.62 16.70
C THR A 248 -13.27 -38.11 18.11
N GLN A 249 -14.02 -38.88 18.89
CA GLN A 249 -14.38 -38.50 20.24
C GLN A 249 -15.16 -37.17 20.25
N GLY A 250 -15.98 -36.98 19.21
CA GLY A 250 -16.79 -35.77 19.11
C GLY A 250 -16.02 -34.50 18.86
N ALA A 251 -14.72 -34.59 18.58
CA ALA A 251 -13.90 -33.40 18.38
C ALA A 251 -13.91 -32.91 16.94
N GLY A 252 -14.06 -33.80 15.97
CA GLY A 252 -13.93 -33.44 14.58
C GLY A 252 -12.53 -33.68 14.07
N VAL A 253 -12.29 -33.24 12.84
CA VAL A 253 -11.00 -33.39 12.19
C VAL A 253 -10.34 -32.02 12.06
N ASP A 254 -9.01 -32.04 11.97
CA ASP A 254 -8.25 -30.80 11.81
C ASP A 254 -8.26 -30.33 10.36
N VAL A 255 -8.13 -31.25 9.41
CA VAL A 255 -8.08 -30.93 8.00
C VAL A 255 -8.85 -32.01 7.23
N ALA A 256 -9.40 -31.62 6.08
CA ALA A 256 -10.14 -32.54 5.23
C ALA A 256 -9.68 -32.38 3.79
N VAL A 257 -9.45 -33.50 3.12
CA VAL A 257 -9.08 -33.53 1.72
C VAL A 257 -10.34 -33.89 0.93
N GLU A 258 -10.97 -32.89 0.33
CA GLU A 258 -12.24 -33.07 -0.36
C GLU A 258 -11.96 -33.37 -1.83
N ILE A 259 -11.91 -34.66 -2.17
CA ILE A 259 -11.71 -35.09 -3.55
C ILE A 259 -13.03 -35.21 -4.29
N VAL A 260 -14.05 -35.78 -3.63
CA VAL A 260 -15.35 -35.98 -4.28
C VAL A 260 -15.95 -34.64 -4.69
N GLY A 261 -16.06 -33.72 -3.73
CA GLY A 261 -16.64 -32.42 -4.00
C GLY A 261 -18.06 -32.28 -3.48
N SER A 262 -18.98 -31.91 -4.36
CA SER A 262 -20.34 -31.55 -3.94
C SER A 262 -21.03 -32.69 -3.22
N ALA A 263 -20.80 -33.93 -3.65
CA ALA A 263 -21.57 -35.05 -3.12
C ALA A 263 -21.36 -35.22 -1.62
N THR A 264 -20.15 -34.95 -1.13
CA THR A 264 -19.81 -35.15 0.28
C THR A 264 -19.52 -33.85 1.01
N PHE A 265 -19.60 -32.70 0.32
CA PHE A 265 -19.11 -31.45 0.91
C PHE A 265 -19.88 -31.08 2.17
N ASP A 266 -21.22 -31.07 2.09
CA ASP A 266 -22.02 -30.62 3.23
C ASP A 266 -21.71 -31.42 4.48
N GLN A 267 -21.48 -32.73 4.33
CA GLN A 267 -21.13 -33.55 5.48
C GLN A 267 -19.69 -33.29 5.93
N THR A 268 -18.78 -33.06 4.98
CA THR A 268 -17.40 -32.75 5.32
C THR A 268 -17.34 -31.57 6.28
N LEU A 269 -18.01 -30.48 5.94
CA LEU A 269 -18.03 -29.30 6.81
C LEU A 269 -18.47 -29.65 8.22
N LYS A 270 -19.64 -30.29 8.35
CA LYS A 270 -20.13 -30.68 9.66
C LYS A 270 -19.14 -31.58 10.40
N SER A 271 -18.24 -32.23 9.68
CA SER A 271 -17.25 -33.11 10.27
C SER A 271 -15.98 -32.38 10.72
N MET A 272 -15.90 -31.07 10.48
CA MET A 272 -14.69 -30.32 10.79
C MET A 272 -14.70 -29.81 12.23
N ALA A 273 -13.55 -29.91 12.88
CA ALA A 273 -13.37 -29.33 14.20
C ALA A 273 -13.19 -27.82 14.09
N PRO A 274 -13.37 -27.10 15.20
CA PRO A 274 -13.19 -25.64 15.16
C PRO A 274 -11.84 -25.26 14.59
N GLY A 275 -11.83 -24.28 13.68
CA GLY A 275 -10.61 -23.85 13.05
C GLY A 275 -10.06 -24.80 12.00
N GLY A 276 -10.79 -25.86 11.68
CA GLY A 276 -10.33 -26.80 10.67
C GLY A 276 -10.31 -26.18 9.29
N ARG A 277 -9.58 -26.85 8.38
CA ARG A 277 -9.40 -26.36 7.02
C ARG A 277 -9.72 -27.48 6.04
N VAL A 278 -10.53 -27.16 5.03
CA VAL A 278 -10.92 -28.11 3.99
C VAL A 278 -10.15 -27.75 2.73
N VAL A 279 -9.39 -28.70 2.21
CA VAL A 279 -8.61 -28.50 0.98
C VAL A 279 -9.38 -29.17 -0.15
N VAL A 280 -9.96 -28.35 -1.03
CA VAL A 280 -10.81 -28.85 -2.12
C VAL A 280 -9.94 -29.04 -3.35
N VAL A 281 -9.96 -30.24 -3.91
CA VAL A 281 -9.21 -30.54 -5.12
C VAL A 281 -10.06 -31.16 -6.22
N GLY A 282 -11.24 -31.72 -5.92
CA GLY A 282 -12.02 -32.40 -6.93
C GLY A 282 -13.50 -32.14 -6.77
N ASN A 283 -14.21 -32.29 -7.89
CA ASN A 283 -15.68 -32.22 -7.93
C ASN A 283 -16.15 -33.20 -9.00
N LEU A 284 -16.33 -34.46 -8.60
CA LEU A 284 -16.57 -35.52 -9.57
C LEU A 284 -17.93 -35.36 -10.25
N GLU A 285 -18.96 -34.99 -9.50
CA GLU A 285 -20.29 -34.85 -10.06
C GLU A 285 -20.54 -33.48 -10.67
N SER A 286 -19.58 -32.56 -10.56
CA SER A 286 -19.70 -31.22 -11.14
C SER A 286 -20.89 -30.45 -10.61
N GLY A 287 -21.48 -30.91 -9.50
CA GLY A 287 -22.64 -30.25 -8.96
C GLY A 287 -22.29 -29.06 -8.09
N MET A 288 -23.25 -28.16 -7.95
CA MET A 288 -23.09 -27.00 -7.10
C MET A 288 -23.34 -27.37 -5.63
N VAL A 289 -23.04 -26.43 -4.75
CA VAL A 289 -23.13 -26.66 -3.31
C VAL A 289 -23.97 -25.57 -2.69
N GLN A 290 -24.76 -25.93 -1.68
CA GLN A 290 -25.47 -24.96 -0.85
C GLN A 290 -24.66 -24.82 0.44
N LEU A 291 -23.73 -23.87 0.44
CA LEU A 291 -22.86 -23.64 1.57
C LEU A 291 -23.59 -22.87 2.66
N ASN A 292 -23.55 -23.38 3.88
CA ASN A 292 -24.17 -22.72 5.02
C ASN A 292 -23.14 -21.81 5.69
N PRO A 293 -23.33 -20.49 5.70
CA PRO A 293 -22.29 -19.62 6.28
C PRO A 293 -22.08 -19.82 7.77
N GLY A 294 -23.13 -20.12 8.52
CA GLY A 294 -23.01 -20.17 9.97
C GLY A 294 -21.94 -21.14 10.44
N LEU A 295 -21.84 -22.30 9.79
CA LEU A 295 -20.85 -23.29 10.21
C LEU A 295 -19.43 -22.82 9.89
N VAL A 296 -19.25 -22.12 8.77
CA VAL A 296 -17.92 -21.61 8.43
C VAL A 296 -17.52 -20.49 9.37
N ILE A 297 -18.49 -19.66 9.79
CA ILE A 297 -18.19 -18.52 10.64
C ILE A 297 -17.95 -18.98 12.08
N VAL A 298 -18.99 -19.54 12.71
CA VAL A 298 -18.91 -19.88 14.13
C VAL A 298 -17.69 -20.72 14.44
N LYS A 299 -17.26 -21.56 13.50
CA LYS A 299 -16.10 -22.43 13.69
C LYS A 299 -14.85 -21.91 12.99
N GLU A 300 -14.95 -20.79 12.27
CA GLU A 300 -13.81 -20.21 11.55
C GLU A 300 -13.08 -21.28 10.74
N LEU A 301 -13.81 -21.87 9.79
CA LEU A 301 -13.25 -22.90 8.93
C LEU A 301 -12.63 -22.27 7.69
N GLU A 302 -11.63 -22.98 7.15
CA GLU A 302 -10.93 -22.54 5.95
C GLU A 302 -11.18 -23.53 4.83
N ILE A 303 -11.53 -23.01 3.66
CA ILE A 303 -11.78 -23.83 2.47
C ILE A 303 -10.74 -23.43 1.44
N LEU A 304 -9.74 -24.28 1.23
CA LEU A 304 -8.60 -23.99 0.37
C LEU A 304 -8.70 -24.81 -0.91
N GLY A 305 -8.49 -24.16 -2.05
CA GLY A 305 -8.43 -24.86 -3.32
C GLY A 305 -7.00 -25.24 -3.68
N ALA A 306 -6.87 -26.39 -4.35
CA ALA A 306 -5.59 -26.90 -4.80
C ALA A 306 -5.73 -27.36 -6.25
N TYR A 307 -4.83 -26.91 -7.11
CA TYR A 307 -4.92 -27.16 -8.54
C TYR A 307 -3.55 -27.43 -9.13
N ALA A 308 -3.49 -28.42 -10.02
CA ALA A 308 -2.28 -28.69 -10.79
C ALA A 308 -1.11 -29.12 -9.91
N THR A 309 0.05 -29.31 -10.52
CA THR A 309 1.25 -29.75 -9.83
C THR A 309 2.44 -28.95 -10.34
N THR A 310 3.38 -28.64 -9.45
CA THR A 310 4.56 -27.87 -9.81
C THR A 310 5.74 -28.78 -10.11
N GLN A 311 6.78 -28.19 -10.69
CA GLN A 311 7.98 -28.95 -11.02
C GLN A 311 8.63 -29.52 -9.76
N ALA A 312 8.61 -28.77 -8.67
CA ALA A 312 9.19 -29.25 -7.42
C ALA A 312 8.34 -30.36 -6.80
N GLU A 313 7.01 -30.20 -6.83
CA GLU A 313 6.13 -31.21 -6.25
C GLU A 313 6.24 -32.53 -6.98
N LEU A 314 6.36 -32.49 -8.31
CA LEU A 314 6.51 -33.73 -9.07
C LEU A 314 7.84 -34.40 -8.76
N ASP A 315 8.92 -33.62 -8.69
CA ASP A 315 10.21 -34.19 -8.28
C ASP A 315 10.08 -34.89 -6.93
N GLU A 316 9.37 -34.27 -5.99
CA GLU A 316 9.17 -34.89 -4.68
C GLU A 316 8.25 -36.09 -4.77
N ALA A 317 7.16 -35.97 -5.54
CA ALA A 317 6.24 -37.09 -5.70
C ALA A 317 6.94 -38.29 -6.31
N LEU A 318 7.69 -38.06 -7.39
CA LEU A 318 8.45 -39.14 -8.01
C LEU A 318 9.43 -39.76 -7.02
N ARG A 319 10.05 -38.94 -6.17
CA ARG A 319 10.96 -39.47 -5.17
C ARG A 319 10.23 -40.35 -4.16
N LEU A 320 9.03 -39.93 -3.75
CA LEU A 320 8.28 -40.71 -2.77
C LEU A 320 7.89 -42.08 -3.31
N THR A 321 7.63 -42.19 -4.61
CA THR A 321 7.28 -43.49 -5.18
C THR A 321 8.49 -44.41 -5.26
N ALA A 322 9.65 -43.85 -5.61
CA ALA A 322 10.86 -44.67 -5.70
C ALA A 322 11.27 -45.20 -4.34
N THR A 323 11.07 -44.41 -3.29
CA THR A 323 11.44 -44.84 -1.94
C THR A 323 10.41 -45.77 -1.33
N GLY A 324 9.14 -45.63 -1.71
CA GLY A 324 8.07 -46.45 -1.17
C GLY A 324 7.12 -45.72 -0.24
N GLY A 325 7.38 -44.45 0.06
CA GLY A 325 6.47 -43.72 0.93
C GLY A 325 5.06 -43.62 0.38
N VAL A 326 4.94 -43.52 -0.95
CA VAL A 326 3.63 -43.47 -1.60
C VAL A 326 3.68 -44.40 -2.81
N ARG A 327 3.09 -45.59 -2.67
CA ARG A 327 3.10 -46.56 -3.75
C ARG A 327 2.22 -46.11 -4.91
N GLN A 328 2.42 -46.77 -6.04
CA GLN A 328 1.58 -46.58 -7.22
C GLN A 328 0.85 -47.88 -7.51
N PHE A 329 -0.45 -47.79 -7.78
CA PHE A 329 -1.30 -48.96 -7.99
C PHE A 329 -1.68 -49.00 -9.47
N VAL A 330 -0.80 -49.58 -10.27
CA VAL A 330 -1.02 -49.70 -11.71
C VAL A 330 -1.77 -51.00 -11.97
N THR A 331 -2.98 -50.88 -12.52
CA THR A 331 -3.80 -52.05 -12.81
C THR A 331 -3.22 -52.83 -13.99
N ASP A 332 -3.32 -52.28 -15.20
CA ASP A 332 -2.89 -52.96 -16.41
C ASP A 332 -2.05 -52.03 -17.26
N ALA A 333 -1.00 -52.58 -17.85
CA ALA A 333 -0.20 -51.88 -18.85
C ALA A 333 -0.73 -52.26 -20.24
N VAL A 334 -1.09 -51.25 -21.03
CA VAL A 334 -1.77 -51.49 -22.30
C VAL A 334 -0.89 -51.01 -23.45
N PRO A 335 -0.77 -51.75 -24.55
CA PRO A 335 -0.06 -51.21 -25.71
C PRO A 335 -0.68 -49.91 -26.18
N LEU A 336 0.17 -49.02 -26.72
CA LEU A 336 -0.28 -47.71 -27.14
C LEU A 336 -1.38 -47.82 -28.19
N ALA A 337 -1.26 -48.78 -29.12
CA ALA A 337 -2.21 -48.90 -30.21
C ALA A 337 -3.63 -49.15 -29.70
N GLU A 338 -3.79 -49.62 -28.47
CA GLU A 338 -5.10 -49.89 -27.88
C GLU A 338 -5.57 -48.73 -26.99
N ALA A 339 -5.24 -47.49 -27.36
CA ALA A 339 -5.68 -46.35 -26.58
C ALA A 339 -7.20 -46.26 -26.52
N ALA A 340 -7.87 -46.54 -27.65
CA ALA A 340 -9.32 -46.50 -27.67
C ALA A 340 -9.89 -47.44 -26.61
N LYS A 341 -9.41 -48.69 -26.56
CA LYS A 341 -9.88 -49.61 -25.55
C LYS A 341 -9.64 -49.06 -24.15
N ALA A 342 -8.51 -48.40 -23.94
CA ALA A 342 -8.20 -47.85 -22.62
C ALA A 342 -9.25 -46.82 -22.20
N HIS A 343 -9.60 -45.90 -23.10
CA HIS A 343 -10.61 -44.90 -22.77
C HIS A 343 -11.95 -45.55 -22.50
N PHE A 344 -12.35 -46.52 -23.34
CA PHE A 344 -13.61 -47.22 -23.12
C PHE A 344 -13.65 -47.80 -21.72
N ARG A 345 -12.60 -48.51 -21.32
CA ARG A 345 -12.52 -49.04 -19.96
C ARG A 345 -12.68 -47.91 -18.94
N LEU A 346 -11.94 -46.82 -19.13
CA LEU A 346 -11.94 -45.75 -18.15
C LEU A 346 -13.30 -45.05 -18.11
N GLU A 347 -13.94 -44.87 -19.25
CA GLU A 347 -15.24 -44.19 -19.29
C GLU A 347 -16.28 -44.99 -18.50
N ASN A 348 -16.38 -46.28 -18.77
CA ASN A 348 -17.42 -47.12 -18.19
C ASN A 348 -17.08 -47.63 -16.80
N ARG A 349 -16.11 -47.02 -16.13
CA ARG A 349 -15.75 -47.36 -14.75
C ARG A 349 -15.43 -48.84 -14.59
N GLU A 350 -15.09 -49.52 -15.68
CA GLU A 350 -14.74 -50.93 -15.63
C GLU A 350 -13.30 -51.18 -15.21
N VAL A 351 -12.68 -50.23 -14.51
CA VAL A 351 -11.29 -50.36 -14.05
C VAL A 351 -11.17 -49.71 -12.67
N ALA A 352 -10.34 -50.31 -11.82
CA ALA A 352 -10.05 -49.78 -10.49
C ALA A 352 -8.53 -49.67 -10.37
N GLY A 353 -8.01 -48.48 -10.59
CA GLY A 353 -6.59 -48.23 -10.59
C GLY A 353 -6.22 -47.31 -11.73
N ARG A 354 -4.94 -47.33 -12.10
CA ARG A 354 -4.41 -46.46 -13.14
C ARG A 354 -4.02 -47.30 -14.36
N LEU A 355 -4.41 -46.82 -15.54
CA LEU A 355 -4.05 -47.43 -16.81
C LEU A 355 -2.84 -46.71 -17.40
N VAL A 356 -2.05 -47.46 -18.16
CA VAL A 356 -0.81 -46.94 -18.73
C VAL A 356 -0.71 -47.40 -20.18
N LEU A 357 -0.38 -46.48 -21.08
CA LEU A 357 -0.11 -46.80 -22.47
C LEU A 357 1.39 -46.91 -22.68
N VAL A 358 1.83 -48.04 -23.25
CA VAL A 358 3.23 -48.31 -23.49
C VAL A 358 3.47 -48.21 -25.00
N PRO A 359 4.19 -47.20 -25.49
CA PRO A 359 4.47 -47.13 -26.92
C PRO A 359 5.35 -48.28 -27.36
N PRO A 360 5.27 -48.70 -28.62
CA PRO A 360 6.18 -49.75 -29.10
C PRO A 360 7.60 -49.21 -29.25
N GLU A 361 8.54 -50.14 -29.41
CA GLU A 361 9.94 -49.78 -29.56
C GLU A 361 10.27 -49.36 -30.99
N HIS B 4 -23.00 23.95 44.92
CA HIS B 4 -22.80 25.30 45.52
C HIS B 4 -21.38 25.43 46.08
N HIS B 5 -20.79 26.61 45.94
CA HIS B 5 -19.41 26.84 46.32
C HIS B 5 -19.29 28.14 47.10
N HIS B 6 -18.15 28.30 47.76
CA HIS B 6 -17.79 29.50 48.50
C HIS B 6 -16.36 29.34 48.99
N HIS B 7 -15.64 30.45 49.07
CA HIS B 7 -14.23 30.42 49.43
C HIS B 7 -13.87 31.70 50.18
N HIS B 8 -12.59 31.80 50.55
CA HIS B 8 -12.07 32.96 51.27
C HIS B 8 -10.73 33.40 50.70
N ALA B 9 -10.42 33.05 49.46
CA ALA B 9 -9.11 33.34 48.89
C ALA B 9 -8.99 34.82 48.57
N GLU B 10 -8.01 35.48 49.19
CA GLU B 10 -7.79 36.90 48.95
C GLU B 10 -7.39 37.15 47.50
N ASN B 11 -6.40 36.41 46.99
CA ASN B 11 -5.90 36.67 45.66
C ASN B 11 -6.97 36.44 44.60
N LEU B 12 -7.86 35.48 44.82
CA LEU B 12 -8.97 35.25 43.88
C LEU B 12 -9.91 36.46 43.87
N TYR B 13 -10.32 36.93 45.05
CA TYR B 13 -11.20 38.08 45.12
C TYR B 13 -10.55 39.32 44.52
N PHE B 14 -9.24 39.48 44.72
CA PHE B 14 -8.56 40.66 44.19
C PHE B 14 -8.55 40.70 42.67
N GLN B 15 -8.45 39.54 42.03
CA GLN B 15 -8.50 39.47 40.57
C GLN B 15 -9.82 40.05 40.09
N GLY B 16 -9.73 41.13 39.31
CA GLY B 16 -10.92 41.76 38.76
C GLY B 16 -10.65 42.37 37.41
N HIS B 17 -10.04 43.54 37.38
CA HIS B 17 -9.78 44.26 36.15
C HIS B 17 -8.28 44.37 35.92
N MET B 18 -7.92 44.74 34.69
CA MET B 18 -6.53 44.72 34.27
C MET B 18 -6.34 45.79 33.21
N LYS B 19 -5.09 46.24 33.07
CA LYS B 19 -4.72 47.16 31.99
C LYS B 19 -4.42 46.36 30.73
N ALA B 20 -4.98 46.79 29.61
CA ALA B 20 -4.80 46.07 28.36
C ALA B 20 -4.96 47.04 27.19
N VAL B 21 -4.10 46.89 26.19
CA VAL B 21 -4.23 47.64 24.95
C VAL B 21 -5.30 46.96 24.10
N VAL B 22 -6.38 47.69 23.81
CA VAL B 22 -7.50 47.15 23.06
C VAL B 22 -7.56 47.85 21.71
N LEU B 23 -7.86 47.08 20.67
CA LEU B 23 -8.07 47.62 19.33
C LEU B 23 -9.57 47.68 19.09
N ARG B 24 -10.13 48.89 19.11
CA ARG B 24 -11.55 49.07 18.89
C ARG B 24 -11.92 49.10 17.41
N SER B 25 -10.97 49.45 16.55
CA SER B 25 -11.22 49.58 15.12
C SER B 25 -9.92 49.34 14.37
N PHE B 26 -9.97 48.48 13.36
CA PHE B 26 -8.78 48.24 12.54
C PHE B 26 -8.37 49.54 11.86
N GLY B 27 -7.07 49.74 11.74
CA GLY B 27 -6.56 50.93 11.09
C GLY B 27 -5.13 51.26 11.43
N GLU B 28 -4.87 52.53 11.73
CA GLU B 28 -3.52 52.99 12.03
C GLU B 28 -3.08 52.54 13.42
N ALA B 29 -1.78 52.68 13.68
CA ALA B 29 -1.23 52.30 14.98
C ALA B 29 -1.91 53.04 16.12
N GLY B 30 -2.36 54.27 15.87
CA GLY B 30 -2.99 55.07 16.89
C GLY B 30 -4.30 54.51 17.42
N ASN B 31 -4.88 53.52 16.72
CA ASN B 31 -6.11 52.89 17.20
C ASN B 31 -5.88 52.02 18.44
N LEU B 32 -4.64 51.83 18.86
CA LEU B 32 -4.31 51.00 20.01
C LEU B 32 -4.28 51.89 21.25
N LYS B 33 -5.27 51.72 22.13
CA LYS B 33 -5.39 52.55 23.33
C LYS B 33 -5.46 51.67 24.56
N MET B 34 -4.81 52.12 25.63
CA MET B 34 -4.87 51.41 26.90
C MET B 34 -6.26 51.52 27.51
N GLU B 35 -6.74 50.41 28.09
CA GLU B 35 -8.05 50.39 28.72
C GLU B 35 -8.01 49.41 29.88
N THR B 36 -8.94 49.61 30.82
CA THR B 36 -9.14 48.67 31.92
C THR B 36 -10.21 47.66 31.50
N MET B 37 -9.83 46.40 31.37
CA MET B 37 -10.70 45.33 30.93
C MET B 37 -10.89 44.33 32.06
N PRO B 38 -11.99 43.57 32.04
CA PRO B 38 -12.12 42.47 33.01
C PRO B 38 -11.04 41.42 32.78
N MET B 39 -10.57 40.83 33.87
CA MET B 39 -9.56 39.81 33.75
C MET B 39 -10.19 38.52 33.23
N PRO B 40 -9.47 37.75 32.41
CA PRO B 40 -10.00 36.47 31.95
C PRO B 40 -9.85 35.39 33.01
N ARG B 41 -10.70 34.37 32.90
CA ARG B 41 -10.74 33.28 33.86
C ARG B 41 -10.29 31.99 33.20
N PRO B 42 -9.33 31.25 33.77
CA PRO B 42 -8.88 30.01 33.15
C PRO B 42 -9.82 28.85 33.44
N GLY B 43 -10.12 28.09 32.40
CA GLY B 43 -10.97 26.92 32.51
C GLY B 43 -10.17 25.64 32.53
N ARG B 44 -10.84 24.54 32.18
CA ARG B 44 -10.18 23.25 32.17
C ARG B 44 -9.06 23.25 31.12
N GLY B 45 -7.88 22.77 31.53
CA GLY B 45 -6.74 22.72 30.65
C GLY B 45 -6.11 24.07 30.36
N GLU B 46 -6.53 25.12 31.05
CA GLU B 46 -6.03 26.46 30.82
C GLU B 46 -5.35 26.98 32.08
N VAL B 47 -4.55 28.03 31.91
CA VAL B 47 -3.88 28.70 33.02
C VAL B 47 -3.98 30.20 32.81
N LEU B 48 -3.98 30.94 33.91
CA LEU B 48 -3.98 32.40 33.87
C LEU B 48 -2.55 32.90 34.04
N LEU B 49 -2.11 33.77 33.13
CA LEU B 49 -0.75 34.26 33.10
C LEU B 49 -0.70 35.71 33.52
N ARG B 50 0.42 36.08 34.15
CA ARG B 50 0.77 37.48 34.42
C ARG B 50 1.86 37.85 33.42
N VAL B 51 1.52 38.72 32.47
CA VAL B 51 2.43 39.05 31.38
C VAL B 51 3.46 40.05 31.87
N HIS B 52 4.72 39.65 31.83
CA HIS B 52 5.82 40.56 32.16
C HIS B 52 6.40 41.24 30.92
N ALA B 53 6.23 40.64 29.74
CA ALA B 53 6.77 41.21 28.52
C ALA B 53 6.09 40.55 27.33
N CYS B 54 5.85 41.32 26.27
CA CYS B 54 5.25 40.80 25.05
C CYS B 54 5.97 41.40 23.86
N GLY B 55 6.64 40.56 23.08
CA GLY B 55 7.33 41.05 21.90
C GLY B 55 6.35 41.59 20.87
N VAL B 56 6.84 42.56 20.09
CA VAL B 56 6.05 43.16 19.01
C VAL B 56 6.55 42.58 17.70
N CYS B 57 5.72 41.77 17.07
CA CYS B 57 6.02 41.16 15.79
C CYS B 57 5.26 41.89 14.68
N TYR B 58 5.89 41.97 13.50
CA TYR B 58 5.23 42.63 12.39
C TYR B 58 3.90 41.96 12.05
N HIS B 59 3.77 40.67 12.38
CA HIS B 59 2.48 39.99 12.27
C HIS B 59 1.38 40.78 12.98
N ASP B 60 1.72 41.46 14.08
CA ASP B 60 0.74 42.26 14.79
C ASP B 60 0.28 43.45 13.97
N VAL B 61 1.21 44.09 13.25
CA VAL B 61 0.85 45.20 12.38
C VAL B 61 -0.19 44.74 11.35
N ILE B 62 0.09 43.62 10.69
CA ILE B 62 -0.87 43.05 9.75
C ILE B 62 -2.20 42.81 10.45
N ASN B 63 -2.15 42.20 11.64
CA ASN B 63 -3.36 41.94 12.40
C ASN B 63 -4.11 43.22 12.72
N ARG B 64 -3.38 44.30 13.03
CA ARG B 64 -4.01 45.54 13.48
C ARG B 64 -4.68 46.29 12.34
N ARG B 65 -4.38 45.95 11.09
CA ARG B 65 -5.02 46.60 9.94
C ARG B 65 -6.26 45.85 9.46
N GLY B 66 -6.58 44.71 10.06
CA GLY B 66 -7.71 43.91 9.63
C GLY B 66 -7.40 42.88 8.57
N ASN B 67 -6.13 42.70 8.23
CA ASN B 67 -5.76 41.77 7.16
C ASN B 67 -5.67 40.32 7.63
N LEU B 68 -5.99 40.04 8.90
CA LEU B 68 -6.15 38.67 9.36
C LEU B 68 -7.64 38.44 9.60
N PRO B 69 -8.31 37.56 8.85
CA PRO B 69 -9.78 37.59 8.83
C PRO B 69 -10.41 37.07 10.11
N ARG B 70 -9.75 36.16 10.83
CA ARG B 70 -10.35 35.57 12.02
C ARG B 70 -10.21 36.45 13.26
N THR B 71 -9.64 37.64 13.14
CA THR B 71 -9.57 38.57 14.26
C THR B 71 -10.81 39.44 14.27
N SER B 72 -11.32 39.73 15.47
CA SER B 72 -12.57 40.46 15.64
C SER B 72 -12.41 41.50 16.73
N VAL B 73 -12.82 42.73 16.44
CA VAL B 73 -12.73 43.83 17.40
C VAL B 73 -13.95 43.82 18.32
N PRO B 74 -13.77 44.25 19.58
CA PRO B 74 -12.52 44.69 20.19
C PRO B 74 -11.57 43.51 20.43
N ALA B 75 -10.27 43.72 20.23
CA ALA B 75 -9.31 42.64 20.29
C ALA B 75 -8.05 43.08 21.04
N ILE B 76 -7.47 42.14 21.78
CA ILE B 76 -6.17 42.32 22.41
C ILE B 76 -5.16 41.59 21.54
N LEU B 77 -4.24 42.33 20.92
CA LEU B 77 -3.29 41.75 19.99
C LEU B 77 -2.12 41.14 20.75
N GLY B 78 -1.18 40.56 20.01
CA GLY B 78 0.04 40.02 20.58
C GLY B 78 0.02 38.52 20.75
N HIS B 79 1.09 37.86 20.30
CA HIS B 79 1.22 36.42 20.47
C HIS B 79 2.59 36.01 21.00
N GLU B 80 3.50 36.96 21.20
CA GLU B 80 4.86 36.67 21.66
C GLU B 80 4.97 37.19 23.09
N ALA B 81 4.42 36.42 24.02
CA ALA B 81 4.30 36.86 25.40
C ALA B 81 4.98 35.88 26.34
N ALA B 82 5.62 36.42 27.38
CA ALA B 82 6.21 35.65 28.45
C ALA B 82 5.68 36.16 29.77
N GLY B 83 5.40 35.25 30.69
CA GLY B 83 4.81 35.66 31.94
C GLY B 83 4.84 34.54 32.97
N GLU B 84 4.12 34.78 34.06
CA GLU B 84 4.11 33.90 35.22
C GLU B 84 2.71 33.35 35.43
N VAL B 85 2.64 32.06 35.78
CA VAL B 85 1.35 31.41 36.06
C VAL B 85 0.91 31.83 37.46
N ILE B 86 -0.17 32.61 37.54
CA ILE B 86 -0.75 32.98 38.83
C ILE B 86 -1.95 32.12 39.20
N GLU B 87 -2.52 31.37 38.26
CA GLU B 87 -3.65 30.52 38.55
C GLU B 87 -3.78 29.46 37.47
N VAL B 88 -4.17 28.25 37.87
CA VAL B 88 -4.37 27.14 36.95
C VAL B 88 -5.81 26.67 37.08
N GLY B 89 -6.31 26.08 36.00
CA GLY B 89 -7.64 25.50 35.99
C GLY B 89 -7.59 24.01 36.23
N PRO B 90 -8.76 23.37 36.27
CA PRO B 90 -8.80 21.91 36.42
C PRO B 90 -8.06 21.21 35.29
N ASP B 91 -7.56 20.01 35.59
CA ASP B 91 -6.82 19.20 34.62
C ASP B 91 -5.64 19.99 34.07
N THR B 92 -4.76 20.42 34.98
CA THR B 92 -3.55 21.15 34.65
C THR B 92 -2.39 20.49 35.37
N PRO B 93 -2.01 19.28 34.96
CA PRO B 93 -1.03 18.49 35.74
C PRO B 93 0.37 19.08 35.69
N GLY B 94 0.85 19.38 34.49
CA GLY B 94 2.23 19.81 34.32
C GLY B 94 2.45 21.30 34.50
N TRP B 95 1.56 21.96 35.24
CA TRP B 95 1.71 23.39 35.47
C TRP B 95 1.13 23.74 36.84
N LYS B 96 1.90 24.50 37.62
CA LYS B 96 1.45 25.02 38.91
C LYS B 96 1.76 26.51 38.95
N THR B 97 1.05 27.21 39.84
CA THR B 97 1.28 28.64 40.00
C THR B 97 2.74 28.90 40.32
N GLY B 98 3.28 29.97 39.72
CA GLY B 98 4.67 30.31 39.86
C GLY B 98 5.53 29.86 38.70
N ASP B 99 5.04 28.96 37.85
CA ASP B 99 5.79 28.52 36.69
C ASP B 99 5.95 29.65 35.69
N ARG B 100 7.06 29.62 34.95
CA ARG B 100 7.40 30.63 33.97
C ARG B 100 7.11 30.09 32.58
N ALA B 101 6.33 30.82 31.80
CA ALA B 101 5.84 30.32 30.52
C ALA B 101 5.92 31.40 29.46
N ALA B 102 5.99 30.96 28.21
CA ALA B 102 5.94 31.83 27.04
C ALA B 102 5.04 31.17 26.00
N THR B 103 4.21 31.98 25.34
CA THR B 103 3.19 31.44 24.45
C THR B 103 3.75 31.17 23.06
N LEU B 104 3.24 30.11 22.44
CA LEU B 104 3.48 29.88 21.02
C LEU B 104 2.74 30.94 20.20
N GLN B 105 2.94 30.89 18.88
CA GLN B 105 2.18 31.77 18.00
C GLN B 105 0.75 31.27 17.83
N ARG B 106 0.58 29.96 17.63
CA ARG B 106 -0.73 29.38 17.36
C ARG B 106 -0.87 28.06 18.09
N MET B 107 -2.11 27.58 18.18
CA MET B 107 -2.43 26.33 18.85
C MET B 107 -2.42 25.18 17.85
N SER B 108 -2.50 23.97 18.40
CA SER B 108 -2.69 22.75 17.62
C SER B 108 -3.48 21.77 18.48
N CYS B 109 -4.35 21.00 17.83
CA CYS B 109 -5.24 20.13 18.60
C CYS B 109 -4.49 18.99 19.28
N GLY B 110 -3.34 18.59 18.73
CA GLY B 110 -2.52 17.56 19.33
C GLY B 110 -3.04 16.15 19.17
N ASP B 111 -4.24 15.96 18.62
CA ASP B 111 -4.88 14.65 18.54
C ASP B 111 -5.12 14.17 17.12
N CYS B 112 -4.84 14.97 16.11
CA CYS B 112 -5.08 14.57 14.73
C CYS B 112 -3.85 13.87 14.15
N ALA B 113 -4.02 13.29 12.97
CA ALA B 113 -2.94 12.57 12.32
C ALA B 113 -1.72 13.47 12.15
N LEU B 114 -1.94 14.70 11.67
CA LEU B 114 -0.84 15.63 11.49
C LEU B 114 -0.15 15.92 12.82
N CYS B 115 -0.92 16.18 13.87
CA CYS B 115 -0.34 16.46 15.18
C CYS B 115 0.40 15.26 15.73
N ARG B 116 -0.23 14.07 15.67
CA ARG B 116 0.41 12.88 16.21
C ARG B 116 1.71 12.56 15.50
N SER B 117 1.83 12.88 14.22
CA SER B 117 3.05 12.63 13.47
C SER B 117 4.09 13.73 13.62
N GLY B 118 3.82 14.75 14.45
CA GLY B 118 4.77 15.81 14.70
C GLY B 118 4.61 17.04 13.85
N ARG B 119 3.67 17.04 12.90
CA ARG B 119 3.44 18.18 12.01
C ARG B 119 2.40 19.14 12.57
N ASN B 120 2.50 19.46 13.87
CA ASN B 120 1.52 20.34 14.52
C ASN B 120 1.35 21.65 13.76
N SER B 121 2.40 22.10 13.07
CA SER B 121 2.31 23.34 12.31
C SER B 121 1.24 23.29 11.24
N LEU B 122 0.90 22.09 10.77
CA LEU B 122 -0.08 21.91 9.70
C LEU B 122 -1.48 21.62 10.22
N CYS B 123 -1.67 21.60 11.54
CA CYS B 123 -2.96 21.24 12.09
C CYS B 123 -4.05 22.16 11.58
N LYS B 124 -5.16 21.58 11.15
CA LYS B 124 -6.32 22.32 10.67
C LYS B 124 -7.49 22.29 11.64
N THR B 125 -7.47 21.42 12.65
CA THR B 125 -8.60 21.30 13.56
C THR B 125 -8.56 22.35 14.65
N ASP B 126 -7.37 22.81 15.04
CA ASP B 126 -7.24 23.91 15.99
C ASP B 126 -6.11 24.81 15.48
N ASN B 127 -6.48 25.95 14.90
CA ASN B 127 -5.52 26.89 14.32
C ASN B 127 -5.57 28.25 15.00
N ARG B 128 -6.05 28.31 16.24
CA ARG B 128 -6.22 29.58 16.93
C ARG B 128 -4.86 30.23 17.19
N PHE B 129 -4.76 31.51 16.85
CA PHE B 129 -3.56 32.30 17.10
C PHE B 129 -3.78 33.18 18.34
N PHE B 130 -2.74 33.31 19.15
CA PHE B 130 -2.77 34.30 20.23
C PHE B 130 -2.80 35.70 19.64
N GLY B 131 -3.55 36.59 20.29
CA GLY B 131 -3.77 37.91 19.74
C GLY B 131 -4.75 37.95 18.59
N GLU B 132 -5.38 36.83 18.25
CA GLU B 132 -6.36 36.79 17.17
C GLU B 132 -7.65 36.15 17.66
N GLU B 133 -7.81 34.84 17.45
CA GLU B 133 -9.04 34.18 17.86
C GLU B 133 -9.20 34.12 19.37
N LEU B 134 -8.11 34.25 20.13
CA LEU B 134 -8.19 34.39 21.57
C LEU B 134 -7.25 35.51 22.01
N PRO B 135 -7.55 36.16 23.13
CA PRO B 135 -6.80 37.38 23.50
C PRO B 135 -5.30 37.15 23.58
N GLY B 136 -4.55 38.20 23.27
CA GLY B 136 -3.11 38.14 23.17
C GLY B 136 -2.41 38.73 24.38
N GLY B 137 -1.12 39.00 24.20
CA GLY B 137 -0.23 39.43 25.27
C GLY B 137 -0.05 40.92 25.43
N TYR B 138 -0.81 41.75 24.70
CA TYR B 138 -0.78 43.20 24.89
C TYR B 138 -1.61 43.59 26.11
N ALA B 139 -1.29 42.98 27.24
CA ALA B 139 -2.09 43.16 28.44
C ALA B 139 -1.32 42.68 29.66
N GLN B 140 -1.89 42.95 30.83
CA GLN B 140 -1.27 42.52 32.08
C GLN B 140 -1.47 41.02 32.31
N PHE B 141 -2.63 40.48 31.93
CA PHE B 141 -2.95 39.08 32.16
C PHE B 141 -3.49 38.45 30.88
N MET B 142 -3.45 37.13 30.85
CA MET B 142 -3.78 36.38 29.65
C MET B 142 -4.03 34.93 30.03
N VAL B 143 -5.09 34.35 29.49
CA VAL B 143 -5.37 32.93 29.63
C VAL B 143 -4.73 32.21 28.45
N ALA B 144 -4.32 30.97 28.68
CA ALA B 144 -3.67 30.21 27.64
C ALA B 144 -3.86 28.72 27.85
N PRO B 145 -4.28 27.96 26.84
CA PRO B 145 -4.26 26.50 26.96
C PRO B 145 -2.83 26.02 27.18
N VAL B 146 -2.69 25.03 28.07
CA VAL B 146 -1.35 24.54 28.41
C VAL B 146 -0.60 24.09 27.17
N GLY B 147 -1.33 23.64 26.14
CA GLY B 147 -0.70 23.16 24.93
C GLY B 147 0.05 24.22 24.14
N GLY B 148 -0.22 25.49 24.41
CA GLY B 148 0.43 26.57 23.70
C GLY B 148 1.44 27.32 24.55
N LEU B 149 2.07 26.62 25.49
CA LEU B 149 2.97 27.23 26.46
C LEU B 149 4.33 26.55 26.41
N GLY B 150 5.39 27.36 26.33
CA GLY B 150 6.73 26.88 26.49
C GLY B 150 7.27 27.27 27.85
N ARG B 151 8.25 26.50 28.34
CA ARG B 151 8.79 26.69 29.67
C ARG B 151 9.99 27.62 29.62
N VAL B 152 9.92 28.72 30.38
CA VAL B 152 10.97 29.72 30.40
C VAL B 152 11.91 29.37 31.55
N PRO B 153 13.21 29.17 31.29
CA PRO B 153 14.14 28.96 32.41
C PRO B 153 14.14 30.14 33.37
N ALA B 154 14.47 29.86 34.63
CA ALA B 154 14.45 30.91 35.65
C ALA B 154 15.50 31.97 35.39
N SER B 155 16.61 31.61 34.77
CA SER B 155 17.72 32.55 34.55
C SER B 155 17.48 33.45 33.33
N LEU B 156 16.38 33.27 32.60
CA LEU B 156 16.15 34.02 31.37
C LEU B 156 15.28 35.23 31.65
N PRO B 157 15.75 36.46 31.42
CA PRO B 157 14.90 37.63 31.68
C PRO B 157 13.62 37.58 30.85
N TRP B 158 12.56 38.20 31.39
CA TRP B 158 11.27 38.21 30.72
C TRP B 158 11.35 38.88 29.36
N ASN B 159 11.99 40.05 29.28
CA ASN B 159 12.10 40.77 28.02
C ASN B 159 12.68 39.89 26.93
N GLU B 160 13.80 39.21 27.22
CA GLU B 160 14.43 38.36 26.23
C GLU B 160 13.55 37.18 25.87
N ALA B 161 12.86 36.60 26.85
CA ALA B 161 12.02 35.43 26.59
C ALA B 161 10.86 35.77 25.65
N ALA B 162 10.37 37.01 25.72
CA ALA B 162 9.20 37.41 24.93
C ALA B 162 9.50 37.52 23.44
N THR B 163 10.76 37.40 23.03
CA THR B 163 11.13 37.51 21.62
C THR B 163 11.79 36.23 21.11
N VAL B 164 11.62 35.12 21.83
CA VAL B 164 12.28 33.88 21.45
C VAL B 164 11.49 33.13 20.39
N CYS B 165 10.16 33.16 20.48
CA CYS B 165 9.34 32.32 19.63
C CYS B 165 9.49 32.67 18.15
N CYS B 166 9.40 33.96 17.83
CA CYS B 166 9.44 34.40 16.44
C CYS B 166 10.86 34.57 15.92
N THR B 167 11.88 34.18 16.68
CA THR B 167 13.26 34.24 16.21
C THR B 167 13.91 32.87 16.36
N THR B 168 14.24 32.49 17.59
CA THR B 168 14.86 31.18 17.82
C THR B 168 13.86 30.06 17.61
N GLY B 169 12.61 30.26 18.01
CA GLY B 169 11.59 29.25 17.76
C GLY B 169 11.48 28.89 16.30
N THR B 170 11.32 29.91 15.44
CA THR B 170 11.31 29.68 14.01
C THR B 170 12.63 29.07 13.55
N ALA B 171 13.74 29.48 14.17
CA ALA B 171 15.04 28.97 13.76
C ALA B 171 15.16 27.47 14.03
N VAL B 172 14.74 27.03 15.22
CA VAL B 172 14.80 25.60 15.54
C VAL B 172 13.99 24.80 14.53
N HIS B 173 12.73 25.20 14.32
CA HIS B 173 11.88 24.50 13.36
C HIS B 173 12.49 24.52 11.96
N THR B 174 13.12 25.64 11.59
CA THR B 174 13.71 25.77 10.26
C THR B 174 15.00 24.98 10.14
N VAL B 175 15.96 25.27 11.02
CA VAL B 175 17.30 24.70 10.87
C VAL B 175 17.30 23.21 11.21
N ARG B 176 16.60 22.82 12.27
CA ARG B 176 16.69 21.47 12.79
C ARG B 176 15.53 20.58 12.35
N THR B 177 14.30 20.93 12.73
CA THR B 177 13.17 20.04 12.47
C THR B 177 12.99 19.80 10.98
N ARG B 178 12.89 20.88 10.21
CA ARG B 178 12.77 20.77 8.75
C ARG B 178 14.13 20.77 8.06
N GLY B 179 15.04 21.63 8.51
CA GLY B 179 16.35 21.71 7.88
C GLY B 179 17.14 20.42 7.99
N LYS B 180 17.09 19.78 9.16
CA LYS B 180 17.87 18.57 9.42
C LYS B 180 19.36 18.84 9.17
N VAL B 181 19.83 20.00 9.61
CA VAL B 181 21.22 20.40 9.40
C VAL B 181 22.13 19.53 10.24
N ARG B 182 23.19 19.02 9.63
CA ARG B 182 24.17 18.18 10.30
C ARG B 182 25.53 18.85 10.29
N ALA B 183 26.36 18.48 11.26
CA ALA B 183 27.68 19.07 11.38
C ALA B 183 28.50 18.79 10.12
N GLY B 184 29.10 19.84 9.58
CA GLY B 184 29.93 19.72 8.39
C GLY B 184 29.29 20.14 7.11
N GLU B 185 28.12 20.79 7.16
CA GLU B 185 27.42 21.25 5.97
C GLU B 185 27.57 22.75 5.81
N THR B 186 27.57 23.20 4.56
CA THR B 186 27.64 24.62 4.24
C THR B 186 26.23 25.17 4.15
N VAL B 187 25.90 26.10 5.04
CA VAL B 187 24.56 26.67 5.13
C VAL B 187 24.59 28.09 4.58
N LEU B 188 23.58 28.43 3.79
CA LEU B 188 23.38 29.79 3.30
C LEU B 188 22.15 30.37 3.97
N ILE B 189 22.24 31.63 4.39
CA ILE B 189 21.16 32.31 5.09
C ILE B 189 20.95 33.67 4.45
N THR B 190 19.77 33.88 3.88
CA THR B 190 19.38 35.19 3.36
C THR B 190 18.69 35.99 4.46
N GLY B 191 18.85 37.30 4.40
CA GLY B 191 18.32 38.15 5.45
C GLY B 191 18.85 37.79 6.82
N ALA B 192 20.14 37.44 6.90
CA ALA B 192 20.73 37.06 8.19
C ALA B 192 20.60 38.18 9.21
N SER B 193 20.64 39.44 8.77
CA SER B 193 20.51 40.58 9.67
C SER B 193 19.03 40.79 9.98
N GLY B 194 18.52 39.93 10.84
CA GLY B 194 17.11 39.99 11.21
C GLY B 194 16.81 38.96 12.27
N GLY B 195 15.67 39.16 12.93
CA GLY B 195 15.25 38.30 14.02
C GLY B 195 15.46 36.83 13.72
N VAL B 196 14.77 36.31 12.71
CA VAL B 196 14.89 34.89 12.36
C VAL B 196 16.29 34.58 11.87
N GLY B 197 16.84 35.43 11.00
CA GLY B 197 18.15 35.15 10.42
C GLY B 197 19.24 35.07 11.47
N LEU B 198 19.31 36.08 12.34
CA LEU B 198 20.37 36.10 13.35
C LEU B 198 20.33 34.85 14.21
N SER B 199 19.14 34.43 14.63
CA SER B 199 19.03 33.19 15.41
C SER B 199 19.43 31.98 14.58
N SER B 200 19.13 32.00 13.27
CA SER B 200 19.54 30.90 12.41
C SER B 200 21.06 30.82 12.30
N VAL B 201 21.73 31.98 12.19
CA VAL B 201 23.18 32.01 12.14
C VAL B 201 23.76 31.36 13.39
N GLN B 202 23.37 31.85 14.56
CA GLN B 202 23.91 31.33 15.81
C GLN B 202 23.64 29.84 15.96
N LEU B 203 22.47 29.38 15.51
CA LEU B 203 22.09 27.99 15.71
C LEU B 203 22.82 27.08 14.72
N ALA B 204 23.00 27.52 13.47
CA ALA B 204 23.71 26.72 12.50
C ALA B 204 25.16 26.52 12.91
N ARG B 205 25.89 27.61 13.16
CA ARG B 205 27.25 27.50 13.66
C ARG B 205 27.31 26.69 14.94
N LEU B 206 26.25 26.74 15.75
CA LEU B 206 26.19 25.92 16.95
C LEU B 206 26.10 24.43 16.61
N ASP B 207 25.41 24.09 15.52
CA ASP B 207 25.30 22.72 15.08
C ASP B 207 26.51 22.25 14.26
N GLY B 208 27.59 23.02 14.26
CA GLY B 208 28.81 22.62 13.59
C GLY B 208 28.73 22.73 12.08
N ALA B 209 28.27 23.87 11.57
CA ALA B 209 28.12 24.09 10.15
C ALA B 209 28.68 25.45 9.78
N ARG B 210 29.46 25.50 8.71
CA ARG B 210 29.96 26.77 8.20
C ARG B 210 28.79 27.59 7.67
N VAL B 211 28.74 28.87 8.06
CA VAL B 211 27.60 29.73 7.78
C VAL B 211 28.03 30.81 6.79
N ILE B 212 27.22 31.01 5.76
CA ILE B 212 27.39 32.10 4.81
C ILE B 212 26.17 33.00 4.92
N ALA B 213 26.38 34.25 5.30
CA ALA B 213 25.30 35.19 5.54
C ALA B 213 25.23 36.21 4.42
N VAL B 214 24.04 36.36 3.83
CA VAL B 214 23.76 37.39 2.85
C VAL B 214 22.93 38.47 3.53
N THR B 215 23.45 39.69 3.56
CA THR B 215 22.79 40.80 4.22
C THR B 215 22.58 41.94 3.23
N SER B 216 21.55 42.74 3.49
CA SER B 216 21.23 43.86 2.61
C SER B 216 22.16 45.03 2.84
N SER B 217 22.49 45.34 4.09
CA SER B 217 23.34 46.46 4.43
C SER B 217 24.74 45.98 4.80
N GLU B 218 25.74 46.80 4.44
CA GLU B 218 27.13 46.47 4.76
C GLU B 218 27.46 46.76 6.21
N ALA B 219 26.76 47.71 6.84
CA ALA B 219 27.04 48.07 8.22
C ALA B 219 26.62 46.98 9.21
N LYS B 220 25.81 46.01 8.78
CA LYS B 220 25.32 44.94 9.66
C LYS B 220 26.20 43.70 9.61
N VAL B 221 27.48 43.84 9.28
CA VAL B 221 28.37 42.70 9.18
C VAL B 221 29.12 42.45 10.49
N GLN B 222 29.44 43.51 11.23
CA GLN B 222 30.18 43.34 12.48
C GLN B 222 29.45 42.39 13.44
N ALA B 223 28.12 42.41 13.41
CA ALA B 223 27.36 41.52 14.28
C ALA B 223 27.29 40.10 13.72
N LEU B 224 27.07 39.97 12.41
CA LEU B 224 27.03 38.65 11.79
C LEU B 224 28.32 37.88 12.03
N LYS B 225 29.47 38.58 11.94
CA LYS B 225 30.75 37.93 12.20
C LYS B 225 30.80 37.39 13.62
N GLU B 226 30.58 38.27 14.61
CA GLU B 226 30.62 37.85 16.00
C GLU B 226 29.56 36.80 16.32
N ALA B 227 28.52 36.69 15.50
CA ALA B 227 27.46 35.72 15.71
C ALA B 227 27.83 34.32 15.27
N GLY B 228 29.01 34.14 14.66
CA GLY B 228 29.45 32.83 14.20
C GLY B 228 29.38 32.61 12.71
N ALA B 229 29.17 33.66 11.92
CA ALA B 229 29.09 33.53 10.47
C ALA B 229 30.50 33.38 9.90
N ASP B 230 30.85 32.16 9.48
CA ASP B 230 32.16 31.93 8.91
C ASP B 230 32.41 32.80 7.69
N GLU B 231 31.36 33.23 7.01
CA GLU B 231 31.48 34.12 5.87
C GLU B 231 30.27 35.05 5.84
N VAL B 232 30.50 36.27 5.34
CA VAL B 232 29.47 37.29 5.26
C VAL B 232 29.61 38.02 3.93
N ILE B 233 28.48 38.44 3.36
CA ILE B 233 28.47 39.12 2.08
C ILE B 233 27.28 40.08 2.04
N VAL B 234 27.52 41.30 1.59
CA VAL B 234 26.49 42.30 1.42
C VAL B 234 26.02 42.25 -0.04
N SER B 235 24.71 42.17 -0.25
CA SER B 235 24.17 42.05 -1.59
C SER B 235 22.72 42.50 -1.59
N ARG B 236 22.31 43.19 -2.66
CA ARG B 236 20.92 43.55 -2.83
C ARG B 236 20.04 42.34 -3.08
N GLY B 237 20.63 41.20 -3.44
CA GLY B 237 19.90 39.97 -3.65
C GLY B 237 19.92 39.45 -5.08
N LEU B 238 20.53 40.17 -6.01
CA LEU B 238 20.54 39.78 -7.41
C LEU B 238 21.93 39.39 -7.93
N ASP B 239 22.91 39.27 -7.03
CA ASP B 239 24.29 39.04 -7.47
C ASP B 239 25.09 38.08 -6.62
N PHE B 240 24.65 37.71 -5.41
CA PHE B 240 25.52 36.98 -4.50
C PHE B 240 25.82 35.56 -4.98
N ALA B 241 25.06 35.04 -5.94
CA ALA B 241 25.31 33.68 -6.42
C ALA B 241 26.75 33.52 -6.87
N SER B 242 27.27 34.51 -7.61
CA SER B 242 28.66 34.45 -8.06
C SER B 242 29.61 34.34 -6.87
N ASP B 243 29.38 35.13 -5.83
CA ASP B 243 30.29 35.14 -4.68
C ASP B 243 30.23 33.83 -3.91
N VAL B 244 29.03 33.30 -3.67
CA VAL B 244 28.89 32.06 -2.91
C VAL B 244 29.69 30.94 -3.58
N ARG B 245 29.58 30.83 -4.91
CA ARG B 245 30.32 29.82 -5.64
C ARG B 245 31.83 30.03 -5.48
N LYS B 246 32.28 31.28 -5.58
CA LYS B 246 33.72 31.56 -5.46
C LYS B 246 34.22 31.27 -4.05
N ARG B 247 33.44 31.64 -3.03
CA ARG B 247 33.90 31.47 -1.66
C ARG B 247 33.84 30.01 -1.21
N THR B 248 32.94 29.21 -1.77
CA THR B 248 32.80 27.80 -1.41
C THR B 248 33.63 26.89 -2.31
N GLN B 249 34.71 27.39 -2.90
CA GLN B 249 35.55 26.60 -3.79
C GLN B 249 34.75 26.06 -4.97
N GLY B 250 33.78 26.86 -5.44
CA GLY B 250 32.97 26.49 -6.58
C GLY B 250 32.07 25.29 -6.37
N ALA B 251 32.00 24.76 -5.14
CA ALA B 251 31.18 23.58 -4.89
C ALA B 251 29.73 23.94 -4.63
N GLY B 252 29.48 25.07 -3.96
CA GLY B 252 28.14 25.47 -3.58
C GLY B 252 27.85 25.11 -2.13
N VAL B 253 26.62 25.41 -1.73
CA VAL B 253 26.17 25.18 -0.36
C VAL B 253 25.29 23.94 -0.32
N ASP B 254 25.29 23.27 0.84
CA ASP B 254 24.45 22.10 1.02
C ASP B 254 23.02 22.48 1.40
N VAL B 255 22.86 23.55 2.18
CA VAL B 255 21.57 23.97 2.69
C VAL B 255 21.45 25.47 2.52
N ALA B 256 20.21 25.94 2.36
CA ALA B 256 19.92 27.37 2.27
C ALA B 256 18.69 27.68 3.10
N VAL B 257 18.83 28.63 4.02
CA VAL B 257 17.71 29.13 4.81
C VAL B 257 17.21 30.38 4.08
N GLU B 258 16.11 30.24 3.35
CA GLU B 258 15.55 31.33 2.56
C GLU B 258 14.56 32.11 3.42
N ILE B 259 14.99 33.25 3.94
CA ILE B 259 14.14 34.13 4.73
C ILE B 259 13.59 35.27 3.90
N VAL B 260 14.42 35.84 3.02
CA VAL B 260 13.97 36.94 2.18
C VAL B 260 12.88 36.48 1.23
N GLY B 261 13.15 35.39 0.50
CA GLY B 261 12.17 34.84 -0.42
C GLY B 261 12.39 35.23 -1.86
N SER B 262 11.36 35.83 -2.48
CA SER B 262 11.38 36.09 -3.91
C SER B 262 12.56 36.98 -4.30
N ALA B 263 12.89 37.97 -3.47
CA ALA B 263 13.93 38.92 -3.85
C ALA B 263 15.28 38.24 -4.04
N THR B 264 15.52 37.13 -3.35
CA THR B 264 16.79 36.43 -3.41
C THR B 264 16.67 34.98 -3.87
N PHE B 265 15.46 34.50 -4.16
CA PHE B 265 15.26 33.08 -4.46
C PHE B 265 16.09 32.67 -5.68
N ASP B 266 16.04 33.46 -6.74
CA ASP B 266 16.73 33.10 -7.98
C ASP B 266 18.21 32.81 -7.73
N GLN B 267 18.88 33.69 -6.99
CA GLN B 267 20.31 33.52 -6.74
C GLN B 267 20.60 32.43 -5.72
N THR B 268 19.65 32.12 -4.83
CA THR B 268 19.87 31.06 -3.86
C THR B 268 20.01 29.70 -4.55
N LEU B 269 19.11 29.41 -5.49
CA LEU B 269 19.17 28.13 -6.19
C LEU B 269 20.50 27.98 -6.93
N LYS B 270 20.90 29.02 -7.66
CA LYS B 270 22.18 28.98 -8.38
C LYS B 270 23.36 28.84 -7.43
N SER B 271 23.16 29.04 -6.12
CA SER B 271 24.20 28.86 -5.13
C SER B 271 24.22 27.46 -4.52
N MET B 272 23.25 26.62 -4.86
CA MET B 272 23.12 25.31 -4.26
C MET B 272 24.01 24.29 -4.95
N ALA B 273 24.60 23.40 -4.16
CA ALA B 273 25.36 22.28 -4.69
C ALA B 273 24.41 21.16 -5.10
N PRO B 274 24.90 20.17 -5.83
CA PRO B 274 24.03 19.04 -6.22
C PRO B 274 23.43 18.37 -4.99
N GLY B 275 22.13 18.08 -5.09
CA GLY B 275 21.42 17.46 -3.98
C GLY B 275 21.15 18.36 -2.80
N GLY B 276 21.46 19.65 -2.91
CA GLY B 276 21.20 20.55 -1.82
C GLY B 276 19.71 20.81 -1.62
N ARG B 277 19.37 21.33 -0.44
CA ARG B 277 18.00 21.56 -0.06
C ARG B 277 17.83 22.99 0.42
N VAL B 278 16.76 23.64 -0.04
CA VAL B 278 16.44 25.02 0.32
C VAL B 278 15.26 25.01 1.28
N VAL B 279 15.43 25.64 2.44
CA VAL B 279 14.39 25.73 3.45
C VAL B 279 13.81 27.13 3.37
N VAL B 280 12.55 27.24 2.94
CA VAL B 280 11.90 28.52 2.72
C VAL B 280 11.04 28.84 3.94
N VAL B 281 11.32 29.96 4.58
CA VAL B 281 10.60 30.36 5.79
C VAL B 281 9.88 31.69 5.65
N GLY B 282 10.23 32.52 4.66
CA GLY B 282 9.63 33.84 4.56
C GLY B 282 9.62 34.36 3.14
N ASN B 283 8.87 35.44 2.96
CA ASN B 283 8.74 36.08 1.65
C ASN B 283 8.35 37.55 1.93
N LEU B 284 9.37 38.39 2.14
CA LEU B 284 9.13 39.75 2.60
C LEU B 284 8.41 40.57 1.56
N GLU B 285 8.89 40.55 0.32
CA GLU B 285 8.25 41.31 -0.74
C GLU B 285 6.89 40.74 -1.14
N SER B 286 6.57 39.52 -0.70
CA SER B 286 5.33 38.85 -1.07
C SER B 286 5.21 38.66 -2.57
N GLY B 287 6.34 38.69 -3.28
CA GLY B 287 6.33 38.52 -4.72
C GLY B 287 6.48 37.08 -5.14
N MET B 288 6.09 36.80 -6.38
CA MET B 288 6.18 35.46 -6.93
C MET B 288 7.59 35.18 -7.43
N VAL B 289 7.81 33.94 -7.85
CA VAL B 289 9.11 33.46 -8.27
C VAL B 289 8.98 32.79 -9.63
N GLN B 290 9.92 33.10 -10.53
CA GLN B 290 10.02 32.42 -11.82
C GLN B 290 11.00 31.27 -11.67
N LEU B 291 10.52 30.18 -11.06
CA LEU B 291 11.37 29.04 -10.80
C LEU B 291 11.91 28.46 -12.09
N ASN B 292 13.20 28.10 -12.07
CA ASN B 292 13.87 27.51 -13.21
C ASN B 292 13.92 25.99 -13.02
N PRO B 293 13.09 25.20 -13.70
CA PRO B 293 13.12 23.75 -13.46
C PRO B 293 14.46 23.11 -13.78
N GLY B 294 15.22 23.69 -14.69
CA GLY B 294 16.49 23.12 -15.10
C GLY B 294 17.40 22.74 -13.94
N LEU B 295 17.92 23.74 -13.22
CA LEU B 295 18.83 23.45 -12.12
C LEU B 295 18.15 22.72 -10.98
N VAL B 296 16.82 22.71 -10.92
CA VAL B 296 16.12 21.91 -9.92
C VAL B 296 16.16 20.44 -10.31
N ILE B 297 15.94 20.13 -11.59
CA ILE B 297 15.95 18.75 -12.05
C ILE B 297 17.38 18.23 -12.09
N VAL B 298 18.26 18.93 -12.81
CA VAL B 298 19.62 18.46 -13.02
C VAL B 298 20.28 18.09 -11.71
N LYS B 299 20.21 19.00 -10.73
CA LYS B 299 20.88 18.81 -9.45
C LYS B 299 20.00 18.16 -8.41
N GLU B 300 18.79 17.71 -8.79
CA GLU B 300 17.85 17.08 -7.88
C GLU B 300 17.77 17.85 -6.55
N LEU B 301 17.53 19.15 -6.67
CA LEU B 301 17.46 20.00 -5.48
C LEU B 301 16.13 19.80 -4.77
N GLU B 302 16.11 20.21 -3.49
CA GLU B 302 14.94 20.08 -2.64
C GLU B 302 14.54 21.46 -2.14
N ILE B 303 13.26 21.79 -2.30
CA ILE B 303 12.70 23.03 -1.77
C ILE B 303 11.60 22.63 -0.80
N LEU B 304 11.80 22.92 0.48
CA LEU B 304 10.87 22.53 1.52
C LEU B 304 10.59 23.73 2.42
N GLY B 305 9.33 23.86 2.84
CA GLY B 305 8.90 24.99 3.64
C GLY B 305 8.84 24.67 5.12
N ALA B 306 9.02 25.71 5.94
CA ALA B 306 8.90 25.61 7.38
C ALA B 306 7.98 26.71 7.87
N TYR B 307 7.15 26.41 8.87
CA TYR B 307 6.13 27.34 9.30
C TYR B 307 5.86 27.16 10.80
N ALA B 308 5.60 28.28 11.48
CA ALA B 308 5.20 28.27 12.88
C ALA B 308 6.24 27.60 13.77
N THR B 309 5.89 27.41 15.05
CA THR B 309 6.79 26.79 16.01
C THR B 309 5.99 25.85 16.89
N THR B 310 6.64 24.77 17.30
CA THR B 310 6.02 23.75 18.15
C THR B 310 6.42 23.98 19.61
N GLN B 311 5.54 23.54 20.51
CA GLN B 311 5.83 23.64 21.94
C GLN B 311 7.19 23.06 22.26
N ALA B 312 7.48 21.85 21.75
CA ALA B 312 8.79 21.26 21.94
C ALA B 312 9.89 22.17 21.41
N GLU B 313 9.68 22.74 20.22
CA GLU B 313 10.69 23.60 19.62
C GLU B 313 10.88 24.86 20.44
N LEU B 314 9.80 25.44 20.96
CA LEU B 314 9.93 26.64 21.78
C LEU B 314 10.69 26.34 23.06
N ASP B 315 10.39 25.21 23.71
CA ASP B 315 11.13 24.81 24.90
C ASP B 315 12.62 24.75 24.61
N GLU B 316 12.99 24.14 23.49
CA GLU B 316 14.40 24.08 23.11
C GLU B 316 14.96 25.47 22.83
N ALA B 317 14.18 26.30 22.14
CA ALA B 317 14.62 27.67 21.87
C ALA B 317 14.88 28.42 23.16
N LEU B 318 13.91 28.42 24.08
CA LEU B 318 14.10 29.10 25.36
C LEU B 318 15.32 28.57 26.10
N ARG B 319 15.58 27.27 25.99
CA ARG B 319 16.77 26.70 26.63
C ARG B 319 18.04 27.24 25.98
N LEU B 320 18.06 27.35 24.65
CA LEU B 320 19.25 27.82 23.95
C LEU B 320 19.57 29.27 24.29
N THR B 321 18.55 30.08 24.60
CA THR B 321 18.79 31.45 24.99
C THR B 321 19.35 31.54 26.40
N ALA B 322 18.80 30.74 27.33
CA ALA B 322 19.34 30.71 28.68
C ALA B 322 20.73 30.12 28.72
N THR B 323 21.06 29.24 27.76
CA THR B 323 22.40 28.68 27.67
C THR B 323 23.40 29.68 27.08
N GLY B 324 22.95 30.52 26.15
CA GLY B 324 23.82 31.41 25.42
C GLY B 324 24.15 30.95 24.03
N GLY B 325 23.80 29.71 23.66
CA GLY B 325 24.09 29.23 22.32
C GLY B 325 23.49 30.12 21.24
N VAL B 326 22.26 30.56 21.43
CA VAL B 326 21.58 31.47 20.52
C VAL B 326 21.31 32.74 21.33
N ARG B 327 22.20 33.72 21.21
CA ARG B 327 22.07 34.95 21.97
C ARG B 327 20.95 35.82 21.40
N GLN B 328 20.01 36.19 22.25
CA GLN B 328 18.93 37.08 21.86
C GLN B 328 19.44 38.53 21.85
N PHE B 329 18.80 39.35 21.03
CA PHE B 329 19.16 40.76 20.88
C PHE B 329 17.89 41.61 20.95
N VAL B 330 17.74 42.35 22.04
CA VAL B 330 16.59 43.23 22.25
C VAL B 330 17.06 44.67 22.14
N THR B 331 16.39 45.44 21.28
CA THR B 331 16.75 46.84 21.10
C THR B 331 16.22 47.69 22.25
N ASP B 332 14.90 47.90 22.29
CA ASP B 332 14.28 48.78 23.27
C ASP B 332 13.04 48.11 23.85
N ALA B 333 12.86 48.27 25.15
CA ALA B 333 11.65 47.83 25.85
C ALA B 333 10.76 49.03 26.09
N VAL B 334 9.52 48.96 25.62
CA VAL B 334 8.62 50.11 25.64
C VAL B 334 7.47 49.83 26.62
N PRO B 335 6.98 50.84 27.34
CA PRO B 335 5.78 50.62 28.16
C PRO B 335 4.60 50.18 27.30
N LEU B 336 3.77 49.31 27.87
CA LEU B 336 2.62 48.77 27.13
C LEU B 336 1.72 49.89 26.64
N ALA B 337 1.56 50.96 27.41
CA ALA B 337 0.67 52.04 27.02
C ALA B 337 1.09 52.68 25.71
N GLU B 338 2.40 52.65 25.40
CA GLU B 338 2.94 53.24 24.18
C GLU B 338 3.04 52.24 23.05
N ALA B 339 2.08 51.32 22.95
CA ALA B 339 2.09 50.32 21.89
C ALA B 339 1.91 50.96 20.52
N ALA B 340 1.06 51.99 20.44
CA ALA B 340 0.86 52.69 19.17
C ALA B 340 2.18 53.20 18.62
N LYS B 341 3.03 53.76 19.48
CA LYS B 341 4.33 54.24 19.02
C LYS B 341 5.22 53.08 18.62
N ALA B 342 5.13 51.96 19.34
CA ALA B 342 5.93 50.79 18.99
C ALA B 342 5.58 50.28 17.59
N HIS B 343 4.29 50.22 17.27
CA HIS B 343 3.88 49.81 15.93
C HIS B 343 4.37 50.81 14.88
N PHE B 344 4.26 52.10 15.18
CA PHE B 344 4.74 53.12 14.25
C PHE B 344 6.22 52.94 13.95
N ARG B 345 7.02 52.75 15.00
CA ARG B 345 8.46 52.57 14.82
C ARG B 345 8.75 51.38 13.92
N LEU B 346 7.99 50.29 14.08
CA LEU B 346 8.28 49.08 13.32
C LEU B 346 7.87 49.23 11.86
N GLU B 347 6.75 49.91 11.60
CA GLU B 347 6.32 50.12 10.22
C GLU B 347 7.38 50.88 9.44
N ASN B 348 7.89 51.98 10.00
CA ASN B 348 8.93 52.77 9.36
C ASN B 348 10.31 52.17 9.51
N ARG B 349 10.41 50.93 9.98
CA ARG B 349 11.70 50.24 10.11
C ARG B 349 12.69 51.05 10.94
N GLU B 350 12.17 51.79 11.93
CA GLU B 350 13.01 52.53 12.86
C GLU B 350 13.43 51.69 14.07
N VAL B 351 13.60 50.38 13.87
CA VAL B 351 14.00 49.47 14.94
C VAL B 351 15.00 48.48 14.36
N ALA B 352 16.20 48.45 14.92
CA ALA B 352 17.26 47.52 14.50
C ALA B 352 17.38 46.47 15.60
N GLY B 353 16.56 45.43 15.50
CA GLY B 353 16.49 44.38 16.49
C GLY B 353 15.03 44.06 16.78
N ARG B 354 14.79 43.50 17.96
CA ARG B 354 13.45 43.14 18.40
C ARG B 354 13.00 44.08 19.51
N LEU B 355 11.71 44.43 19.47
CA LEU B 355 11.11 45.37 20.41
C LEU B 355 10.07 44.64 21.25
N VAL B 356 9.96 45.01 22.52
CA VAL B 356 9.09 44.34 23.46
C VAL B 356 8.28 45.37 24.24
N LEU B 357 7.04 45.00 24.59
CA LEU B 357 6.17 45.83 25.39
C LEU B 357 6.10 45.28 26.81
N VAL B 358 6.11 46.19 27.79
CA VAL B 358 6.15 45.82 29.21
C VAL B 358 4.91 46.38 29.89
N PRO B 359 3.96 45.55 30.32
CA PRO B 359 2.78 46.07 31.01
C PRO B 359 3.14 46.70 32.33
N PRO B 360 2.27 47.53 32.91
CA PRO B 360 2.56 48.09 34.23
C PRO B 360 2.50 47.03 35.32
N GLU B 361 3.22 47.29 36.40
CA GLU B 361 3.29 46.37 37.53
C GLU B 361 2.22 46.69 38.56
N HIS C 17 -31.47 -2.26 44.42
CA HIS C 17 -32.37 -2.47 43.25
C HIS C 17 -31.76 -1.86 41.99
N MET C 18 -32.46 -2.03 40.86
CA MET C 18 -31.95 -1.59 39.58
C MET C 18 -32.99 -1.78 38.48
N LYS C 19 -33.04 -0.86 37.52
CA LYS C 19 -33.97 -0.95 36.41
C LYS C 19 -33.30 -1.61 35.22
N ALA C 20 -34.06 -2.44 34.51
CA ALA C 20 -33.51 -3.19 33.38
C ALA C 20 -34.65 -3.65 32.49
N VAL C 21 -34.32 -3.94 31.23
CA VAL C 21 -35.25 -4.50 30.28
C VAL C 21 -34.98 -6.00 30.18
N VAL C 22 -36.04 -6.80 30.28
CA VAL C 22 -35.91 -8.25 30.36
C VAL C 22 -36.82 -8.89 29.32
N LEU C 23 -36.40 -10.05 28.82
CA LEU C 23 -37.18 -10.85 27.90
C LEU C 23 -37.25 -12.27 28.45
N ARG C 24 -38.44 -12.70 28.85
CA ARG C 24 -38.64 -14.05 29.38
C ARG C 24 -39.33 -14.98 28.39
N SER C 25 -39.98 -14.44 27.37
CA SER C 25 -40.70 -15.23 26.37
C SER C 25 -40.37 -14.70 24.99
N PHE C 26 -39.83 -15.57 24.13
CA PHE C 26 -39.55 -15.18 22.76
C PHE C 26 -40.84 -14.86 22.02
N GLY C 27 -40.70 -14.29 20.83
CA GLY C 27 -41.84 -14.04 19.98
C GLY C 27 -41.85 -12.68 19.31
N GLU C 28 -42.61 -11.74 19.88
CA GLU C 28 -42.85 -10.45 19.25
C GLU C 28 -41.89 -9.38 19.79
N ALA C 29 -41.86 -8.24 19.10
CA ALA C 29 -40.99 -7.15 19.50
C ALA C 29 -41.42 -6.53 20.82
N GLY C 30 -42.72 -6.56 21.12
CA GLY C 30 -43.23 -5.96 22.33
C GLY C 30 -43.05 -6.78 23.59
N ASN C 31 -42.46 -7.96 23.51
CA ASN C 31 -42.28 -8.82 24.69
C ASN C 31 -41.14 -8.33 25.58
N LEU C 32 -40.37 -7.34 25.16
CA LEU C 32 -39.27 -6.80 25.97
C LEU C 32 -39.89 -6.01 27.12
N LYS C 33 -39.87 -6.61 28.32
CA LYS C 33 -40.54 -6.07 29.49
C LYS C 33 -39.55 -5.31 30.35
N MET C 34 -39.93 -4.10 30.79
CA MET C 34 -39.09 -3.27 31.63
C MET C 34 -39.32 -3.69 33.09
N GLU C 35 -38.57 -4.70 33.52
CA GLU C 35 -38.68 -5.21 34.88
C GLU C 35 -37.67 -4.52 35.79
N THR C 36 -38.11 -4.14 36.98
CA THR C 36 -37.21 -3.65 38.01
C THR C 36 -36.49 -4.84 38.63
N MET C 37 -35.16 -4.86 38.51
CA MET C 37 -34.39 -6.03 38.90
C MET C 37 -33.41 -5.69 40.01
N PRO C 38 -32.79 -6.69 40.64
CA PRO C 38 -31.75 -6.41 41.64
C PRO C 38 -30.43 -6.07 40.99
N MET C 39 -29.62 -5.30 41.72
CA MET C 39 -28.30 -4.93 41.22
C MET C 39 -27.34 -6.10 41.38
N PRO C 40 -26.55 -6.43 40.37
CA PRO C 40 -25.61 -7.55 40.49
C PRO C 40 -24.35 -7.14 41.22
N ARG C 41 -23.69 -8.15 41.81
CA ARG C 41 -22.46 -7.94 42.56
C ARG C 41 -21.33 -8.70 41.87
N PRO C 42 -20.16 -8.09 41.70
CA PRO C 42 -19.07 -8.78 41.01
C PRO C 42 -18.40 -9.82 41.88
N GLY C 43 -17.91 -10.87 41.22
CA GLY C 43 -17.16 -11.92 41.88
C GLY C 43 -15.67 -11.67 41.79
N ARG C 44 -14.90 -12.74 42.02
CA ARG C 44 -13.46 -12.66 41.90
C ARG C 44 -13.07 -12.52 40.43
N GLY C 45 -12.28 -11.48 40.13
CA GLY C 45 -11.92 -11.21 38.75
C GLY C 45 -13.03 -10.61 37.93
N GLU C 46 -13.91 -9.83 38.56
CA GLU C 46 -15.03 -9.21 37.88
C GLU C 46 -15.17 -7.77 38.34
N VAL C 47 -16.03 -7.02 37.66
CA VAL C 47 -16.24 -5.60 37.95
C VAL C 47 -17.70 -5.26 37.67
N LEU C 48 -18.20 -4.26 38.39
CA LEU C 48 -19.55 -3.75 38.19
C LEU C 48 -19.50 -2.51 37.31
N LEU C 49 -20.38 -2.44 36.33
CA LEU C 49 -20.39 -1.36 35.35
C LEU C 49 -21.73 -0.63 35.36
N ARG C 50 -21.66 0.70 35.33
CA ARG C 50 -22.85 1.54 35.18
C ARG C 50 -23.03 1.81 33.68
N VAL C 51 -24.10 1.27 33.11
CA VAL C 51 -24.29 1.32 31.66
C VAL C 51 -24.71 2.72 31.25
N HIS C 52 -23.93 3.33 30.36
CA HIS C 52 -24.27 4.62 29.78
C HIS C 52 -24.92 4.50 28.41
N ALA C 53 -24.73 3.38 27.71
CA ALA C 53 -25.25 3.21 26.36
C ALA C 53 -25.09 1.76 25.95
N CYS C 54 -25.98 1.30 25.07
CA CYS C 54 -25.95 -0.08 24.59
C CYS C 54 -26.56 -0.13 23.19
N GLY C 55 -25.77 -0.60 22.22
CA GLY C 55 -26.25 -0.69 20.86
C GLY C 55 -27.10 -1.92 20.60
N VAL C 56 -27.92 -1.83 19.56
CA VAL C 56 -28.82 -2.90 19.16
C VAL C 56 -28.44 -3.32 17.75
N CYS C 57 -27.69 -4.40 17.62
CA CYS C 57 -27.37 -4.96 16.31
C CYS C 57 -28.30 -6.14 16.04
N TYR C 58 -28.55 -6.41 14.76
CA TYR C 58 -29.61 -7.32 14.36
C TYR C 58 -29.47 -8.70 14.99
N HIS C 59 -28.30 -9.05 15.51
CA HIS C 59 -28.15 -10.32 16.22
C HIS C 59 -29.08 -10.37 17.43
N ASP C 60 -29.38 -9.23 18.05
CA ASP C 60 -30.31 -9.21 19.16
C ASP C 60 -31.73 -9.53 18.71
N VAL C 61 -32.12 -9.04 17.52
CA VAL C 61 -33.42 -9.41 16.97
C VAL C 61 -33.47 -10.92 16.75
N ILE C 62 -32.36 -11.51 16.31
CA ILE C 62 -32.30 -12.96 16.18
C ILE C 62 -32.48 -13.62 17.53
N ASN C 63 -31.85 -13.07 18.57
CA ASN C 63 -31.99 -13.63 19.91
C ASN C 63 -33.40 -13.43 20.46
N ARG C 64 -34.08 -12.34 20.05
CA ARG C 64 -35.46 -12.16 20.45
C ARG C 64 -36.32 -13.35 20.06
N ARG C 65 -35.86 -14.16 19.12
CA ARG C 65 -36.50 -15.42 18.77
C ARG C 65 -35.58 -16.57 19.16
N GLY C 66 -36.14 -17.78 19.18
CA GLY C 66 -35.39 -18.94 19.60
C GLY C 66 -34.49 -19.51 18.52
N ASN C 67 -33.18 -19.40 18.71
CA ASN C 67 -32.22 -19.91 17.74
C ASN C 67 -30.99 -20.47 18.45
N GLU C 80 -23.62 -5.54 23.27
CA GLU C 80 -22.67 -4.50 22.89
C GLU C 80 -23.01 -3.18 23.58
N ALA C 81 -22.31 -2.91 24.68
CA ALA C 81 -22.57 -1.73 25.49
C ALA C 81 -21.26 -1.17 26.00
N ALA C 82 -21.34 -0.04 26.71
CA ALA C 82 -20.18 0.59 27.31
C ALA C 82 -20.64 1.40 28.52
N GLY C 83 -19.80 1.44 29.55
CA GLY C 83 -20.16 2.13 30.76
C GLY C 83 -18.94 2.41 31.62
N GLU C 84 -19.20 2.91 32.81
CA GLU C 84 -18.16 3.28 33.77
C GLU C 84 -18.02 2.20 34.84
N VAL C 85 -16.79 2.01 35.30
CA VAL C 85 -16.51 1.06 36.37
C VAL C 85 -16.75 1.76 37.70
N ILE C 86 -17.76 1.30 38.44
CA ILE C 86 -18.12 1.91 39.72
C ILE C 86 -17.62 1.09 40.89
N GLU C 87 -17.66 -0.24 40.78
CA GLU C 87 -17.19 -1.14 41.83
C GLU C 87 -16.32 -2.21 41.20
N VAL C 88 -15.12 -2.37 41.75
CA VAL C 88 -14.16 -3.37 41.29
C VAL C 88 -14.20 -4.55 42.24
N GLY C 89 -14.14 -5.76 41.68
CA GLY C 89 -14.14 -6.97 42.47
C GLY C 89 -12.73 -7.45 42.77
N PRO C 90 -12.60 -8.44 43.65
CA PRO C 90 -11.27 -8.96 43.97
C PRO C 90 -10.58 -9.53 42.74
N ASP C 91 -9.25 -9.62 42.82
CA ASP C 91 -8.43 -10.14 41.72
C ASP C 91 -8.70 -9.39 40.42
N THR C 92 -8.81 -8.08 40.52
CA THR C 92 -9.00 -7.20 39.36
C THR C 92 -7.94 -6.12 39.46
N PRO C 93 -6.71 -6.39 38.99
CA PRO C 93 -5.61 -5.46 39.25
C PRO C 93 -5.65 -4.25 38.33
N GLY C 94 -5.84 -4.50 37.04
CA GLY C 94 -5.73 -3.44 36.05
C GLY C 94 -6.79 -2.36 36.16
N TRP C 95 -7.85 -2.61 36.90
CA TRP C 95 -9.04 -1.76 36.86
C TRP C 95 -9.29 -1.06 38.19
N LYS C 96 -9.85 0.14 38.09
CA LYS C 96 -10.14 0.99 39.23
C LYS C 96 -11.58 1.47 39.14
N THR C 97 -11.94 2.42 39.99
CA THR C 97 -13.21 3.11 39.85
C THR C 97 -13.11 4.20 38.79
N GLY C 98 -14.21 4.42 38.08
CA GLY C 98 -14.25 5.43 37.04
C GLY C 98 -13.61 5.05 35.73
N ASP C 99 -12.89 3.93 35.67
CA ASP C 99 -12.29 3.49 34.42
C ASP C 99 -13.35 3.32 33.36
N ARG C 100 -13.02 3.70 32.12
CA ARG C 100 -13.90 3.50 30.98
C ARG C 100 -13.68 2.11 30.40
N ALA C 101 -14.78 1.44 30.04
CA ALA C 101 -14.70 0.08 29.53
C ALA C 101 -15.87 -0.19 28.59
N ALA C 102 -15.61 -1.03 27.59
CA ALA C 102 -16.63 -1.53 26.70
C ALA C 102 -16.54 -3.05 26.65
N THR C 103 -17.68 -3.68 26.40
CA THR C 103 -17.79 -5.13 26.50
C THR C 103 -17.73 -5.77 25.11
N LEU C 104 -17.11 -6.95 25.05
CA LEU C 104 -17.18 -7.78 23.86
C LEU C 104 -18.57 -8.44 23.78
N GLN C 105 -18.74 -9.30 22.78
CA GLN C 105 -19.93 -10.13 22.69
C GLN C 105 -19.71 -11.52 23.24
N ARG C 106 -18.51 -12.07 23.09
CA ARG C 106 -18.18 -13.43 23.52
C ARG C 106 -17.09 -13.37 24.57
N MET C 107 -17.31 -14.05 25.69
CA MET C 107 -16.27 -14.20 26.69
C MET C 107 -15.26 -15.23 26.23
N SER C 108 -14.02 -15.08 26.69
CA SER C 108 -12.93 -15.96 26.28
C SER C 108 -12.09 -16.34 27.48
N CYS C 109 -11.96 -17.63 27.72
CA CYS C 109 -11.09 -18.10 28.79
C CYS C 109 -9.65 -17.66 28.53
N GLY C 110 -8.82 -17.79 29.55
CA GLY C 110 -7.47 -17.28 29.48
C GLY C 110 -6.50 -18.13 28.68
N ASP C 111 -6.20 -19.34 29.17
CA ASP C 111 -5.13 -20.17 28.62
C ASP C 111 -5.68 -21.54 28.25
N CYS C 112 -6.23 -21.66 27.04
CA CYS C 112 -6.51 -22.94 26.42
C CYS C 112 -5.50 -23.17 25.31
N ALA C 113 -5.72 -24.23 24.52
CA ALA C 113 -4.83 -24.48 23.40
C ALA C 113 -5.05 -23.48 22.27
N LEU C 114 -6.28 -22.98 22.11
CA LEU C 114 -6.61 -22.07 21.03
C LEU C 114 -6.44 -20.61 21.42
N CYS C 115 -6.56 -20.28 22.71
CA CYS C 115 -6.34 -18.90 23.15
C CYS C 115 -4.87 -18.55 23.07
N ARG C 116 -4.02 -19.34 23.73
CA ARG C 116 -2.57 -19.11 23.64
C ARG C 116 -2.10 -19.14 22.20
N SER C 117 -2.82 -19.84 21.33
CA SER C 117 -2.52 -19.83 19.90
C SER C 117 -3.11 -18.61 19.19
N GLY C 118 -3.93 -17.81 19.87
CA GLY C 118 -4.56 -16.65 19.28
C GLY C 118 -5.94 -16.90 18.72
N ARG C 119 -6.43 -18.14 18.74
CA ARG C 119 -7.75 -18.47 18.22
C ARG C 119 -8.78 -18.43 19.36
N ASN C 120 -8.94 -17.23 19.91
CA ASN C 120 -9.80 -17.04 21.07
C ASN C 120 -11.28 -17.15 20.73
N SER C 121 -11.65 -16.97 19.46
CA SER C 121 -13.04 -17.04 19.04
C SER C 121 -13.58 -18.47 18.96
N LEU C 122 -12.74 -19.47 19.21
CA LEU C 122 -13.14 -20.86 19.14
C LEU C 122 -13.06 -21.57 20.48
N CYS C 123 -12.74 -20.85 21.56
CA CYS C 123 -12.59 -21.47 22.87
C CYS C 123 -13.92 -22.03 23.36
N LYS C 124 -13.90 -23.27 23.85
CA LYS C 124 -15.08 -23.91 24.40
C LYS C 124 -15.09 -23.96 25.92
N THR C 125 -13.96 -23.65 26.57
CA THR C 125 -13.89 -23.70 28.02
C THR C 125 -14.77 -22.61 28.64
N ASP C 126 -14.68 -21.39 28.12
CA ASP C 126 -15.50 -20.26 28.58
C ASP C 126 -16.18 -19.67 27.33
N ASN C 127 -17.32 -20.24 26.96
CA ASN C 127 -18.09 -19.79 25.81
C ASN C 127 -19.17 -18.77 26.20
N ARG C 128 -19.09 -18.21 27.40
CA ARG C 128 -20.10 -17.26 27.85
C ARG C 128 -20.20 -16.08 26.89
N PHE C 129 -21.42 -15.72 26.53
CA PHE C 129 -21.70 -14.62 25.63
C PHE C 129 -22.60 -13.61 26.32
N PHE C 130 -22.22 -12.33 26.27
CA PHE C 130 -23.02 -11.28 26.88
C PHE C 130 -24.40 -11.23 26.23
N GLY C 131 -25.38 -10.83 27.03
CA GLY C 131 -26.76 -10.85 26.59
C GLY C 131 -27.38 -12.24 26.56
N GLU C 132 -26.62 -13.27 26.92
CA GLU C 132 -27.12 -14.63 26.97
C GLU C 132 -26.86 -15.21 28.36
N GLU C 133 -25.73 -15.90 28.53
CA GLU C 133 -25.38 -16.43 29.84
C GLU C 133 -25.11 -15.30 30.83
N LEU C 134 -24.45 -14.21 30.36
CA LEU C 134 -24.21 -13.07 31.22
C LEU C 134 -25.28 -12.01 31.00
N PRO C 135 -25.80 -11.40 32.07
CA PRO C 135 -26.89 -10.42 31.89
C PRO C 135 -26.53 -9.39 30.84
N GLY C 136 -27.46 -9.17 29.91
CA GLY C 136 -27.22 -8.27 28.80
C GLY C 136 -26.93 -6.84 29.24
N GLY C 137 -26.79 -5.96 28.26
CA GLY C 137 -26.54 -4.55 28.51
C GLY C 137 -27.77 -3.67 28.46
N TYR C 138 -28.97 -4.25 28.42
CA TYR C 138 -30.21 -3.50 28.47
C TYR C 138 -30.59 -3.10 29.90
N ALA C 139 -29.61 -3.06 30.80
CA ALA C 139 -29.84 -2.71 32.19
C ALA C 139 -28.97 -1.52 32.57
N GLN C 140 -29.41 -0.77 33.58
CA GLN C 140 -28.61 0.35 34.06
C GLN C 140 -27.28 -0.10 34.65
N PHE C 141 -27.16 -1.38 35.00
CA PHE C 141 -25.93 -1.92 35.56
C PHE C 141 -25.70 -3.31 35.00
N MET C 142 -24.45 -3.76 35.07
CA MET C 142 -24.10 -5.10 34.65
C MET C 142 -22.69 -5.41 35.13
N VAL C 143 -22.42 -6.70 35.34
CA VAL C 143 -21.11 -7.18 35.73
C VAL C 143 -20.45 -7.80 34.51
N ALA C 144 -19.12 -7.75 34.48
CA ALA C 144 -18.37 -8.33 33.37
C ALA C 144 -17.01 -8.78 33.90
N PRO C 145 -16.55 -9.97 33.55
CA PRO C 145 -15.18 -10.36 33.91
C PRO C 145 -14.15 -9.41 33.30
N VAL C 146 -12.93 -9.49 33.83
CA VAL C 146 -11.87 -8.59 33.40
C VAL C 146 -11.57 -8.80 31.91
N GLY C 147 -11.41 -10.05 31.50
CA GLY C 147 -10.94 -10.37 30.16
C GLY C 147 -11.92 -10.05 29.05
N GLY C 148 -13.16 -9.67 29.39
CA GLY C 148 -14.15 -9.37 28.38
C GLY C 148 -14.40 -7.89 28.19
N LEU C 149 -13.45 -7.06 28.61
CA LEU C 149 -13.60 -5.61 28.57
C LEU C 149 -12.44 -4.99 27.81
N GLY C 150 -12.75 -3.90 27.11
CA GLY C 150 -11.75 -3.10 26.44
C GLY C 150 -11.79 -1.66 26.90
N ARG C 151 -10.63 -1.10 27.24
CA ARG C 151 -10.58 0.27 27.74
C ARG C 151 -11.04 1.24 26.66
N VAL C 152 -12.02 2.08 27.00
CA VAL C 152 -12.55 3.07 26.08
C VAL C 152 -11.80 4.38 26.32
N PRO C 153 -11.19 4.98 25.29
CA PRO C 153 -10.52 6.27 25.48
C PRO C 153 -11.48 7.33 25.99
N ALA C 154 -10.94 8.30 26.71
CA ALA C 154 -11.77 9.38 27.27
C ALA C 154 -12.41 10.25 26.21
N SER C 155 -11.85 10.27 24.99
CA SER C 155 -12.38 11.12 23.93
C SER C 155 -13.70 10.61 23.37
N LEU C 156 -14.02 9.34 23.59
CA LEU C 156 -15.17 8.72 22.94
C LEU C 156 -16.45 9.07 23.67
N PRO C 157 -17.46 9.66 22.99
CA PRO C 157 -18.80 9.68 23.55
C PRO C 157 -19.28 8.25 23.79
N TRP C 158 -20.19 8.10 24.76
CA TRP C 158 -20.64 6.77 25.13
C TRP C 158 -21.45 6.10 24.02
N ASN C 159 -22.32 6.87 23.36
CA ASN C 159 -23.15 6.30 22.30
C ASN C 159 -22.31 5.64 21.23
N GLU C 160 -21.26 6.33 20.76
CA GLU C 160 -20.42 5.77 19.72
C GLU C 160 -19.57 4.62 20.24
N ALA C 161 -19.15 4.68 21.50
CA ALA C 161 -18.31 3.62 22.06
C ALA C 161 -19.05 2.29 22.15
N ALA C 162 -20.38 2.34 22.37
CA ALA C 162 -21.15 1.12 22.54
C ALA C 162 -21.41 0.39 21.22
N THR C 163 -21.18 1.05 20.08
CA THR C 163 -21.39 0.46 18.77
C THR C 163 -20.08 0.11 18.07
N VAL C 164 -18.97 0.07 18.81
CA VAL C 164 -17.67 -0.18 18.20
C VAL C 164 -17.44 -1.67 17.99
N CYS C 165 -17.65 -2.47 19.04
CA CYS C 165 -17.21 -3.85 19.01
C CYS C 165 -17.85 -4.63 17.86
N CYS C 166 -19.12 -4.37 17.57
CA CYS C 166 -19.82 -5.10 16.53
C CYS C 166 -19.72 -4.44 15.16
N THR C 167 -19.01 -3.31 15.05
CA THR C 167 -18.76 -2.70 13.76
C THR C 167 -17.26 -2.71 13.47
N THR C 168 -16.52 -1.77 14.05
CA THR C 168 -15.08 -1.74 13.86
C THR C 168 -14.42 -2.96 14.51
N GLY C 169 -14.92 -3.39 15.66
CA GLY C 169 -14.36 -4.58 16.29
C GLY C 169 -14.43 -5.79 15.39
N THR C 170 -15.56 -5.95 14.69
CA THR C 170 -15.67 -7.03 13.70
C THR C 170 -14.77 -6.75 12.49
N ALA C 171 -14.58 -5.47 12.14
CA ALA C 171 -13.72 -5.14 11.01
C ALA C 171 -12.27 -5.53 11.28
N VAL C 172 -11.79 -5.27 12.50
CA VAL C 172 -10.41 -5.62 12.84
C VAL C 172 -10.19 -7.13 12.70
N HIS C 173 -11.10 -7.92 13.28
CA HIS C 173 -10.95 -9.37 13.21
C HIS C 173 -11.04 -9.88 11.78
N THR C 174 -11.87 -9.24 10.96
CA THR C 174 -12.05 -9.67 9.58
C THR C 174 -10.93 -9.17 8.69
N VAL C 175 -10.70 -7.85 8.70
CA VAL C 175 -9.76 -7.24 7.76
C VAL C 175 -8.32 -7.56 8.15
N ARG C 176 -8.00 -7.46 9.44
CA ARG C 176 -6.61 -7.60 9.88
C ARG C 176 -6.27 -9.02 10.33
N THR C 177 -6.96 -9.51 11.37
CA THR C 177 -6.55 -10.78 11.98
C THR C 177 -6.72 -11.94 11.01
N ARG C 178 -7.92 -12.10 10.45
CA ARG C 178 -8.18 -13.24 9.58
C ARG C 178 -7.75 -12.95 8.15
N GLY C 179 -8.33 -11.92 7.53
CA GLY C 179 -8.01 -11.61 6.15
C GLY C 179 -6.56 -11.24 5.94
N LYS C 180 -5.94 -10.58 6.93
CA LYS C 180 -4.55 -10.14 6.83
C LYS C 180 -4.34 -9.26 5.60
N VAL C 181 -5.18 -8.23 5.49
CA VAL C 181 -5.03 -7.29 4.38
C VAL C 181 -3.67 -6.61 4.47
N ARG C 182 -3.02 -6.47 3.33
CA ARG C 182 -1.71 -5.82 3.25
C ARG C 182 -1.81 -4.60 2.34
N ALA C 183 -0.97 -3.62 2.63
CA ALA C 183 -0.89 -2.44 1.77
C ALA C 183 -0.54 -2.86 0.34
N GLY C 184 -1.25 -2.27 -0.62
CA GLY C 184 -1.06 -2.63 -2.01
C GLY C 184 -2.00 -3.69 -2.52
N GLU C 185 -3.05 -4.02 -1.78
CA GLU C 185 -4.06 -4.99 -2.19
C GLU C 185 -5.40 -4.29 -2.41
N THR C 186 -6.25 -4.95 -3.18
CA THR C 186 -7.60 -4.46 -3.46
C THR C 186 -8.61 -5.34 -2.75
N VAL C 187 -9.54 -4.72 -2.04
CA VAL C 187 -10.51 -5.43 -1.20
C VAL C 187 -11.90 -5.22 -1.77
N LEU C 188 -12.63 -6.31 -1.92
CA LEU C 188 -14.05 -6.27 -2.26
C LEU C 188 -14.87 -6.44 -0.99
N ILE C 189 -15.95 -5.65 -0.88
CA ILE C 189 -16.83 -5.69 0.28
C ILE C 189 -18.26 -5.74 -0.24
N THR C 190 -18.91 -6.89 -0.04
CA THR C 190 -20.32 -7.05 -0.38
C THR C 190 -21.19 -6.65 0.81
N GLY C 191 -22.37 -6.12 0.50
CA GLY C 191 -23.21 -5.56 1.56
C GLY C 191 -22.48 -4.51 2.37
N ALA C 192 -21.74 -3.62 1.69
CA ALA C 192 -20.89 -2.65 2.37
C ALA C 192 -21.67 -1.63 3.17
N SER C 193 -22.98 -1.51 2.96
CA SER C 193 -23.81 -0.62 3.77
C SER C 193 -24.20 -1.36 5.04
N GLY C 194 -23.68 -0.90 6.16
CA GLY C 194 -23.93 -1.54 7.43
C GLY C 194 -22.80 -1.29 8.40
N GLY C 195 -23.02 -1.71 9.64
CA GLY C 195 -22.03 -1.46 10.68
C GLY C 195 -20.68 -2.05 10.33
N VAL C 196 -20.65 -3.32 9.93
CA VAL C 196 -19.38 -3.98 9.61
C VAL C 196 -18.83 -3.45 8.28
N GLY C 197 -19.71 -3.20 7.32
CA GLY C 197 -19.27 -2.74 6.01
C GLY C 197 -18.54 -1.41 6.05
N LEU C 198 -19.19 -0.38 6.60
CA LEU C 198 -18.59 0.95 6.59
C LEU C 198 -17.32 0.99 7.41
N SER C 199 -17.20 0.16 8.44
CA SER C 199 -15.96 0.09 9.20
C SER C 199 -14.88 -0.68 8.44
N SER C 200 -15.27 -1.67 7.65
CA SER C 200 -14.29 -2.41 6.85
C SER C 200 -13.76 -1.55 5.70
N VAL C 201 -14.62 -0.71 5.12
CA VAL C 201 -14.17 0.22 4.10
C VAL C 201 -13.07 1.12 4.65
N GLN C 202 -13.32 1.73 5.81
CA GLN C 202 -12.35 2.65 6.39
C GLN C 202 -11.07 1.93 6.77
N LEU C 203 -11.18 0.84 7.54
CA LEU C 203 -9.99 0.15 8.03
C LEU C 203 -9.15 -0.37 6.88
N ALA C 204 -9.78 -1.03 5.90
CA ALA C 204 -9.02 -1.55 4.76
C ALA C 204 -8.25 -0.45 4.06
N ARG C 205 -8.88 0.72 3.88
CA ARG C 205 -8.18 1.83 3.25
C ARG C 205 -7.09 2.38 4.16
N LEU C 206 -7.37 2.45 5.46
CA LEU C 206 -6.38 2.96 6.40
C LEU C 206 -5.11 2.11 6.39
N ASP C 207 -5.22 0.82 6.09
CA ASP C 207 -4.08 -0.07 6.04
C ASP C 207 -3.41 -0.10 4.66
N GLY C 208 -3.82 0.77 3.74
CA GLY C 208 -3.14 0.90 2.48
C GLY C 208 -3.70 0.08 1.33
N ALA C 209 -4.99 -0.23 1.36
CA ALA C 209 -5.64 -1.01 0.31
C ALA C 209 -6.63 -0.15 -0.46
N ARG C 210 -6.99 -0.62 -1.65
CA ARG C 210 -8.05 -0.05 -2.45
C ARG C 210 -9.34 -0.83 -2.19
N VAL C 211 -10.46 -0.12 -2.12
CA VAL C 211 -11.72 -0.68 -1.65
C VAL C 211 -12.75 -0.60 -2.77
N ILE C 212 -13.37 -1.74 -3.08
CA ILE C 212 -14.48 -1.82 -4.01
C ILE C 212 -15.71 -2.25 -3.22
N ALA C 213 -16.73 -1.41 -3.19
CA ALA C 213 -17.92 -1.63 -2.38
C ALA C 213 -19.10 -2.03 -3.26
N VAL C 214 -19.86 -3.01 -2.79
CA VAL C 214 -21.09 -3.44 -3.46
C VAL C 214 -22.25 -3.19 -2.50
N THR C 215 -23.25 -2.46 -2.99
CA THR C 215 -24.46 -2.19 -2.22
C THR C 215 -25.68 -2.45 -3.10
N SER C 216 -26.84 -2.53 -2.46
CA SER C 216 -28.09 -2.82 -3.16
C SER C 216 -28.90 -1.58 -3.49
N SER C 217 -28.62 -0.45 -2.86
CA SER C 217 -29.42 0.76 -3.02
C SER C 217 -28.55 1.91 -3.50
N GLU C 218 -29.13 2.74 -4.38
CA GLU C 218 -28.43 3.94 -4.84
C GLU C 218 -28.21 4.93 -3.71
N ALA C 219 -29.09 4.92 -2.71
CA ALA C 219 -29.00 5.89 -1.63
C ALA C 219 -27.71 5.72 -0.83
N LYS C 220 -27.29 4.48 -0.63
CA LYS C 220 -26.11 4.17 0.17
C LYS C 220 -24.81 4.40 -0.60
N VAL C 221 -24.87 4.99 -1.79
CA VAL C 221 -23.66 5.20 -2.58
C VAL C 221 -22.78 6.26 -1.94
N GLN C 222 -23.37 7.40 -1.58
CA GLN C 222 -22.57 8.54 -1.15
C GLN C 222 -21.90 8.27 0.19
N ALA C 223 -22.57 7.54 1.08
CA ALA C 223 -21.95 7.17 2.35
C ALA C 223 -20.70 6.33 2.13
N LEU C 224 -20.80 5.32 1.26
CA LEU C 224 -19.65 4.47 0.96
C LEU C 224 -18.50 5.29 0.38
N LYS C 225 -18.83 6.30 -0.44
CA LYS C 225 -17.79 7.18 -0.96
C LYS C 225 -17.13 7.96 0.18
N GLU C 226 -17.93 8.60 1.02
CA GLU C 226 -17.38 9.37 2.13
C GLU C 226 -16.55 8.49 3.06
N ALA C 227 -16.86 7.20 3.12
CA ALA C 227 -16.10 6.26 3.95
C ALA C 227 -14.77 5.86 3.31
N GLY C 228 -14.49 6.31 2.09
CA GLY C 228 -13.22 6.03 1.44
C GLY C 228 -13.25 5.00 0.33
N ALA C 229 -14.44 4.65 -0.18
CA ALA C 229 -14.54 3.63 -1.21
C ALA C 229 -14.01 4.16 -2.54
N ASP C 230 -13.10 3.40 -3.15
CA ASP C 230 -12.60 3.76 -4.47
C ASP C 230 -13.62 3.46 -5.56
N GLU C 231 -14.43 2.42 -5.36
CA GLU C 231 -15.47 2.04 -6.31
C GLU C 231 -16.72 1.63 -5.54
N VAL C 232 -17.88 2.10 -6.02
CA VAL C 232 -19.17 1.73 -5.45
C VAL C 232 -20.02 1.18 -6.57
N ILE C 233 -20.37 -0.10 -6.48
CA ILE C 233 -21.20 -0.78 -7.47
C ILE C 233 -22.56 -1.05 -6.85
N VAL C 234 -23.62 -0.62 -7.52
CA VAL C 234 -24.98 -0.86 -7.07
C VAL C 234 -25.48 -2.10 -7.82
N SER C 235 -25.65 -3.20 -7.10
CA SER C 235 -26.05 -4.46 -7.69
C SER C 235 -26.94 -5.23 -6.74
N ARG C 236 -27.91 -5.96 -7.30
CA ARG C 236 -28.75 -6.85 -6.51
C ARG C 236 -28.00 -8.07 -6.02
N GLY C 237 -26.81 -8.34 -6.56
CA GLY C 237 -25.99 -9.45 -6.13
C GLY C 237 -25.80 -10.56 -7.15
N LEU C 238 -25.98 -10.28 -8.44
CA LEU C 238 -25.88 -11.32 -9.46
C LEU C 238 -25.21 -10.84 -10.74
N ASP C 239 -24.65 -9.62 -10.77
CA ASP C 239 -24.11 -9.07 -12.01
C ASP C 239 -22.86 -8.23 -11.83
N PHE C 240 -22.33 -8.10 -10.61
CA PHE C 240 -21.23 -7.18 -10.36
C PHE C 240 -19.86 -7.78 -10.63
N ALA C 241 -19.77 -9.10 -10.83
CA ALA C 241 -18.46 -9.72 -11.05
C ALA C 241 -17.73 -9.07 -12.22
N SER C 242 -18.44 -8.80 -13.31
CA SER C 242 -17.81 -8.19 -14.48
C SER C 242 -17.34 -6.76 -14.19
N ASP C 243 -18.15 -5.99 -13.46
CA ASP C 243 -17.76 -4.62 -13.16
C ASP C 243 -16.53 -4.58 -12.25
N VAL C 244 -16.50 -5.45 -11.24
CA VAL C 244 -15.31 -5.54 -10.39
C VAL C 244 -14.08 -5.90 -11.22
N ARG C 245 -14.26 -6.67 -12.28
CA ARG C 245 -13.15 -7.01 -13.16
C ARG C 245 -12.68 -5.79 -13.94
N LYS C 246 -13.60 -5.08 -14.58
CA LYS C 246 -13.22 -3.90 -15.36
C LYS C 246 -12.53 -2.86 -14.49
N ARG C 247 -12.95 -2.74 -13.23
CA ARG C 247 -12.38 -1.73 -12.34
C ARG C 247 -11.02 -2.15 -11.80
N THR C 248 -10.72 -3.45 -11.78
CA THR C 248 -9.40 -3.95 -11.39
C THR C 248 -8.52 -4.23 -12.61
N GLN C 249 -8.86 -3.66 -13.77
CA GLN C 249 -8.11 -3.91 -15.00
C GLN C 249 -8.03 -5.40 -15.30
N GLY C 250 -9.13 -6.11 -15.04
CA GLY C 250 -9.21 -7.53 -15.31
C GLY C 250 -8.46 -8.42 -14.34
N ALA C 251 -7.82 -7.86 -13.32
CA ALA C 251 -7.01 -8.67 -12.42
C ALA C 251 -7.85 -9.39 -11.38
N GLY C 252 -8.89 -8.73 -10.87
CA GLY C 252 -9.62 -9.23 -9.73
C GLY C 252 -9.03 -8.74 -8.42
N VAL C 253 -9.86 -8.76 -7.37
CA VAL C 253 -9.42 -8.27 -6.07
C VAL C 253 -8.60 -9.35 -5.37
N ASP C 254 -7.79 -8.92 -4.41
CA ASP C 254 -7.00 -9.83 -3.61
C ASP C 254 -7.76 -10.38 -2.41
N VAL C 255 -8.64 -9.58 -1.82
CA VAL C 255 -9.40 -9.97 -0.65
C VAL C 255 -10.86 -9.61 -0.86
N ALA C 256 -11.74 -10.41 -0.27
CA ALA C 256 -13.17 -10.16 -0.29
C ALA C 256 -13.72 -10.25 1.13
N VAL C 257 -14.41 -9.21 1.57
CA VAL C 257 -15.16 -9.24 2.81
C VAL C 257 -16.59 -9.62 2.45
N GLU C 258 -16.94 -10.89 2.68
CA GLU C 258 -18.25 -11.41 2.31
C GLU C 258 -19.18 -11.26 3.51
N ILE C 259 -20.00 -10.21 3.49
CA ILE C 259 -21.00 -9.97 4.53
C ILE C 259 -22.29 -10.61 4.04
N VAL C 260 -22.55 -11.83 4.51
CA VAL C 260 -23.65 -12.61 3.96
C VAL C 260 -24.98 -11.89 4.16
N GLY C 261 -25.97 -12.30 3.37
CA GLY C 261 -27.31 -11.73 3.43
C GLY C 261 -27.73 -10.99 2.16
N SER C 262 -26.90 -10.94 1.13
CA SER C 262 -27.20 -10.20 -0.08
C SER C 262 -27.29 -11.07 -1.33
N ALA C 263 -27.04 -12.39 -1.21
CA ALA C 263 -27.07 -13.29 -2.35
C ALA C 263 -26.02 -12.87 -3.39
N THR C 264 -24.76 -12.87 -2.95
CA THR C 264 -23.66 -12.33 -3.75
C THR C 264 -22.50 -13.30 -3.91
N PHE C 265 -22.63 -14.55 -3.43
CA PHE C 265 -21.46 -15.39 -3.26
C PHE C 265 -20.85 -15.79 -4.60
N ASP C 266 -21.68 -16.23 -5.54
CA ASP C 266 -21.15 -16.66 -6.84
C ASP C 266 -20.39 -15.52 -7.51
N GLN C 267 -20.98 -14.33 -7.52
CA GLN C 267 -20.30 -13.19 -8.15
C GLN C 267 -19.04 -12.79 -7.38
N THR C 268 -19.04 -12.98 -6.06
CA THR C 268 -17.83 -12.67 -5.29
C THR C 268 -16.67 -13.56 -5.73
N LEU C 269 -16.87 -14.88 -5.70
CA LEU C 269 -15.79 -15.78 -6.07
C LEU C 269 -15.29 -15.50 -7.48
N LYS C 270 -16.19 -15.15 -8.40
CA LYS C 270 -15.78 -14.83 -9.77
C LYS C 270 -15.01 -13.51 -9.81
N SER C 271 -15.28 -12.61 -8.86
CA SER C 271 -14.55 -11.35 -8.78
C SER C 271 -13.12 -11.52 -8.27
N MET C 272 -12.79 -12.69 -7.72
CA MET C 272 -11.49 -12.88 -7.09
C MET C 272 -10.38 -13.01 -8.14
N ALA C 273 -9.20 -12.58 -7.76
CA ALA C 273 -8.00 -12.88 -8.51
C ALA C 273 -7.44 -14.23 -8.08
N PRO C 274 -6.57 -14.83 -8.87
CA PRO C 274 -5.99 -16.12 -8.48
C PRO C 274 -5.36 -16.05 -7.08
N GLY C 275 -5.70 -17.03 -6.25
CA GLY C 275 -5.23 -17.06 -4.88
C GLY C 275 -5.91 -16.07 -3.96
N GLY C 276 -6.95 -15.38 -4.42
CA GLY C 276 -7.63 -14.42 -3.57
C GLY C 276 -8.23 -15.07 -2.34
N ARG C 277 -8.58 -14.21 -1.37
CA ARG C 277 -9.10 -14.64 -0.08
C ARG C 277 -10.50 -14.07 0.12
N VAL C 278 -11.39 -14.89 0.66
CA VAL C 278 -12.77 -14.51 0.93
C VAL C 278 -13.02 -14.75 2.41
N VAL C 279 -13.21 -13.67 3.15
CA VAL C 279 -13.47 -13.74 4.59
C VAL C 279 -14.98 -13.59 4.80
N VAL C 280 -15.60 -14.65 5.29
CA VAL C 280 -17.05 -14.70 5.46
C VAL C 280 -17.39 -14.21 6.86
N VAL C 281 -18.39 -13.32 6.93
CA VAL C 281 -18.83 -12.77 8.21
C VAL C 281 -20.31 -12.43 8.09
N GLY C 282 -21.03 -12.53 9.20
CA GLY C 282 -22.44 -12.21 9.23
C GLY C 282 -23.16 -13.08 10.24
N ASN C 283 -24.48 -13.16 10.07
CA ASN C 283 -25.34 -13.89 10.99
C ASN C 283 -25.54 -15.33 10.53
N LEU C 284 -25.89 -16.19 11.49
CA LEU C 284 -26.22 -17.58 11.19
C LEU C 284 -27.54 -17.70 10.43
N GLU C 285 -28.41 -16.69 10.50
CA GLU C 285 -29.78 -16.85 10.03
C GLU C 285 -29.85 -16.93 8.51
N SER C 286 -29.03 -16.15 7.80
CA SER C 286 -29.10 -16.11 6.35
C SER C 286 -28.93 -17.51 5.76
N GLY C 287 -29.74 -17.82 4.76
CA GLY C 287 -29.74 -19.13 4.16
C GLY C 287 -28.39 -19.47 3.53
N MET C 288 -28.31 -20.72 3.07
CA MET C 288 -27.09 -21.19 2.44
C MET C 288 -26.87 -20.47 1.11
N VAL C 289 -25.60 -20.32 0.74
CA VAL C 289 -25.21 -19.52 -0.40
C VAL C 289 -24.78 -20.44 -1.54
N GLN C 290 -24.70 -19.86 -2.74
CA GLN C 290 -24.41 -20.61 -3.96
C GLN C 290 -22.89 -20.74 -4.11
N LEU C 291 -22.39 -21.97 -4.00
CA LEU C 291 -20.96 -22.25 -4.08
C LEU C 291 -20.67 -23.15 -5.27
N ASN C 292 -19.68 -22.77 -6.07
CA ASN C 292 -19.17 -23.60 -7.17
C ASN C 292 -17.78 -24.08 -6.80
N PRO C 293 -17.61 -25.34 -6.37
CA PRO C 293 -16.27 -25.79 -5.98
C PRO C 293 -15.22 -25.62 -7.06
N GLY C 294 -15.62 -25.69 -8.33
CA GLY C 294 -14.66 -25.50 -9.40
C GLY C 294 -13.91 -24.19 -9.29
N LEU C 295 -14.64 -23.10 -9.04
CA LEU C 295 -13.99 -21.79 -8.92
C LEU C 295 -12.95 -21.80 -7.81
N VAL C 296 -13.26 -22.42 -6.68
CA VAL C 296 -12.31 -22.49 -5.58
C VAL C 296 -11.11 -23.32 -5.97
N ILE C 297 -11.33 -24.45 -6.65
CA ILE C 297 -10.25 -25.35 -7.03
C ILE C 297 -9.28 -24.65 -7.96
N VAL C 298 -9.72 -24.35 -9.17
CA VAL C 298 -8.79 -23.92 -10.21
C VAL C 298 -8.14 -22.59 -9.88
N LYS C 299 -8.84 -21.73 -9.13
CA LYS C 299 -8.26 -20.46 -8.72
C LYS C 299 -7.57 -20.52 -7.36
N GLU C 300 -7.68 -21.65 -6.66
CA GLU C 300 -7.05 -21.83 -5.35
C GLU C 300 -7.43 -20.69 -4.41
N LEU C 301 -8.74 -20.42 -4.33
CA LEU C 301 -9.25 -19.40 -3.43
C LEU C 301 -9.25 -19.90 -1.99
N GLU C 302 -9.15 -18.94 -1.06
CA GLU C 302 -9.22 -19.23 0.37
C GLU C 302 -10.48 -18.58 0.92
N ILE C 303 -11.40 -19.40 1.39
CA ILE C 303 -12.61 -18.93 2.05
C ILE C 303 -12.41 -19.11 3.54
N LEU C 304 -12.39 -18.00 4.27
CA LEU C 304 -12.05 -17.98 5.68
C LEU C 304 -13.24 -17.51 6.49
N GLY C 305 -13.61 -18.27 7.52
CA GLY C 305 -14.57 -17.79 8.49
C GLY C 305 -13.94 -16.78 9.43
N ALA C 306 -14.72 -15.77 9.81
CA ALA C 306 -14.30 -14.75 10.76
C ALA C 306 -15.44 -14.51 11.73
N TYR C 307 -15.21 -14.77 13.02
CA TYR C 307 -16.30 -14.82 13.99
C TYR C 307 -16.16 -13.68 14.98
N ALA C 308 -15.45 -13.87 16.10
CA ALA C 308 -15.64 -13.04 17.28
C ALA C 308 -14.49 -12.06 17.47
N THR C 309 -14.79 -10.97 18.16
CA THR C 309 -13.79 -9.96 18.48
C THR C 309 -13.05 -10.34 19.76
N THR C 310 -11.73 -10.11 19.76
CA THR C 310 -10.90 -10.35 20.91
C THR C 310 -10.72 -9.05 21.69
N GLN C 311 -10.41 -9.20 22.99
CA GLN C 311 -10.16 -8.04 23.83
C GLN C 311 -9.14 -7.10 23.19
N ALA C 312 -8.02 -7.66 22.71
CA ALA C 312 -7.02 -6.84 22.03
C ALA C 312 -7.58 -6.19 20.78
N GLU C 313 -8.40 -6.92 20.03
CA GLU C 313 -9.01 -6.35 18.83
C GLU C 313 -9.97 -5.22 19.19
N LEU C 314 -10.69 -5.35 20.29
CA LEU C 314 -11.59 -4.28 20.71
C LEU C 314 -10.82 -3.05 21.17
N ASP C 315 -9.73 -3.26 21.91
CA ASP C 315 -8.88 -2.14 22.31
C ASP C 315 -8.40 -1.36 21.09
N GLU C 316 -8.01 -2.07 20.03
CA GLU C 316 -7.60 -1.41 18.80
C GLU C 316 -8.78 -0.72 18.13
N ALA C 317 -9.93 -1.40 18.08
CA ALA C 317 -11.11 -0.80 17.48
C ALA C 317 -11.48 0.50 18.17
N LEU C 318 -11.43 0.53 19.51
CA LEU C 318 -11.73 1.74 20.24
C LEU C 318 -10.70 2.83 19.95
N ARG C 319 -9.43 2.45 19.84
CA ARG C 319 -8.40 3.43 19.50
C ARG C 319 -8.64 4.02 18.12
N LEU C 320 -8.84 3.15 17.11
CA LEU C 320 -9.11 3.62 15.77
C LEU C 320 -10.32 4.54 15.73
N THR C 321 -11.27 4.35 16.64
CA THR C 321 -12.41 5.26 16.73
C THR C 321 -11.97 6.60 17.33
N ALA C 322 -11.24 6.55 18.46
CA ALA C 322 -10.71 7.78 19.03
C ALA C 322 -9.79 8.49 18.04
N THR C 323 -8.89 7.74 17.42
CA THR C 323 -7.97 8.30 16.43
C THR C 323 -8.72 9.09 15.36
N GLY C 324 -9.86 8.58 14.92
CA GLY C 324 -10.55 9.11 13.77
C GLY C 324 -10.37 8.29 12.50
N GLY C 325 -9.52 7.25 12.55
CA GLY C 325 -9.30 6.41 11.39
C GLY C 325 -10.51 5.55 11.03
N VAL C 326 -11.38 5.27 11.99
CA VAL C 326 -12.61 4.53 11.74
C VAL C 326 -13.74 5.22 12.49
N ARG C 327 -14.72 5.73 11.76
CA ARG C 327 -15.82 6.48 12.36
C ARG C 327 -16.97 5.55 12.73
N GLN C 328 -17.91 6.11 13.49
CA GLN C 328 -19.19 5.49 13.77
C GLN C 328 -20.30 6.34 13.18
N PHE C 329 -21.42 5.70 12.85
CA PHE C 329 -22.55 6.37 12.21
C PHE C 329 -23.79 6.07 13.05
N VAL C 330 -23.95 6.80 14.14
CA VAL C 330 -25.09 6.63 15.04
C VAL C 330 -26.30 7.34 14.45
N THR C 331 -27.34 6.57 14.12
CA THR C 331 -28.55 7.17 13.56
C THR C 331 -29.32 7.94 14.63
N ASP C 332 -29.54 7.31 15.78
CA ASP C 332 -30.38 7.93 16.80
C ASP C 332 -30.17 7.23 18.13
N ALA C 333 -30.32 8.00 19.20
CA ALA C 333 -30.25 7.49 20.57
C ALA C 333 -31.65 7.35 21.11
N VAL C 334 -31.94 6.20 21.72
CA VAL C 334 -33.30 5.89 22.18
C VAL C 334 -33.27 5.64 23.69
N PRO C 335 -34.31 6.02 24.43
CA PRO C 335 -34.37 5.67 25.85
C PRO C 335 -34.47 4.17 26.05
N LEU C 336 -33.85 3.69 27.13
CA LEU C 336 -33.83 2.25 27.40
C LEU C 336 -35.24 1.69 27.55
N ALA C 337 -36.17 2.47 28.07
CA ALA C 337 -37.54 1.98 28.23
C ALA C 337 -38.19 1.66 26.89
N GLU C 338 -37.74 2.32 25.81
CA GLU C 338 -38.29 2.10 24.48
C GLU C 338 -37.60 0.96 23.74
N ALA C 339 -37.08 -0.04 24.47
CA ALA C 339 -36.37 -1.14 23.82
C ALA C 339 -37.27 -1.87 22.84
N ALA C 340 -38.56 -1.96 23.12
CA ALA C 340 -39.48 -2.61 22.19
C ALA C 340 -39.58 -1.85 20.88
N LYS C 341 -39.59 -0.51 20.94
CA LYS C 341 -39.66 0.29 19.74
C LYS C 341 -38.37 0.18 18.92
N ALA C 342 -37.23 -0.02 19.59
CA ALA C 342 -35.96 -0.15 18.88
C ALA C 342 -35.94 -1.41 18.03
N HIS C 343 -36.30 -2.55 18.62
CA HIS C 343 -36.32 -3.80 17.87
C HIS C 343 -37.35 -3.75 16.74
N PHE C 344 -38.43 -3.00 16.93
CA PHE C 344 -39.43 -2.87 15.87
C PHE C 344 -38.87 -2.07 14.70
N ARG C 345 -38.24 -0.93 14.97
CA ARG C 345 -37.63 -0.14 13.91
C ARG C 345 -36.51 -0.91 13.22
N LEU C 346 -35.78 -1.74 13.96
CA LEU C 346 -34.71 -2.54 13.37
C LEU C 346 -35.24 -3.77 12.67
N GLU C 347 -36.34 -4.35 13.16
CA GLU C 347 -36.90 -5.53 12.53
C GLU C 347 -37.46 -5.21 11.15
N ASN C 348 -38.15 -4.08 11.01
CA ASN C 348 -38.79 -3.69 9.76
C ASN C 348 -37.85 -2.94 8.82
N ARG C 349 -36.54 -2.98 9.08
CA ARG C 349 -35.56 -2.31 8.22
C ARG C 349 -35.90 -0.84 8.04
N GLU C 350 -36.51 -0.23 9.07
CA GLU C 350 -36.89 1.17 9.04
C GLU C 350 -35.81 2.08 9.60
N VAL C 351 -34.53 1.65 9.56
CA VAL C 351 -33.43 2.43 10.09
C VAL C 351 -32.20 2.15 9.25
N ALA C 352 -31.35 3.17 9.11
CA ALA C 352 -30.08 3.05 8.39
C ALA C 352 -28.97 3.53 9.32
N GLY C 353 -28.28 2.59 9.96
CA GLY C 353 -27.24 2.89 10.91
C GLY C 353 -27.31 1.99 12.13
N ARG C 354 -26.86 2.47 13.28
CA ARG C 354 -26.88 1.71 14.52
C ARG C 354 -27.59 2.50 15.60
N LEU C 355 -28.63 1.91 16.19
CA LEU C 355 -29.39 2.54 17.26
C LEU C 355 -28.80 2.17 18.61
N VAL C 356 -28.99 3.07 19.57
CA VAL C 356 -28.42 2.94 20.91
C VAL C 356 -29.53 3.14 21.94
N LEU C 357 -29.41 2.41 23.05
CA LEU C 357 -30.33 2.51 24.17
C LEU C 357 -29.61 3.13 25.35
N VAL C 358 -30.15 4.24 25.86
CA VAL C 358 -29.54 4.97 26.97
C VAL C 358 -30.34 4.67 28.22
N PRO C 359 -29.77 4.00 29.23
CA PRO C 359 -30.51 3.81 30.48
C PRO C 359 -30.65 5.12 31.22
N PRO C 360 -31.71 5.27 32.01
CA PRO C 360 -31.89 6.52 32.77
C PRO C 360 -30.94 6.58 33.96
N GLU C 361 -30.83 7.79 34.53
CA GLU C 361 -29.96 8.01 35.68
C GLU C 361 -30.67 7.63 36.98
N GLY D 16 36.42 -2.62 -40.27
CA GLY D 16 34.97 -2.72 -40.57
C GLY D 16 34.31 -1.36 -40.73
N HIS D 17 33.13 -1.33 -41.35
CA HIS D 17 32.40 -0.11 -41.60
C HIS D 17 30.98 -0.24 -41.05
N MET D 18 30.30 0.90 -40.95
CA MET D 18 28.98 0.95 -40.34
C MET D 18 28.20 2.13 -40.91
N LYS D 19 26.91 1.91 -41.15
CA LYS D 19 26.02 3.00 -41.53
C LYS D 19 25.52 3.71 -40.28
N ALA D 20 25.56 5.04 -40.30
CA ALA D 20 25.20 5.82 -39.13
C ALA D 20 24.79 7.22 -39.55
N VAL D 21 23.96 7.85 -38.71
CA VAL D 21 23.56 9.24 -38.91
C VAL D 21 24.54 10.12 -38.15
N VAL D 22 25.00 11.19 -38.80
CA VAL D 22 25.97 12.11 -38.23
C VAL D 22 25.39 13.52 -38.26
N LEU D 23 25.88 14.36 -37.36
CA LEU D 23 25.46 15.76 -37.29
C LEU D 23 26.71 16.61 -37.05
N ARG D 24 27.32 17.06 -38.15
CA ARG D 24 28.44 18.00 -38.04
C ARG D 24 27.92 19.42 -37.91
N SER D 25 27.00 19.83 -38.78
CA SER D 25 26.37 21.14 -38.69
C SER D 25 25.09 21.03 -37.88
N PHE D 26 24.97 21.90 -36.88
CA PHE D 26 23.82 21.87 -35.98
C PHE D 26 22.52 22.15 -36.73
N GLY D 27 21.39 22.09 -36.03
CA GLY D 27 20.09 22.30 -36.65
C GLY D 27 19.98 23.64 -37.35
N GLY D 30 17.01 18.16 -40.63
CA GLY D 30 17.62 18.17 -41.95
C GLY D 30 19.13 18.04 -41.91
N ASN D 31 19.75 18.62 -40.87
CA ASN D 31 21.21 18.60 -40.75
C ASN D 31 21.75 17.20 -40.47
N LEU D 32 20.89 16.22 -40.21
CA LEU D 32 21.30 14.84 -39.99
C LEU D 32 21.16 14.06 -41.30
N LYS D 33 22.22 13.33 -41.65
CA LYS D 33 22.23 12.56 -42.89
C LYS D 33 23.01 11.27 -42.68
N MET D 34 22.54 10.20 -43.32
CA MET D 34 23.22 8.92 -43.23
C MET D 34 24.65 9.04 -43.77
N GLU D 35 25.59 8.40 -43.09
CA GLU D 35 26.99 8.44 -43.48
C GLU D 35 27.68 7.16 -43.01
N THR D 36 28.30 6.46 -43.95
CA THR D 36 29.13 5.31 -43.60
C THR D 36 30.34 5.77 -42.81
N MET D 37 30.66 5.04 -41.75
CA MET D 37 31.73 5.43 -40.85
C MET D 37 32.34 4.18 -40.23
N PRO D 38 33.50 4.29 -39.60
CA PRO D 38 34.17 3.09 -39.06
C PRO D 38 33.31 2.40 -38.01
N MET D 39 33.76 1.20 -37.63
CA MET D 39 33.07 0.44 -36.60
C MET D 39 33.78 0.63 -35.27
N PRO D 40 33.09 1.07 -34.22
CA PRO D 40 33.75 1.23 -32.92
C PRO D 40 34.28 -0.10 -32.40
N ARG D 41 35.25 0.00 -31.49
CA ARG D 41 35.89 -1.17 -30.91
C ARG D 41 35.79 -1.10 -29.40
N PRO D 42 35.41 -2.19 -28.71
CA PRO D 42 35.30 -2.14 -27.24
C PRO D 42 36.60 -1.79 -26.53
N GLY D 43 36.62 -2.04 -25.23
CA GLY D 43 37.78 -1.75 -24.42
C GLY D 43 37.61 -2.34 -23.05
N ARG D 44 38.50 -1.93 -22.14
CA ARG D 44 38.43 -2.39 -20.76
C ARG D 44 37.04 -2.16 -20.18
N GLY D 45 36.31 -3.23 -19.91
CA GLY D 45 34.98 -3.12 -19.32
C GLY D 45 33.92 -2.56 -20.25
N GLU D 46 34.12 -2.65 -21.55
CA GLU D 46 33.14 -2.20 -22.53
C GLU D 46 32.71 -3.38 -23.40
N VAL D 47 31.67 -3.14 -24.21
CA VAL D 47 31.15 -4.15 -25.11
C VAL D 47 30.60 -3.45 -26.36
N LEU D 48 30.59 -4.18 -27.47
CA LEU D 48 30.04 -3.69 -28.72
C LEU D 48 28.62 -4.22 -28.90
N LEU D 49 27.70 -3.35 -29.30
CA LEU D 49 26.30 -3.69 -29.42
C LEU D 49 25.82 -3.51 -30.86
N ARG D 50 25.03 -4.47 -31.32
CA ARG D 50 24.34 -4.35 -32.62
C ARG D 50 22.99 -3.71 -32.36
N VAL D 51 22.89 -2.41 -32.62
CA VAL D 51 21.68 -1.66 -32.32
C VAL D 51 20.55 -2.16 -33.23
N HIS D 52 19.45 -2.62 -32.61
CA HIS D 52 18.25 -3.01 -33.33
C HIS D 52 17.20 -1.92 -33.36
N ALA D 53 17.33 -0.90 -32.52
CA ALA D 53 16.33 0.16 -32.42
C ALA D 53 16.87 1.26 -31.52
N CYS D 54 16.45 2.49 -31.80
CA CYS D 54 16.84 3.64 -30.98
C CYS D 54 15.63 4.57 -30.86
N GLY D 55 15.18 4.78 -29.62
CA GLY D 55 14.07 5.68 -29.41
C GLY D 55 14.46 7.13 -29.63
N VAL D 56 13.46 7.95 -29.95
CA VAL D 56 13.67 9.36 -30.24
C VAL D 56 12.73 10.16 -29.34
N CYS D 57 13.30 11.07 -28.55
CA CYS D 57 12.53 11.98 -27.71
C CYS D 57 13.04 13.39 -27.91
N TYR D 58 12.43 14.35 -27.21
CA TYR D 58 12.74 15.75 -27.43
C TYR D 58 14.13 16.12 -26.93
N HIS D 59 14.72 15.31 -26.04
CA HIS D 59 16.06 15.62 -25.56
C HIS D 59 17.08 15.63 -26.69
N ASP D 60 16.88 14.79 -27.71
CA ASP D 60 17.77 14.79 -28.86
C ASP D 60 17.56 16.02 -29.74
N VAL D 61 16.34 16.57 -29.74
CA VAL D 61 16.07 17.78 -30.51
C VAL D 61 16.82 18.96 -29.92
N ILE D 62 16.75 19.14 -28.59
CA ILE D 62 17.45 20.23 -27.95
C ILE D 62 18.96 20.10 -28.13
N ASN D 63 19.45 18.89 -28.38
CA ASN D 63 20.89 18.71 -28.55
C ASN D 63 21.36 19.18 -29.91
N ARG D 64 20.55 19.00 -30.95
CA ARG D 64 20.92 19.46 -32.28
C ARG D 64 21.13 20.96 -32.33
N ARG D 65 20.51 21.71 -31.41
CA ARG D 65 20.61 23.16 -31.38
C ARG D 65 21.25 23.67 -30.09
N GLY D 66 21.81 22.79 -29.26
CA GLY D 66 22.41 23.19 -28.01
C GLY D 66 21.39 23.52 -26.94
N LEU D 77 24.70 10.27 -32.24
CA LEU D 77 23.62 10.86 -31.47
C LEU D 77 22.57 9.82 -31.13
N GLY D 78 21.84 10.06 -30.04
CA GLY D 78 20.80 9.16 -29.59
C GLY D 78 21.22 8.42 -28.32
N HIS D 79 20.27 8.25 -27.41
CA HIS D 79 20.56 7.60 -26.13
C HIS D 79 19.54 6.53 -25.75
N GLU D 80 18.41 6.43 -26.45
CA GLU D 80 17.40 5.40 -26.15
C GLU D 80 17.67 4.16 -27.03
N ALA D 81 18.81 3.54 -26.77
CA ALA D 81 19.32 2.48 -27.63
C ALA D 81 19.11 1.11 -27.00
N ALA D 82 18.84 0.12 -27.86
CA ALA D 82 18.70 -1.27 -27.43
C ALA D 82 19.25 -2.17 -28.53
N GLY D 83 20.04 -3.16 -28.15
CA GLY D 83 20.65 -4.03 -29.13
C GLY D 83 21.22 -5.28 -28.49
N GLU D 84 21.99 -6.01 -29.29
CA GLU D 84 22.59 -7.27 -28.88
C GLU D 84 24.10 -7.12 -28.79
N VAL D 85 24.69 -7.83 -27.84
CA VAL D 85 26.14 -7.83 -27.65
C VAL D 85 26.75 -8.78 -28.67
N ILE D 86 27.53 -8.24 -29.61
CA ILE D 86 28.16 -9.04 -30.66
C ILE D 86 29.62 -9.28 -30.30
N GLU D 87 30.24 -8.32 -29.59
CA GLU D 87 31.61 -8.46 -29.15
C GLU D 87 31.72 -8.03 -27.69
N VAL D 88 32.66 -8.66 -26.98
CA VAL D 88 32.87 -8.41 -25.56
C VAL D 88 34.27 -7.84 -25.38
N GLY D 89 34.41 -6.98 -24.39
CA GLY D 89 35.70 -6.41 -24.05
C GLY D 89 36.29 -7.04 -22.81
N PRO D 90 37.52 -6.67 -22.46
CA PRO D 90 38.13 -7.20 -21.24
C PRO D 90 37.37 -6.76 -19.99
N ASP D 91 37.35 -7.65 -18.99
CA ASP D 91 36.75 -7.37 -17.69
C ASP D 91 35.26 -7.02 -17.84
N THR D 92 34.51 -7.98 -18.39
CA THR D 92 33.06 -7.92 -18.45
C THR D 92 32.53 -9.08 -17.60
N PRO D 93 32.37 -8.89 -16.29
CA PRO D 93 32.06 -10.05 -15.42
C PRO D 93 30.77 -10.76 -15.81
N GLY D 94 29.67 -10.03 -15.96
CA GLY D 94 28.38 -10.65 -16.21
C GLY D 94 27.79 -10.36 -17.58
N TRP D 95 28.64 -10.07 -18.55
CA TRP D 95 28.19 -9.77 -19.92
C TRP D 95 28.91 -10.69 -20.89
N LYS D 96 28.15 -11.51 -21.60
CA LYS D 96 28.68 -12.41 -22.60
C LYS D 96 28.05 -12.10 -23.95
N THR D 97 28.72 -12.55 -25.01
CA THR D 97 28.22 -12.31 -26.36
C THR D 97 26.81 -12.88 -26.50
N GLY D 98 25.96 -12.16 -27.24
CA GLY D 98 24.58 -12.56 -27.44
C GLY D 98 23.60 -12.02 -26.42
N ASP D 99 24.07 -11.35 -25.37
CA ASP D 99 23.17 -10.79 -24.37
C ASP D 99 22.41 -9.59 -24.95
N ARG D 100 21.19 -9.43 -24.47
CA ARG D 100 20.34 -8.31 -24.87
C ARG D 100 20.54 -7.16 -23.88
N ALA D 101 20.71 -5.95 -24.40
CA ALA D 101 21.04 -4.81 -23.54
C ALA D 101 20.39 -3.55 -24.09
N ALA D 102 20.10 -2.62 -23.16
CA ALA D 102 19.60 -1.30 -23.49
C ALA D 102 20.41 -0.26 -22.72
N THR D 103 20.47 0.95 -23.24
CA THR D 103 21.36 1.98 -22.73
C THR D 103 20.62 2.97 -21.84
N LEU D 104 21.36 3.54 -20.89
CA LEU D 104 20.86 4.64 -20.07
C LEU D 104 20.86 5.93 -20.89
N GLN D 105 20.52 7.03 -20.23
CA GLN D 105 20.72 8.35 -20.82
C GLN D 105 22.12 8.87 -20.56
N ARG D 106 22.65 8.63 -19.35
CA ARG D 106 23.99 9.05 -18.98
C ARG D 106 24.64 7.95 -18.15
N MET D 107 25.96 8.01 -18.07
CA MET D 107 26.71 7.03 -17.31
C MET D 107 26.79 7.42 -15.84
N SER D 108 27.23 6.47 -15.01
CA SER D 108 27.45 6.70 -13.59
C SER D 108 28.75 6.01 -13.21
N CYS D 109 29.68 6.76 -12.61
CA CYS D 109 30.96 6.19 -12.22
C CYS D 109 30.77 4.94 -11.39
N GLY D 110 29.74 4.91 -10.55
CA GLY D 110 29.38 3.75 -9.79
C GLY D 110 30.07 3.61 -8.44
N ASP D 111 31.03 4.48 -8.11
CA ASP D 111 31.79 4.32 -6.88
C ASP D 111 32.01 5.59 -6.09
N CYS D 112 31.76 6.78 -6.65
CA CYS D 112 32.02 8.02 -5.92
C CYS D 112 31.14 8.10 -4.67
N ALA D 113 31.28 9.17 -3.91
CA ALA D 113 30.56 9.29 -2.64
C ALA D 113 29.06 9.20 -2.84
N LEU D 114 28.50 10.11 -3.66
CA LEU D 114 27.06 10.16 -3.82
C LEU D 114 26.48 8.84 -4.33
N CYS D 115 27.27 8.06 -5.08
CA CYS D 115 26.79 6.78 -5.56
C CYS D 115 26.61 5.79 -4.41
N ARG D 116 27.50 5.84 -3.41
CA ARG D 116 27.36 4.97 -2.24
C ARG D 116 26.03 5.20 -1.53
N SER D 117 25.46 6.40 -1.66
CA SER D 117 24.19 6.71 -1.03
C SER D 117 22.99 6.50 -1.96
N GLY D 118 23.23 6.27 -3.25
CA GLY D 118 22.16 6.03 -4.20
C GLY D 118 21.82 7.19 -5.10
N ARG D 119 22.55 8.30 -5.01
CA ARG D 119 22.31 9.48 -5.84
C ARG D 119 23.23 9.49 -7.06
N ASN D 120 23.21 8.39 -7.81
CA ASN D 120 24.09 8.26 -8.96
C ASN D 120 23.82 9.33 -10.00
N SER D 121 22.58 9.81 -10.11
CA SER D 121 22.23 10.80 -11.12
C SER D 121 22.91 12.15 -10.90
N LEU D 122 23.57 12.35 -9.76
CA LEU D 122 24.27 13.58 -9.47
C LEU D 122 25.78 13.47 -9.68
N CYS D 123 26.26 12.32 -10.14
CA CYS D 123 27.68 12.13 -10.36
C CYS D 123 28.18 13.08 -11.43
N LYS D 124 29.19 13.90 -11.08
CA LYS D 124 29.82 14.81 -12.02
C LYS D 124 31.22 14.36 -12.43
N THR D 125 31.75 13.31 -11.80
CA THR D 125 33.05 12.78 -12.20
C THR D 125 32.94 12.07 -13.53
N ASP D 126 31.84 11.35 -13.75
CA ASP D 126 31.59 10.62 -14.99
C ASP D 126 30.27 11.13 -15.58
N ASN D 127 30.27 12.39 -16.00
CA ASN D 127 29.08 13.01 -16.60
C ASN D 127 28.97 12.73 -18.09
N ARG D 128 29.31 11.52 -18.53
CA ARG D 128 29.25 11.17 -19.94
C ARG D 128 27.85 10.73 -20.30
N PHE D 129 27.37 11.24 -21.44
CA PHE D 129 26.03 10.96 -21.93
C PHE D 129 26.12 10.21 -23.25
N PHE D 130 25.24 9.23 -23.43
CA PHE D 130 25.12 8.57 -24.72
C PHE D 130 24.49 9.54 -25.72
N GLY D 131 25.03 9.56 -26.93
CA GLY D 131 24.62 10.53 -27.93
C GLY D 131 25.34 11.86 -27.85
N GLU D 132 26.13 12.08 -26.80
CA GLU D 132 26.90 13.30 -26.65
C GLU D 132 28.36 12.90 -26.58
N GLU D 133 28.97 12.81 -25.39
CA GLU D 133 30.36 12.41 -25.27
C GLU D 133 30.60 10.96 -25.69
N LEU D 134 29.53 10.17 -25.84
CA LEU D 134 29.62 8.81 -26.36
C LEU D 134 28.78 8.69 -27.62
N PRO D 135 29.26 7.99 -28.65
CA PRO D 135 28.45 7.80 -29.86
C PRO D 135 27.09 7.19 -29.52
N GLY D 136 26.03 7.83 -29.99
CA GLY D 136 24.69 7.42 -29.67
C GLY D 136 24.22 6.22 -30.48
N GLY D 137 22.92 5.98 -30.39
CA GLY D 137 22.28 4.84 -31.02
C GLY D 137 21.68 5.11 -32.38
N TYR D 138 21.97 6.26 -32.99
CA TYR D 138 21.57 6.53 -34.36
C TYR D 138 22.44 5.79 -35.38
N ALA D 139 23.11 4.72 -34.96
CA ALA D 139 24.05 4.00 -35.79
C ALA D 139 23.76 2.50 -35.70
N GLN D 140 24.35 1.75 -36.63
CA GLN D 140 24.18 0.31 -36.63
C GLN D 140 24.92 -0.37 -35.47
N PHE D 141 25.96 0.25 -34.95
CA PHE D 141 26.72 -0.30 -33.84
C PHE D 141 27.14 0.82 -32.90
N MET D 142 27.51 0.43 -31.69
CA MET D 142 27.97 1.39 -30.68
C MET D 142 28.62 0.61 -29.54
N VAL D 143 29.47 1.29 -28.80
CA VAL D 143 30.09 0.75 -27.60
C VAL D 143 29.44 1.40 -26.38
N ALA D 144 29.38 0.66 -25.29
CA ALA D 144 28.79 1.15 -24.07
C ALA D 144 29.44 0.46 -22.88
N PRO D 145 29.90 1.20 -21.87
CA PRO D 145 30.43 0.54 -20.66
C PRO D 145 29.37 -0.33 -20.00
N VAL D 146 29.84 -1.27 -19.18
CA VAL D 146 28.93 -2.17 -18.48
C VAL D 146 28.00 -1.41 -17.57
N GLY D 147 28.42 -0.25 -17.07
CA GLY D 147 27.63 0.51 -16.13
C GLY D 147 26.43 1.23 -16.73
N GLY D 148 26.32 1.26 -18.05
CA GLY D 148 25.21 1.92 -18.71
C GLY D 148 24.32 0.97 -19.48
N LEU D 149 24.31 -0.30 -19.10
CA LEU D 149 23.59 -1.34 -19.81
C LEU D 149 22.48 -1.89 -18.92
N GLY D 150 21.28 -2.01 -19.49
CA GLY D 150 20.16 -2.66 -18.84
C GLY D 150 19.79 -3.93 -19.60
N ARG D 151 19.63 -5.02 -18.86
CA ARG D 151 19.39 -6.31 -19.47
C ARG D 151 17.95 -6.40 -19.95
N VAL D 152 17.78 -6.73 -21.22
CA VAL D 152 16.46 -6.76 -21.86
C VAL D 152 15.92 -8.18 -21.76
N PRO D 153 14.73 -8.40 -21.20
CA PRO D 153 14.15 -9.74 -21.19
C PRO D 153 13.91 -10.25 -22.60
N ALA D 154 13.96 -11.59 -22.74
CA ALA D 154 13.87 -12.19 -24.06
C ALA D 154 12.53 -11.91 -24.73
N SER D 155 11.45 -11.87 -23.95
CA SER D 155 10.13 -11.66 -24.52
C SER D 155 9.91 -10.25 -25.02
N LEU D 156 10.71 -9.30 -24.57
CA LEU D 156 10.48 -7.90 -24.89
C LEU D 156 11.04 -7.58 -26.27
N PRO D 157 10.23 -7.15 -27.23
CA PRO D 157 10.76 -6.83 -28.56
C PRO D 157 11.72 -5.65 -28.51
N TRP D 158 12.47 -5.49 -29.60
CA TRP D 158 13.53 -4.49 -29.63
C TRP D 158 12.95 -3.07 -29.64
N ASN D 159 11.98 -2.81 -30.52
CA ASN D 159 11.42 -1.46 -30.63
C ASN D 159 10.89 -0.97 -29.30
N GLU D 160 10.09 -1.79 -28.62
CA GLU D 160 9.54 -1.38 -27.33
C GLU D 160 10.65 -1.24 -26.29
N ALA D 161 11.62 -2.17 -26.28
CA ALA D 161 12.71 -2.10 -25.31
C ALA D 161 13.51 -0.81 -25.47
N ALA D 162 13.52 -0.22 -26.67
CA ALA D 162 14.32 0.98 -26.90
C ALA D 162 13.71 2.20 -26.21
N THR D 163 12.39 2.22 -26.04
CA THR D 163 11.69 3.39 -25.51
C THR D 163 11.31 3.22 -24.04
N VAL D 164 12.04 2.40 -23.30
CA VAL D 164 11.71 2.14 -21.90
C VAL D 164 12.45 3.08 -20.95
N CYS D 165 13.75 3.27 -21.18
CA CYS D 165 14.57 4.00 -20.21
C CYS D 165 14.08 5.44 -20.04
N CYS D 166 13.64 6.06 -21.11
CA CYS D 166 13.22 7.46 -21.06
C CYS D 166 11.76 7.65 -20.67
N THR D 167 10.97 6.58 -20.61
CA THR D 167 9.60 6.66 -20.14
C THR D 167 9.47 5.96 -18.80
N THR D 168 9.38 4.63 -18.83
CA THR D 168 9.24 3.85 -17.61
C THR D 168 10.49 3.96 -16.75
N GLY D 169 11.67 4.04 -17.37
CA GLY D 169 12.88 4.26 -16.61
C GLY D 169 12.82 5.54 -15.80
N THR D 170 12.29 6.61 -16.41
CA THR D 170 12.12 7.87 -15.68
C THR D 170 11.05 7.74 -14.60
N ALA D 171 9.98 7.01 -14.90
CA ALA D 171 8.90 6.85 -13.92
C ALA D 171 9.39 6.14 -12.67
N VAL D 172 10.26 5.14 -12.83
CA VAL D 172 10.80 4.43 -11.68
C VAL D 172 11.57 5.39 -10.78
N HIS D 173 12.49 6.14 -11.37
CA HIS D 173 13.29 7.08 -10.58
C HIS D 173 12.43 8.17 -9.95
N THR D 174 11.34 8.56 -10.62
CA THR D 174 10.49 9.63 -10.11
C THR D 174 9.49 9.09 -9.10
N VAL D 175 8.73 8.06 -9.47
CA VAL D 175 7.65 7.58 -8.62
C VAL D 175 8.20 6.88 -7.39
N ARG D 176 9.26 6.09 -7.55
CA ARG D 176 9.78 5.25 -6.47
C ARG D 176 10.98 5.88 -5.77
N THR D 177 12.10 6.04 -6.50
CA THR D 177 13.35 6.42 -5.85
C THR D 177 13.26 7.81 -5.23
N ARG D 178 12.75 8.78 -5.99
CA ARG D 178 12.64 10.15 -5.49
C ARG D 178 11.29 10.42 -4.84
N GLY D 179 10.21 9.99 -5.49
CA GLY D 179 8.90 10.26 -4.92
C GLY D 179 8.56 9.36 -3.76
N LYS D 180 8.95 8.09 -3.83
CA LYS D 180 8.68 7.11 -2.77
C LYS D 180 7.18 6.98 -2.52
N VAL D 181 6.45 6.79 -3.62
CA VAL D 181 5.00 6.63 -3.53
C VAL D 181 4.68 5.35 -2.76
N ARG D 182 3.91 5.48 -1.69
CA ARG D 182 3.49 4.35 -0.88
C ARG D 182 2.08 3.92 -1.28
N ALA D 183 1.81 2.64 -1.10
CA ALA D 183 0.48 2.12 -1.37
C ALA D 183 -0.57 2.90 -0.59
N GLY D 184 -1.66 3.24 -1.26
CA GLY D 184 -2.74 3.98 -0.65
C GLY D 184 -2.66 5.49 -0.81
N GLU D 185 -1.47 6.03 -1.08
CA GLU D 185 -1.34 7.46 -1.27
C GLU D 185 -2.03 7.89 -2.56
N THR D 186 -2.50 9.13 -2.57
CA THR D 186 -3.08 9.72 -3.77
C THR D 186 -2.01 10.52 -4.50
N VAL D 187 -1.84 10.22 -5.79
CA VAL D 187 -0.79 10.81 -6.60
C VAL D 187 -1.42 11.64 -7.70
N LEU D 188 -0.95 12.88 -7.86
CA LEU D 188 -1.30 13.73 -8.98
C LEU D 188 -0.22 13.63 -10.05
N ILE D 189 -0.65 13.54 -11.31
CA ILE D 189 0.26 13.44 -12.44
C ILE D 189 -0.20 14.44 -13.49
N THR D 190 0.59 15.49 -13.70
CA THR D 190 0.34 16.46 -14.76
C THR D 190 1.05 16.03 -16.03
N GLY D 191 0.52 16.46 -17.16
CA GLY D 191 1.03 15.99 -18.44
C GLY D 191 1.04 14.48 -18.53
N ALA D 192 -0.01 13.84 -18.00
CA ALA D 192 -0.03 12.38 -17.88
C ALA D 192 -0.08 11.70 -19.23
N SER D 193 -0.50 12.38 -20.29
CA SER D 193 -0.62 11.75 -21.60
C SER D 193 0.72 11.67 -22.34
N GLY D 194 1.80 12.19 -21.76
CA GLY D 194 3.11 12.08 -22.36
C GLY D 194 3.75 10.74 -22.11
N GLY D 195 4.94 10.56 -22.67
CA GLY D 195 5.68 9.34 -22.52
C GLY D 195 5.88 8.94 -21.07
N VAL D 196 6.48 9.83 -20.28
CA VAL D 196 6.66 9.56 -18.86
C VAL D 196 5.32 9.52 -18.14
N GLY D 197 4.36 10.35 -18.57
CA GLY D 197 3.07 10.37 -17.92
C GLY D 197 2.39 9.02 -17.95
N LEU D 198 2.32 8.41 -19.13
CA LEU D 198 1.64 7.12 -19.27
C LEU D 198 2.35 6.02 -18.48
N SER D 199 3.67 6.13 -18.32
CA SER D 199 4.38 5.13 -17.53
C SER D 199 4.19 5.37 -16.04
N SER D 200 4.12 6.63 -15.62
CA SER D 200 3.93 6.94 -14.21
C SER D 200 2.53 6.53 -13.74
N VAL D 201 1.50 6.83 -14.54
CA VAL D 201 0.15 6.41 -14.20
C VAL D 201 0.10 4.90 -14.00
N GLN D 202 0.69 4.14 -14.92
CA GLN D 202 0.70 2.70 -14.81
C GLN D 202 1.48 2.23 -13.59
N LEU D 203 2.68 2.81 -13.39
CA LEU D 203 3.52 2.40 -12.28
C LEU D 203 2.88 2.74 -10.94
N ALA D 204 2.36 3.96 -10.80
CA ALA D 204 1.74 4.35 -9.55
C ALA D 204 0.55 3.45 -9.21
N ARG D 205 -0.32 3.21 -10.19
CA ARG D 205 -1.42 2.28 -9.98
C ARG D 205 -0.90 0.88 -9.66
N LEU D 206 0.22 0.48 -10.28
CA LEU D 206 0.79 -0.82 -9.99
C LEU D 206 1.24 -0.92 -8.54
N ASP D 207 1.70 0.18 -7.95
CA ASP D 207 2.17 0.21 -6.58
C ASP D 207 1.06 0.52 -5.57
N GLY D 208 -0.20 0.41 -6.00
CA GLY D 208 -1.32 0.53 -5.08
C GLY D 208 -1.74 1.95 -4.76
N ALA D 209 -1.22 2.94 -5.46
CA ALA D 209 -1.60 4.32 -5.20
C ALA D 209 -2.89 4.67 -5.93
N ARG D 210 -3.48 5.79 -5.52
CA ARG D 210 -4.63 6.36 -6.21
C ARG D 210 -4.13 7.46 -7.14
N VAL D 211 -4.41 7.31 -8.43
CA VAL D 211 -3.77 8.12 -9.47
C VAL D 211 -4.79 9.09 -10.03
N ILE D 212 -4.46 10.38 -9.95
CA ILE D 212 -5.23 11.44 -10.60
C ILE D 212 -4.37 11.98 -11.74
N ALA D 213 -4.92 11.91 -12.96
CA ALA D 213 -4.20 12.34 -14.16
C ALA D 213 -4.80 13.63 -14.69
N VAL D 214 -3.93 14.53 -15.16
CA VAL D 214 -4.33 15.79 -15.76
C VAL D 214 -3.74 15.84 -17.16
N THR D 215 -4.60 15.98 -18.16
CA THR D 215 -4.19 16.02 -19.56
C THR D 215 -4.83 17.23 -20.25
N SER D 216 -4.33 17.54 -21.44
CA SER D 216 -4.80 18.69 -22.19
C SER D 216 -5.98 18.35 -23.11
N SER D 217 -5.93 17.18 -23.75
CA SER D 217 -6.94 16.81 -24.75
C SER D 217 -7.90 15.79 -24.16
N GLU D 218 -9.18 15.90 -24.56
CA GLU D 218 -10.18 14.92 -24.15
C GLU D 218 -9.99 13.60 -24.87
N ALA D 219 -9.47 13.62 -26.10
CA ALA D 219 -9.24 12.39 -26.84
C ALA D 219 -8.22 11.49 -26.15
N LYS D 220 -7.40 12.05 -25.26
CA LYS D 220 -6.39 11.29 -24.54
C LYS D 220 -6.87 10.81 -23.18
N VAL D 221 -8.18 10.86 -22.94
CA VAL D 221 -8.75 10.41 -21.67
C VAL D 221 -8.82 8.89 -21.61
N GLN D 222 -9.48 8.28 -22.60
CA GLN D 222 -9.68 6.84 -22.58
C GLN D 222 -8.37 6.09 -22.44
N ALA D 223 -7.29 6.62 -23.00
CA ALA D 223 -5.99 5.99 -22.84
C ALA D 223 -5.52 6.06 -21.39
N LEU D 224 -5.78 7.17 -20.71
CA LEU D 224 -5.37 7.30 -19.32
C LEU D 224 -6.19 6.39 -18.41
N LYS D 225 -7.49 6.25 -18.69
CA LYS D 225 -8.31 5.33 -17.91
C LYS D 225 -7.78 3.91 -18.01
N GLU D 226 -7.60 3.42 -19.24
CA GLU D 226 -7.06 2.08 -19.42
C GLU D 226 -5.66 1.95 -18.82
N ALA D 227 -4.92 3.06 -18.73
CA ALA D 227 -3.61 3.04 -18.10
C ALA D 227 -3.68 2.91 -16.59
N GLY D 228 -4.85 3.13 -15.98
CA GLY D 228 -5.02 2.89 -14.56
C GLY D 228 -5.38 4.11 -13.75
N ALA D 229 -5.67 5.22 -14.42
CA ALA D 229 -5.98 6.46 -13.72
C ALA D 229 -7.35 6.38 -13.06
N ASP D 230 -7.41 6.70 -11.77
CA ASP D 230 -8.69 6.72 -11.07
C ASP D 230 -9.52 7.93 -11.45
N GLU D 231 -8.88 9.04 -11.80
CA GLU D 231 -9.55 10.24 -12.22
C GLU D 231 -8.77 10.86 -13.37
N VAL D 232 -9.49 11.44 -14.33
CA VAL D 232 -8.88 12.14 -15.45
C VAL D 232 -9.48 13.54 -15.51
N ILE D 233 -8.64 14.56 -15.37
CA ILE D 233 -9.05 15.95 -15.42
C ILE D 233 -8.55 16.54 -16.73
N VAL D 234 -9.43 17.24 -17.43
CA VAL D 234 -9.09 17.90 -18.69
C VAL D 234 -9.02 19.39 -18.43
N SER D 235 -7.82 19.96 -18.56
CA SER D 235 -7.62 21.39 -18.38
C SER D 235 -6.25 21.76 -18.94
N ARG D 236 -6.14 23.00 -19.41
CA ARG D 236 -4.87 23.51 -19.89
C ARG D 236 -3.91 23.86 -18.76
N GLY D 237 -4.32 23.71 -17.51
CA GLY D 237 -3.47 23.97 -16.37
C GLY D 237 -3.87 25.16 -15.51
N LEU D 238 -5.10 25.65 -15.62
CA LEU D 238 -5.53 26.84 -14.90
C LEU D 238 -6.48 26.54 -13.74
N ASP D 239 -7.28 25.48 -13.81
CA ASP D 239 -8.41 25.31 -12.90
C ASP D 239 -8.54 23.90 -12.35
N PHE D 240 -7.48 23.09 -12.40
CA PHE D 240 -7.64 21.70 -12.00
C PHE D 240 -7.47 21.47 -10.50
N ALA D 241 -6.87 22.43 -9.77
CA ALA D 241 -6.74 22.26 -8.33
C ALA D 241 -8.11 22.10 -7.67
N SER D 242 -9.10 22.87 -8.11
CA SER D 242 -10.45 22.74 -7.57
C SER D 242 -11.01 21.35 -7.82
N ASP D 243 -10.75 20.78 -9.00
CA ASP D 243 -11.27 19.46 -9.32
C ASP D 243 -10.56 18.37 -8.52
N VAL D 244 -9.25 18.48 -8.37
CA VAL D 244 -8.51 17.50 -7.57
C VAL D 244 -9.05 17.45 -6.16
N ARG D 245 -9.31 18.63 -5.57
CA ARG D 245 -9.84 18.68 -4.21
C ARG D 245 -11.17 17.95 -4.11
N LYS D 246 -12.12 18.30 -4.99
CA LYS D 246 -13.44 17.69 -4.94
C LYS D 246 -13.37 16.17 -5.09
N ARG D 247 -12.42 15.68 -5.88
CA ARG D 247 -12.28 14.25 -6.12
C ARG D 247 -11.41 13.55 -5.07
N THR D 248 -10.73 14.31 -4.21
CA THR D 248 -10.04 13.75 -3.05
C THR D 248 -10.78 14.04 -1.75
N GLN D 249 -12.02 14.52 -1.83
CA GLN D 249 -12.80 14.87 -0.64
C GLN D 249 -12.19 16.07 0.08
N GLY D 250 -11.65 17.02 -0.69
CA GLY D 250 -11.00 18.20 -0.14
C GLY D 250 -9.68 17.94 0.53
N ALA D 251 -9.23 16.69 0.62
CA ALA D 251 -8.01 16.39 1.34
C ALA D 251 -6.77 16.85 0.59
N GLY D 252 -6.76 16.68 -0.72
CA GLY D 252 -5.57 16.91 -1.53
C GLY D 252 -4.83 15.62 -1.82
N VAL D 253 -3.71 15.77 -2.52
CA VAL D 253 -2.88 14.63 -2.90
C VAL D 253 -1.63 14.62 -2.04
N ASP D 254 -1.10 13.42 -1.81
CA ASP D 254 0.11 13.28 -1.01
C ASP D 254 1.35 13.52 -1.86
N VAL D 255 1.33 13.11 -3.13
CA VAL D 255 2.48 13.20 -4.02
C VAL D 255 2.01 13.75 -5.36
N ALA D 256 2.84 14.57 -5.98
CA ALA D 256 2.57 15.10 -7.31
C ALA D 256 3.76 14.82 -8.21
N VAL D 257 3.48 14.29 -9.39
CA VAL D 257 4.48 14.11 -10.44
C VAL D 257 4.33 15.27 -11.41
N GLU D 258 5.16 16.29 -11.23
CA GLU D 258 5.08 17.51 -12.03
C GLU D 258 5.93 17.33 -13.28
N ILE D 259 5.27 17.06 -14.41
CA ILE D 259 5.94 16.93 -15.70
C ILE D 259 5.95 18.32 -16.32
N VAL D 260 7.05 19.04 -16.12
CA VAL D 260 7.19 20.41 -16.62
C VAL D 260 6.90 20.43 -18.12
N GLY D 261 6.30 21.52 -18.59
CA GLY D 261 5.90 21.64 -19.97
C GLY D 261 4.54 22.28 -20.11
N SER D 262 3.74 22.22 -19.04
CA SER D 262 2.41 22.80 -19.00
C SER D 262 2.35 23.82 -17.88
N ALA D 263 1.62 24.91 -18.11
CA ALA D 263 1.45 25.96 -17.11
C ALA D 263 0.53 25.42 -16.01
N THR D 264 1.13 24.66 -15.09
CA THR D 264 0.37 23.94 -14.07
C THR D 264 0.93 24.07 -12.66
N PHE D 265 2.11 24.68 -12.48
CA PHE D 265 2.78 24.58 -11.19
C PHE D 265 1.97 25.19 -10.07
N ASP D 266 1.35 26.35 -10.31
CA ASP D 266 0.55 27.00 -9.27
C ASP D 266 -0.60 26.10 -8.84
N GLN D 267 -1.32 25.53 -9.82
CA GLN D 267 -2.44 24.65 -9.49
C GLN D 267 -1.95 23.35 -8.87
N THR D 268 -0.77 22.87 -9.25
CA THR D 268 -0.22 21.65 -8.65
C THR D 268 -0.01 21.85 -7.16
N LEU D 269 0.67 22.94 -6.76
CA LEU D 269 0.93 23.17 -5.35
C LEU D 269 -0.37 23.35 -4.57
N LYS D 270 -1.36 24.05 -5.16
CA LYS D 270 -2.64 24.19 -4.49
C LYS D 270 -3.35 22.85 -4.35
N SER D 271 -3.08 21.90 -5.25
CA SER D 271 -3.69 20.59 -5.17
C SER D 271 -3.11 19.73 -4.06
N MET D 272 -1.99 20.14 -3.47
CA MET D 272 -1.27 19.30 -2.52
C MET D 272 -1.95 19.33 -1.16
N ALA D 273 -1.93 18.18 -0.49
CA ALA D 273 -2.30 18.10 0.91
C ALA D 273 -1.19 18.69 1.77
N PRO D 274 -1.49 19.05 3.02
CA PRO D 274 -0.44 19.58 3.89
C PRO D 274 0.76 18.66 3.95
N GLY D 275 1.95 19.24 3.84
CA GLY D 275 3.17 18.45 3.83
C GLY D 275 3.35 17.57 2.62
N GLY D 276 2.58 17.77 1.57
CA GLY D 276 2.74 16.99 0.36
C GLY D 276 4.09 17.25 -0.29
N ARG D 277 4.48 16.33 -1.17
CA ARG D 277 5.77 16.40 -1.84
C ARG D 277 5.57 16.36 -3.35
N VAL D 278 6.25 17.25 -4.05
CA VAL D 278 6.12 17.41 -5.50
C VAL D 278 7.45 17.02 -6.14
N VAL D 279 7.41 16.05 -7.04
CA VAL D 279 8.61 15.59 -7.75
C VAL D 279 8.58 16.22 -9.13
N VAL D 280 9.54 17.10 -9.40
CA VAL D 280 9.62 17.81 -10.67
C VAL D 280 10.49 17.01 -11.62
N VAL D 281 10.00 16.80 -12.84
CA VAL D 281 10.68 15.99 -13.84
C VAL D 281 10.34 16.52 -15.21
N GLY D 282 11.30 16.43 -16.13
CA GLY D 282 11.06 16.84 -17.50
C GLY D 282 12.26 17.51 -18.15
N ASN D 283 12.00 18.35 -19.16
CA ASN D 283 13.06 18.97 -19.92
C ASN D 283 13.81 19.98 -19.08
N LEU D 284 15.08 20.20 -19.44
CA LEU D 284 15.87 21.25 -18.83
C LEU D 284 15.58 22.61 -19.45
N GLU D 285 15.14 22.63 -20.72
CA GLU D 285 14.77 23.86 -21.42
C GLU D 285 13.26 24.05 -21.47
N SER D 286 12.53 23.51 -20.50
CA SER D 286 11.07 23.60 -20.54
C SER D 286 10.60 25.04 -20.38
N GLY D 287 11.24 25.81 -19.52
CA GLY D 287 10.86 27.18 -19.26
C GLY D 287 10.53 27.41 -17.80
N MET D 288 10.34 28.69 -17.48
CA MET D 288 10.05 29.09 -16.12
C MET D 288 8.63 28.67 -15.73
N VAL D 289 8.45 28.34 -14.45
CA VAL D 289 7.16 27.95 -13.92
C VAL D 289 6.78 28.95 -12.82
N GLN D 290 5.48 28.97 -12.51
CA GLN D 290 4.91 29.94 -11.58
C GLN D 290 4.97 29.36 -10.17
N LEU D 291 5.84 29.91 -9.33
CA LEU D 291 6.06 29.44 -7.97
C LEU D 291 5.68 30.52 -6.98
N ASN D 292 4.82 30.16 -6.02
CA ASN D 292 4.46 31.06 -4.93
C ASN D 292 5.11 30.57 -3.64
N PRO D 293 6.18 31.22 -3.17
CA PRO D 293 6.84 30.74 -1.94
C PRO D 293 5.88 30.57 -0.77
N GLY D 294 4.78 31.33 -0.74
CA GLY D 294 3.86 31.24 0.38
C GLY D 294 3.25 29.85 0.51
N LEU D 295 2.76 29.30 -0.59
CA LEU D 295 2.17 27.96 -0.56
C LEU D 295 3.17 26.95 -0.01
N VAL D 296 4.44 27.05 -0.43
CA VAL D 296 5.45 26.12 0.06
C VAL D 296 5.63 26.26 1.57
N ILE D 297 5.61 27.50 2.06
CA ILE D 297 5.85 27.78 3.47
C ILE D 297 4.70 27.24 4.31
N VAL D 298 3.51 27.84 4.14
CA VAL D 298 2.41 27.58 5.06
C VAL D 298 2.01 26.11 5.04
N LYS D 299 2.13 25.45 3.88
CA LYS D 299 1.80 24.03 3.76
C LYS D 299 3.01 23.12 3.94
N GLU D 300 4.20 23.69 4.14
CA GLU D 300 5.42 22.92 4.31
C GLU D 300 5.54 21.82 3.24
N LEU D 301 5.32 22.22 2.00
CA LEU D 301 5.47 21.30 0.88
C LEU D 301 6.95 20.98 0.66
N GLU D 302 7.20 19.99 -0.20
CA GLU D 302 8.55 19.57 -0.54
C GLU D 302 8.62 19.38 -2.04
N ILE D 303 9.47 20.15 -2.70
CA ILE D 303 9.66 20.08 -4.15
C ILE D 303 10.99 19.37 -4.40
N LEU D 304 10.93 18.22 -5.05
CA LEU D 304 12.10 17.40 -5.32
C LEU D 304 12.35 17.33 -6.82
N GLY D 305 13.63 17.39 -7.20
CA GLY D 305 14.03 17.23 -8.59
C GLY D 305 14.47 15.81 -8.85
N ALA D 306 13.93 15.24 -9.93
CA ALA D 306 14.24 13.87 -10.35
C ALA D 306 14.88 13.94 -11.72
N TYR D 307 16.10 13.41 -11.84
CA TYR D 307 16.87 13.58 -13.06
C TYR D 307 16.92 12.28 -13.84
N ALA D 308 17.91 11.42 -13.62
CA ALA D 308 18.28 10.40 -14.59
C ALA D 308 18.14 9.00 -14.00
N THR D 309 17.93 8.04 -14.90
CA THR D 309 17.77 6.65 -14.53
C THR D 309 19.13 6.03 -14.18
N THR D 310 19.09 5.06 -13.28
CA THR D 310 20.26 4.27 -12.91
C THR D 310 20.13 2.87 -13.48
N GLN D 311 21.21 2.10 -13.38
CA GLN D 311 21.22 0.75 -13.92
C GLN D 311 20.11 -0.09 -13.28
N ALA D 312 20.02 -0.07 -11.95
CA ALA D 312 19.01 -0.86 -11.27
C ALA D 312 17.61 -0.45 -11.68
N GLU D 313 17.38 0.85 -11.86
CA GLU D 313 16.04 1.32 -12.24
C GLU D 313 15.67 0.86 -13.64
N LEU D 314 16.62 0.93 -14.59
CA LEU D 314 16.32 0.47 -15.94
C LEU D 314 16.08 -1.03 -15.97
N ASP D 315 16.82 -1.79 -15.15
CA ASP D 315 16.54 -3.22 -15.02
C ASP D 315 15.09 -3.45 -14.62
N GLU D 316 14.63 -2.75 -13.57
CA GLU D 316 13.24 -2.89 -13.14
C GLU D 316 12.30 -2.40 -14.23
N ALA D 317 12.61 -1.25 -14.86
CA ALA D 317 11.74 -0.72 -15.89
C ALA D 317 11.55 -1.73 -17.03
N LEU D 318 12.63 -2.37 -17.45
CA LEU D 318 12.52 -3.39 -18.50
C LEU D 318 11.75 -4.61 -18.00
N ARG D 319 11.92 -4.97 -16.72
CA ARG D 319 11.19 -6.09 -16.16
C ARG D 319 9.70 -5.79 -16.12
N LEU D 320 9.32 -4.62 -15.61
CA LEU D 320 7.91 -4.25 -15.57
C LEU D 320 7.30 -4.23 -16.98
N THR D 321 8.11 -3.91 -17.99
CA THR D 321 7.59 -3.91 -19.36
C THR D 321 7.32 -5.32 -19.85
N ALA D 322 8.18 -6.27 -19.50
CA ALA D 322 7.98 -7.65 -19.91
C ALA D 322 6.79 -8.27 -19.18
N THR D 323 6.71 -8.06 -17.87
CA THR D 323 5.59 -8.59 -17.09
C THR D 323 4.27 -7.93 -17.46
N GLY D 324 4.28 -6.85 -18.23
CA GLY D 324 3.08 -6.16 -18.61
C GLY D 324 2.59 -5.12 -17.62
N GLY D 325 3.32 -4.89 -16.52
CA GLY D 325 2.88 -3.91 -15.53
C GLY D 325 2.91 -2.49 -16.05
N VAL D 326 3.79 -2.19 -17.01
CA VAL D 326 3.88 -0.87 -17.62
C VAL D 326 4.10 -1.08 -19.11
N ARG D 327 3.10 -0.75 -19.91
CA ARG D 327 3.14 -0.99 -21.35
C ARG D 327 3.69 0.23 -22.08
N GLN D 328 4.42 -0.04 -23.16
CA GLN D 328 4.92 1.00 -24.04
C GLN D 328 3.88 1.33 -25.11
N PHE D 329 4.05 2.49 -25.75
CA PHE D 329 3.12 2.97 -26.77
C PHE D 329 3.90 3.44 -27.98
N VAL D 330 4.66 2.52 -28.58
CA VAL D 330 5.42 2.81 -29.79
C VAL D 330 4.42 2.99 -30.94
N THR D 331 4.29 4.21 -31.45
CA THR D 331 3.31 4.50 -32.48
C THR D 331 3.80 4.06 -33.85
N ASP D 332 4.98 4.53 -34.26
CA ASP D 332 5.49 4.24 -35.59
C ASP D 332 7.00 4.02 -35.53
N ALA D 333 7.46 2.99 -36.23
CA ALA D 333 8.87 2.70 -36.40
C ALA D 333 9.34 3.27 -37.73
N VAL D 334 10.51 3.92 -37.71
CA VAL D 334 10.99 4.65 -38.88
C VAL D 334 12.39 4.13 -39.26
N PRO D 335 12.67 3.91 -40.54
CA PRO D 335 14.03 3.54 -40.93
C PRO D 335 15.03 4.61 -40.52
N LEU D 336 16.23 4.15 -40.12
CA LEU D 336 17.25 5.08 -39.63
C LEU D 336 17.56 6.16 -40.65
N ALA D 337 17.49 5.85 -41.94
CA ALA D 337 17.82 6.84 -42.96
C ALA D 337 16.87 8.04 -42.94
N GLU D 338 15.66 7.86 -42.42
CA GLU D 338 14.68 8.95 -42.32
C GLU D 338 14.80 9.71 -41.01
N ALA D 339 15.99 9.77 -40.41
CA ALA D 339 16.16 10.41 -39.11
C ALA D 339 15.72 11.87 -39.16
N ALA D 340 16.19 12.62 -40.18
CA ALA D 340 15.80 14.01 -40.30
C ALA D 340 14.28 14.15 -40.33
N LYS D 341 13.59 13.21 -41.00
CA LYS D 341 12.14 13.26 -41.04
C LYS D 341 11.55 12.98 -39.66
N ALA D 342 12.15 12.07 -38.90
CA ALA D 342 11.66 11.77 -37.56
C ALA D 342 11.72 13.01 -36.67
N HIS D 343 12.87 13.70 -36.66
CA HIS D 343 13.00 14.92 -35.87
C HIS D 343 11.97 15.96 -36.29
N PHE D 344 11.50 15.92 -37.54
CA PHE D 344 10.52 16.90 -37.99
C PHE D 344 9.15 16.62 -37.41
N ARG D 345 8.70 15.36 -37.48
CA ARG D 345 7.42 15.00 -36.87
C ARG D 345 7.41 15.33 -35.38
N LEU D 346 8.57 15.30 -34.73
CA LEU D 346 8.62 15.50 -33.29
C LEU D 346 8.66 16.98 -32.93
N GLU D 347 9.45 17.77 -33.66
CA GLU D 347 9.48 19.22 -33.44
C GLU D 347 8.08 19.81 -33.57
N ASN D 348 7.29 19.29 -34.52
CA ASN D 348 5.94 19.78 -34.76
C ASN D 348 4.87 18.99 -34.00
N ARG D 349 5.28 17.95 -33.27
CA ARG D 349 4.36 17.19 -32.41
C ARG D 349 3.18 16.63 -33.20
N GLU D 350 3.47 16.06 -34.37
CA GLU D 350 2.46 15.36 -35.16
C GLU D 350 2.31 13.91 -34.71
N VAL D 351 2.90 13.53 -33.58
CA VAL D 351 2.97 12.15 -33.13
C VAL D 351 2.29 12.02 -31.78
N ALA D 352 1.69 10.86 -31.56
CA ALA D 352 1.04 10.52 -30.28
C ALA D 352 1.67 9.24 -29.74
N GLY D 353 2.94 9.32 -29.37
CA GLY D 353 3.65 8.16 -28.83
C GLY D 353 5.15 8.37 -28.89
N ARG D 354 5.88 7.26 -29.00
CA ARG D 354 7.33 7.27 -29.04
C ARG D 354 7.81 6.84 -30.42
N LEU D 355 8.85 7.51 -30.91
CA LEU D 355 9.45 7.19 -32.19
C LEU D 355 10.64 6.26 -32.01
N VAL D 356 10.82 5.36 -32.98
CA VAL D 356 11.91 4.40 -32.98
C VAL D 356 12.60 4.46 -34.33
N LEU D 357 13.92 4.61 -34.31
CA LEU D 357 14.74 4.58 -35.52
C LEU D 357 15.43 3.23 -35.63
N VAL D 358 15.27 2.58 -36.77
CA VAL D 358 15.74 1.21 -36.98
C VAL D 358 16.87 1.26 -38.00
N PRO D 359 18.12 1.05 -37.60
CA PRO D 359 19.20 0.92 -38.60
C PRO D 359 18.94 -0.24 -39.53
N PRO D 360 19.49 -0.21 -40.75
CA PRO D 360 19.27 -1.31 -41.71
C PRO D 360 20.19 -2.51 -41.46
ZN ZN E . 3.91 -17.31 -14.49
ZN ZN F . -4.30 -35.85 -15.30
ZN ZN G . -4.15 18.64 15.00
ZN ZN H . -14.10 27.64 54.32
ZN ZN I . -23.80 -6.66 18.82
ZN ZN J . -9.92 -20.61 25.54
ZN ZN K . 15.39 10.22 -24.37
ZN ZN L . 29.75 8.20 -9.04
#